data_6TM2
#
_entry.id   6TM2
#
_cell.length_a   1.00
_cell.length_b   1.00
_cell.length_c   1.00
_cell.angle_alpha   90.00
_cell.angle_beta   90.00
_cell.angle_gamma   90.00
#
_symmetry.space_group_name_H-M   'P 1'
#
loop_
_entity.id
_entity.type
_entity.pdbx_description
1 polymer Mucin-2
2 polymer Mucin-2
3 polymer Mucin-2
4 branched 2-acetamido-2-deoxy-beta-D-glucopyranose-(1-4)-2-acetamido-2-deoxy-beta-D-glucopyranose
5 non-polymer 'CALCIUM ION'
6 non-polymer 2-acetamido-2-deoxy-beta-D-glucopyranose
7 water water
#
loop_
_entity_poly.entity_id
_entity_poly.type
_entity_poly.pdbx_seq_one_letter_code
_entity_poly.pdbx_strand_id
1 'polypeptide(L)'
;SELQTEGRTRYHGRNVCSTWGNFHYKTFDGDVFRFPGLCDYNFASDCRGSYKEFAVHLKRGPGQAEAPAGVESILLTIKD
DTIYLTRHLAVLNGAVVSTPHYSPGLLIEKSDAYTKVYSRAGLTLMWNREDALMLELDTKFRNHTCGLCGDYNGLQSYSE
FLSDGVLFSPLEFGNMQKINQPDVVCEDPEEEVAPASCSEHRAECERLLTAEAFADCQDLVPLEPYLRACQQDRCRCPGG
DTCVCSTVAEFSRQCSHAGGRPGNWRTATLCPKTCPGNLVYLESGSPCMDTCSHLEVSSLCEEHRMDGCFCPEGTVYDDI
GDSGCVPVSQCHCRLHGHLYTPGQEITNDCEQCVCNAGRWVCKDLPCPGTCALEGGSHITTFDGKTYTFHGDCYYVLAKG
DHNDSYALLGELAPCGSTDKQTCLKTVVLLADKKKNAVVFKSDGSVLLNQLQVNLPHVTASFSVFRPSSYHIMVSMAIGV
RLQVQLAPVMQLFVTLDQASQGQVQGLCGNFNGLEGDDFKTASGLVEATGAGFANTWKAQSTCHDKLDWLDDPCSLNIES
ANYAEHWCSLLKKTETPFGRCHSAVDPAEYYKRCKYDTCNCQNNEDCLCAALSSYARACTAKGVMLWGWREHVCNKDVGS
CPNSQVFLYNLTTCQQTCRSLSEADSHCLEGFAPVDGCGCPDHTFLDEKGRCVPLAKCSCYHRGLYLEAGDVVVRQEERC
VCRDGRLHC
;
A,B
2 'polypeptide(L)'
;RQIRLIGQSCTAPKIHMDCSNLTALATSKPRALSCQTLAAGYYHTECVSGCVCPDGLMDDGRGGCVVEKECPCVHNNDLY
SSGAKIKVDCNTCTCKRGRWVCTQAVCHGTCSIYGSGHYITFDGKYYDFDGHCSYVAVQDYCGQNSSLGSFSIITENVPC
GTTGVTCSKAIKIFMGRTELKLEDKHRVVIQRDEGHHVAYTTREVGQYLVVESSTGIIVIWDKRTTVFIKLAPSYKGTVC
GLCGNFDHRSNNDFTTRDHMVVSSELDFGNSWKEAPTCPDVSTNPEPCSLNPHRRSWAEKQCSILKSSVFSICHSKVDPK
PFYEACVHDSCSCDTGGDCECFCSAVASYAQECTKEGACVFWRTPDLCPIFCDYYNPPHECEWHYEPCGNRSFETCRTIN
GIHSNISVSYLEGCYPRCPKDRPIYEEDLKKCVTADKCGCYVEDTHYP
;
C,D
3 'polypeptide(L)'
;PGASVPTEETCKSCVCTNSSQVVCRPEEGKILNQTQDGAFCYWEICGPNGTVEKHFNICSITTRPSTLTTFTTITLPTTP
TSFTTTTTTTTPTSSTVLSTTPKLCCLWSDWINEDHPSSGSDDGDRETFDGVCGAPEDIECRSVKDPHLSLEQHGQKVQC
DVSVGFICKNEDQFGNGPFGLCYDYKIRVNCCWPMDKCITHHHHHH
;
E,F
#
# COMPACT_ATOMS: atom_id res chain seq x y z
N ASN A 15 -39.75 5.29 16.85
CA ASN A 15 -40.84 4.42 16.41
C ASN A 15 -40.59 3.88 15.01
N VAL A 16 -41.68 3.59 14.29
CA VAL A 16 -41.65 2.83 13.05
C VAL A 16 -42.37 3.60 11.96
N CYS A 17 -41.68 3.82 10.83
CA CYS A 17 -42.30 4.17 9.56
C CYS A 17 -42.47 2.91 8.73
N SER A 18 -43.46 2.92 7.83
CA SER A 18 -43.76 1.71 7.07
C SER A 18 -44.52 2.04 5.81
N THR A 19 -44.21 1.32 4.72
CA THR A 19 -45.04 1.28 3.54
C THR A 19 -45.31 -0.16 3.16
N TRP A 20 -46.44 -0.40 2.49
CA TRP A 20 -46.84 -1.75 2.15
C TRP A 20 -47.87 -1.68 1.03
N GLY A 21 -48.38 -2.85 0.66
CA GLY A 21 -49.64 -3.01 -0.06
C GLY A 21 -49.73 -2.30 -1.40
N ASN A 22 -50.89 -1.70 -1.63
CA ASN A 22 -51.16 -0.91 -2.83
C ASN A 22 -50.98 0.56 -2.46
N PHE A 23 -49.71 0.96 -2.34
CA PHE A 23 -49.26 2.33 -2.12
C PHE A 23 -49.74 2.91 -0.79
N HIS A 24 -49.82 2.12 0.26
CA HIS A 24 -50.18 2.63 1.58
C HIS A 24 -48.93 3.03 2.34
N TYR A 25 -49.00 4.16 3.03
CA TYR A 25 -47.89 4.67 3.84
C TYR A 25 -48.34 4.86 5.27
N LYS A 26 -47.37 5.07 6.16
CA LYS A 26 -47.64 5.26 7.58
C LYS A 26 -46.44 5.93 8.19
N THR A 27 -46.61 7.15 8.69
CA THR A 27 -45.48 7.94 9.16
C THR A 27 -45.04 7.45 10.54
N PHE A 28 -44.06 8.15 11.12
CA PHE A 28 -43.65 7.86 12.49
C PHE A 28 -44.69 8.24 13.53
N ASP A 29 -45.71 9.00 13.15
CA ASP A 29 -46.74 9.50 14.04
C ASP A 29 -48.11 9.16 13.50
N GLY A 30 -48.31 7.90 13.12
CA GLY A 30 -49.55 7.51 12.50
C GLY A 30 -49.59 7.98 11.06
N ASP A 31 -50.66 8.69 10.70
CA ASP A 31 -50.85 9.32 9.39
C ASP A 31 -50.78 8.31 8.25
N VAL A 32 -51.76 7.42 8.23
CA VAL A 32 -51.91 6.48 7.13
C VAL A 32 -52.57 7.19 5.96
N PHE A 33 -51.90 7.18 4.80
CA PHE A 33 -52.43 7.79 3.59
C PHE A 33 -52.10 6.88 2.41
N ARG A 34 -52.31 7.39 1.21
CA ARG A 34 -52.12 6.58 -0.01
C ARG A 34 -51.60 7.48 -1.11
N PHE A 35 -50.34 7.26 -1.51
CA PHE A 35 -49.69 8.09 -2.53
C PHE A 35 -49.20 7.22 -3.68
N PRO A 36 -49.88 7.23 -4.85
CA PRO A 36 -49.51 6.37 -5.97
C PRO A 36 -48.42 6.94 -6.88
N GLY A 37 -47.38 7.51 -6.27
CA GLY A 37 -46.27 8.02 -7.05
C GLY A 37 -45.33 6.91 -7.47
N LEU A 38 -44.73 7.07 -8.65
CA LEU A 38 -43.99 6.00 -9.29
C LEU A 38 -42.55 6.34 -9.63
N CYS A 39 -42.02 7.48 -9.19
CA CYS A 39 -40.74 7.86 -9.79
C CYS A 39 -39.52 7.46 -8.95
N ASP A 40 -39.25 8.24 -7.89
CA ASP A 40 -38.09 8.08 -7.02
C ASP A 40 -38.25 9.07 -5.89
N TYR A 41 -38.18 8.64 -4.63
CA TYR A 41 -38.60 9.49 -3.54
C TYR A 41 -37.64 9.41 -2.37
N ASN A 42 -37.84 10.29 -1.41
CA ASN A 42 -37.12 10.31 -0.15
C ASN A 42 -38.02 9.69 0.90
N PHE A 43 -37.57 8.61 1.52
CA PHE A 43 -38.41 7.88 2.47
C PHE A 43 -38.18 8.42 3.88
N ALA A 44 -36.93 8.52 4.31
CA ALA A 44 -36.56 9.26 5.50
C ALA A 44 -35.16 9.78 5.30
N SER A 45 -34.84 10.87 6.00
CA SER A 45 -33.54 11.52 5.84
C SER A 45 -33.25 12.33 7.08
N ASP A 46 -31.98 12.67 7.26
CA ASP A 46 -31.53 13.45 8.41
C ASP A 46 -31.41 14.90 7.97
N CYS A 47 -32.48 15.67 8.20
CA CYS A 47 -32.44 17.11 7.96
C CYS A 47 -32.18 17.84 9.28
N ARG A 48 -30.99 17.58 9.82
CA ARG A 48 -30.46 18.33 10.94
C ARG A 48 -29.79 19.63 10.49
N GLY A 49 -29.09 19.57 9.36
CA GLY A 49 -28.49 20.75 8.77
C GLY A 49 -26.99 20.79 8.86
N SER A 50 -26.45 20.42 10.03
CA SER A 50 -25.01 20.46 10.23
C SER A 50 -24.33 19.27 9.56
N TYR A 51 -24.76 18.06 9.90
CA TYR A 51 -24.18 16.85 9.33
C TYR A 51 -25.28 15.81 9.20
N LYS A 52 -25.46 15.28 8.00
CA LYS A 52 -26.50 14.30 7.74
C LYS A 52 -26.02 12.92 8.12
N GLU A 53 -26.74 12.25 9.03
CA GLU A 53 -26.34 10.93 9.48
C GLU A 53 -26.76 9.84 8.51
N PHE A 54 -27.98 9.93 7.97
CA PHE A 54 -28.47 8.87 7.10
C PHE A 54 -29.37 9.48 6.03
N ALA A 55 -29.69 8.67 5.03
CA ALA A 55 -30.69 9.01 4.03
C ALA A 55 -31.22 7.71 3.43
N VAL A 56 -32.53 7.57 3.35
CA VAL A 56 -33.15 6.40 2.75
C VAL A 56 -33.97 6.87 1.57
N HIS A 57 -33.62 6.40 0.37
CA HIS A 57 -34.31 6.77 -0.86
C HIS A 57 -35.06 5.57 -1.40
N LEU A 58 -36.35 5.75 -1.65
CA LEU A 58 -37.23 4.71 -2.15
C LEU A 58 -37.43 4.90 -3.65
N LYS A 59 -37.50 3.79 -4.39
CA LYS A 59 -37.73 3.84 -5.83
C LYS A 59 -38.82 2.85 -6.19
N ARG A 60 -40.03 3.34 -6.39
CA ARG A 60 -41.12 2.52 -6.88
C ARG A 60 -40.84 2.04 -8.30
N GLY A 61 -41.46 0.93 -8.67
CA GLY A 61 -41.18 0.31 -9.93
C GLY A 61 -41.84 1.00 -11.11
N PRO A 62 -41.97 0.30 -12.23
CA PRO A 62 -42.65 0.87 -13.39
C PRO A 62 -44.16 0.75 -13.33
N GLY A 63 -44.69 0.14 -12.29
CA GLY A 63 -46.10 -0.20 -12.24
C GLY A 63 -46.28 -1.67 -12.56
N GLN A 64 -46.46 -2.48 -11.52
CA GLN A 64 -46.53 -3.93 -11.71
C GLN A 64 -47.86 -4.32 -12.34
N ALA A 65 -48.96 -4.04 -11.66
CA ALA A 65 -50.31 -4.31 -12.16
C ALA A 65 -51.26 -3.37 -11.43
N GLU A 66 -52.56 -3.67 -11.52
CA GLU A 66 -53.54 -2.90 -10.78
C GLU A 66 -53.46 -3.21 -9.28
N ALA A 67 -53.38 -4.49 -8.94
CA ALA A 67 -53.45 -4.86 -7.52
C ALA A 67 -52.14 -4.67 -6.75
N PRO A 68 -50.99 -5.27 -7.10
CA PRO A 68 -49.81 -5.11 -6.23
C PRO A 68 -49.11 -3.78 -6.53
N ALA A 69 -48.08 -3.49 -5.73
CA ALA A 69 -47.25 -2.29 -5.95
C ALA A 69 -45.86 -2.58 -5.40
N GLY A 70 -44.95 -2.97 -6.28
CA GLY A 70 -43.63 -3.38 -5.84
C GLY A 70 -42.68 -2.22 -5.58
N VAL A 71 -41.47 -2.58 -5.15
CA VAL A 71 -40.36 -1.65 -5.01
C VAL A 71 -39.23 -2.16 -5.87
N GLU A 72 -38.68 -1.28 -6.73
CA GLU A 72 -37.61 -1.71 -7.62
C GLU A 72 -36.28 -1.80 -6.90
N SER A 73 -35.91 -0.76 -6.15
CA SER A 73 -34.63 -0.72 -5.46
C SER A 73 -34.71 0.27 -4.32
N ILE A 74 -33.83 0.09 -3.34
CA ILE A 74 -33.74 0.95 -2.17
C ILE A 74 -32.31 1.46 -2.09
N LEU A 75 -32.15 2.76 -1.89
CA LEU A 75 -30.83 3.36 -1.77
C LEU A 75 -30.70 3.92 -0.36
N LEU A 76 -29.57 3.62 0.28
CA LEU A 76 -29.38 3.89 1.69
C LEU A 76 -27.94 4.30 1.92
N THR A 77 -27.74 5.47 2.52
CA THR A 77 -26.42 6.04 2.73
C THR A 77 -26.27 6.37 4.21
N ILE A 78 -25.39 5.66 4.92
CA ILE A 78 -25.21 5.90 6.35
C ILE A 78 -23.79 6.41 6.55
N LYS A 79 -23.64 7.73 6.46
CA LYS A 79 -22.59 8.56 7.07
C LYS A 79 -21.20 8.43 6.45
N ASP A 80 -20.90 7.29 5.81
CA ASP A 80 -19.70 7.12 4.99
C ASP A 80 -19.93 6.29 3.74
N ASP A 81 -20.94 5.42 3.72
CA ASP A 81 -21.00 4.34 2.75
C ASP A 81 -22.45 4.14 2.30
N THR A 82 -22.58 3.57 1.11
CA THR A 82 -23.84 3.53 0.40
C THR A 82 -24.24 2.07 0.18
N ILE A 83 -25.44 1.72 0.59
CA ILE A 83 -25.97 0.38 0.42
C ILE A 83 -27.08 0.44 -0.61
N TYR A 84 -26.99 -0.42 -1.62
CA TYR A 84 -27.93 -0.49 -2.72
C TYR A 84 -28.58 -1.87 -2.74
N LEU A 85 -29.87 -1.92 -2.44
CA LEU A 85 -30.61 -3.16 -2.31
C LEU A 85 -31.51 -3.33 -3.52
N THR A 86 -31.43 -4.46 -4.18
CA THR A 86 -32.39 -4.86 -5.18
C THR A 86 -33.08 -6.14 -4.74
N ARG A 87 -33.84 -6.72 -5.66
CA ARG A 87 -34.60 -7.93 -5.36
CA ARG A 87 -34.60 -7.92 -5.32
C ARG A 87 -33.68 -9.12 -5.14
N HIS A 88 -32.59 -9.20 -5.90
CA HIS A 88 -31.72 -10.36 -5.86
C HIS A 88 -30.40 -10.14 -5.15
N LEU A 89 -29.85 -8.94 -5.14
CA LEU A 89 -28.52 -8.74 -4.61
C LEU A 89 -28.42 -7.45 -3.82
N ALA A 90 -27.45 -7.43 -2.92
CA ALA A 90 -27.17 -6.31 -2.05
C ALA A 90 -25.75 -5.84 -2.31
N VAL A 91 -25.58 -4.54 -2.53
CA VAL A 91 -24.31 -3.97 -2.97
C VAL A 91 -23.88 -2.92 -1.96
N LEU A 92 -22.69 -3.08 -1.41
CA LEU A 92 -22.09 -2.14 -0.49
C LEU A 92 -20.87 -1.53 -1.17
N ASN A 93 -20.95 -0.22 -1.47
CA ASN A 93 -19.87 0.57 -2.05
C ASN A 93 -19.40 0.01 -3.38
N GLY A 94 -20.35 -0.42 -4.21
CA GLY A 94 -20.03 -0.87 -5.55
C GLY A 94 -19.65 -2.33 -5.66
N ALA A 95 -19.49 -3.03 -4.54
CA ALA A 95 -19.14 -4.44 -4.52
C ALA A 95 -20.30 -5.26 -3.98
N VAL A 96 -20.53 -6.42 -4.59
CA VAL A 96 -21.56 -7.34 -4.12
C VAL A 96 -21.12 -7.95 -2.81
N VAL A 97 -22.02 -8.01 -1.83
CA VAL A 97 -21.71 -8.63 -0.54
C VAL A 97 -22.39 -9.99 -0.45
N SER A 98 -21.68 -10.93 0.16
CA SER A 98 -22.26 -12.20 0.59
C SER A 98 -22.87 -12.01 1.97
N THR A 99 -24.11 -12.43 2.12
CA THR A 99 -24.75 -12.15 3.39
C THR A 99 -24.74 -13.39 4.27
N PRO A 100 -24.57 -13.26 5.60
CA PRO A 100 -24.46 -12.07 6.45
C PRO A 100 -23.13 -11.35 6.39
N HIS A 101 -23.15 -10.05 6.68
CA HIS A 101 -22.00 -9.18 6.56
C HIS A 101 -21.81 -8.43 7.86
N TYR A 102 -20.63 -8.54 8.47
CA TYR A 102 -20.45 -8.30 9.89
C TYR A 102 -19.52 -7.14 10.23
N SER A 103 -19.38 -6.13 9.37
CA SER A 103 -18.43 -5.04 9.62
C SER A 103 -18.87 -4.22 10.83
N PRO A 104 -17.92 -3.68 11.63
CA PRO A 104 -18.24 -3.29 13.02
C PRO A 104 -19.10 -2.05 13.21
N GLY A 105 -19.80 -1.59 12.19
CA GLY A 105 -20.84 -0.61 12.41
C GLY A 105 -22.10 -0.93 11.63
N LEU A 106 -22.14 -2.12 11.04
CA LEU A 106 -23.13 -2.38 9.98
C LEU A 106 -23.31 -3.88 9.81
N LEU A 107 -24.52 -4.37 10.05
CA LEU A 107 -24.87 -5.77 9.84
C LEU A 107 -25.90 -5.85 8.73
N ILE A 108 -25.61 -6.66 7.71
CA ILE A 108 -26.47 -6.82 6.54
C ILE A 108 -26.72 -8.31 6.39
N GLU A 109 -27.94 -8.76 6.68
CA GLU A 109 -28.25 -10.18 6.64
C GLU A 109 -29.55 -10.41 5.87
N LYS A 110 -29.66 -11.59 5.28
CA LYS A 110 -30.72 -11.90 4.33
C LYS A 110 -31.36 -13.24 4.70
N SER A 111 -32.61 -13.20 5.13
CA SER A 111 -33.36 -14.43 5.39
C SER A 111 -33.98 -14.95 4.09
N ASP A 112 -34.89 -15.90 4.22
CA ASP A 112 -35.66 -16.32 3.06
C ASP A 112 -36.79 -15.34 2.78
N ALA A 113 -37.19 -14.58 3.79
CA ALA A 113 -38.28 -13.62 3.67
C ALA A 113 -37.81 -12.18 3.60
N TYR A 114 -36.99 -11.73 4.55
CA TYR A 114 -36.64 -10.32 4.68
C TYR A 114 -35.15 -10.11 4.45
N THR A 115 -34.79 -8.86 4.14
CA THR A 115 -33.41 -8.38 4.12
C THR A 115 -33.27 -7.29 5.19
N LYS A 116 -32.44 -7.55 6.19
CA LYS A 116 -32.30 -6.63 7.31
C LYS A 116 -31.00 -5.87 7.21
N VAL A 117 -31.01 -4.61 7.64
CA VAL A 117 -29.80 -3.79 7.77
C VAL A 117 -29.83 -3.17 9.16
N TYR A 118 -28.80 -3.46 9.96
CA TYR A 118 -28.73 -3.03 11.36
C TYR A 118 -27.52 -2.13 11.50
N SER A 119 -27.74 -0.87 11.85
CA SER A 119 -26.64 0.09 11.95
C SER A 119 -26.52 0.63 13.37
N ARG A 120 -25.30 0.99 13.74
CA ARG A 120 -25.03 1.54 15.06
C ARG A 120 -25.53 2.97 15.22
N ALA A 121 -25.91 3.63 14.13
CA ALA A 121 -26.43 4.99 14.18
C ALA A 121 -27.87 5.04 14.64
N GLY A 122 -28.49 3.91 14.94
CA GLY A 122 -29.86 3.91 15.40
C GLY A 122 -30.83 3.76 14.25
N LEU A 123 -30.51 2.85 13.35
CA LEU A 123 -31.30 2.63 12.14
C LEU A 123 -31.47 1.14 11.94
N THR A 124 -32.67 0.75 11.55
CA THR A 124 -32.97 -0.65 11.27
C THR A 124 -33.94 -0.70 10.11
N LEU A 125 -33.54 -1.31 9.01
CA LEU A 125 -34.38 -1.41 7.84
C LEU A 125 -34.73 -2.88 7.65
N MET A 126 -35.95 -3.15 7.19
CA MET A 126 -36.38 -4.53 6.98
C MET A 126 -37.37 -4.56 5.83
N TRP A 127 -37.12 -5.41 4.85
CA TRP A 127 -37.81 -5.35 3.56
C TRP A 127 -37.97 -6.76 3.02
N ASN A 128 -39.20 -7.26 2.92
CA ASN A 128 -39.40 -8.39 2.03
C ASN A 128 -39.23 -7.90 0.62
N ARG A 129 -38.76 -8.75 -0.27
CA ARG A 129 -38.25 -8.21 -1.50
C ARG A 129 -39.34 -7.87 -2.52
N GLU A 130 -40.63 -7.79 -2.16
CA GLU A 130 -41.57 -7.21 -3.10
C GLU A 130 -42.01 -5.80 -2.75
N ASP A 131 -42.75 -5.63 -1.65
CA ASP A 131 -43.47 -4.38 -1.46
C ASP A 131 -43.38 -3.75 -0.07
N ALA A 132 -43.25 -4.51 1.00
CA ALA A 132 -43.34 -3.97 2.35
C ALA A 132 -41.97 -3.50 2.82
N LEU A 133 -41.90 -2.24 3.22
CA LEU A 133 -40.66 -1.63 3.69
C LEU A 133 -40.94 -0.90 4.99
N MET A 134 -40.17 -1.22 6.02
CA MET A 134 -40.32 -0.54 7.30
C MET A 134 -38.96 -0.15 7.86
N LEU A 135 -38.96 0.97 8.57
CA LEU A 135 -37.76 1.57 9.14
C LEU A 135 -37.99 1.84 10.62
N GLU A 136 -36.94 1.71 11.42
CA GLU A 136 -37.00 2.00 12.84
C GLU A 136 -35.83 2.88 13.24
N LEU A 137 -36.14 4.00 13.87
CA LEU A 137 -35.14 4.93 14.37
C LEU A 137 -35.25 5.06 15.87
N ASP A 138 -34.14 5.35 16.53
CA ASP A 138 -34.17 5.59 17.96
C ASP A 138 -34.67 7.01 18.24
N THR A 139 -34.74 7.36 19.52
CA THR A 139 -35.29 8.64 19.94
C THR A 139 -34.27 9.78 19.84
N LYS A 140 -33.10 9.54 19.27
CA LYS A 140 -32.12 10.60 19.07
C LYS A 140 -32.54 11.55 17.95
N PHE A 141 -33.21 11.03 16.92
CA PHE A 141 -33.50 11.79 15.71
C PHE A 141 -34.79 12.58 15.78
N ARG A 142 -35.27 12.91 16.98
CA ARG A 142 -36.51 13.67 17.10
C ARG A 142 -36.30 15.11 16.66
N ASN A 143 -37.31 15.67 16.00
CA ASN A 143 -37.34 16.98 15.35
C ASN A 143 -36.32 17.14 14.23
N HIS A 144 -35.76 16.04 13.70
CA HIS A 144 -34.76 16.14 12.64
C HIS A 144 -35.12 15.44 11.35
N THR A 145 -36.00 14.44 11.37
CA THR A 145 -36.29 13.69 10.16
C THR A 145 -37.19 14.50 9.23
N CYS A 146 -36.99 14.29 7.92
CA CYS A 146 -37.63 15.16 6.94
C CYS A 146 -38.13 14.42 5.71
N GLY A 147 -38.26 13.10 5.77
CA GLY A 147 -38.63 12.34 4.59
C GLY A 147 -40.12 12.30 4.37
N LEU A 148 -40.56 11.29 3.60
CA LEU A 148 -41.97 11.07 3.38
C LEU A 148 -42.62 10.39 4.57
N CYS A 149 -41.83 9.91 5.51
CA CYS A 149 -42.28 9.40 6.80
C CYS A 149 -42.58 10.50 7.80
N GLY A 150 -42.68 11.75 7.37
CA GLY A 150 -42.94 12.85 8.26
C GLY A 150 -41.74 13.19 9.12
N ASP A 151 -41.94 14.18 9.99
CA ASP A 151 -40.98 14.44 11.04
C ASP A 151 -41.30 13.58 12.26
N TYR A 152 -40.41 13.62 13.25
CA TYR A 152 -40.43 12.65 14.32
C TYR A 152 -40.52 13.39 15.64
N ASN A 153 -41.49 14.30 15.71
CA ASN A 153 -41.80 15.10 16.88
C ASN A 153 -42.79 14.46 17.83
N GLY A 154 -43.58 13.49 17.36
CA GLY A 154 -44.58 12.85 18.17
C GLY A 154 -45.98 13.40 18.00
N LEU A 155 -46.15 14.46 17.23
CA LEU A 155 -47.44 15.12 17.09
C LEU A 155 -48.19 14.56 15.87
N GLN A 156 -49.40 14.08 16.10
CA GLN A 156 -50.27 13.54 15.06
C GLN A 156 -50.68 14.61 14.05
N SER A 157 -50.17 14.48 12.81
CA SER A 157 -50.56 15.27 11.64
C SER A 157 -50.37 16.77 11.81
N TYR A 158 -49.45 17.20 12.68
CA TYR A 158 -49.35 18.62 13.00
C TYR A 158 -48.57 19.37 11.92
N SER A 159 -47.29 19.05 11.76
CA SER A 159 -46.43 19.79 10.85
C SER A 159 -46.23 19.09 9.52
N GLU A 160 -46.76 17.88 9.34
CA GLU A 160 -46.65 17.21 8.05
C GLU A 160 -47.62 17.79 7.04
N PHE A 161 -48.89 17.94 7.44
CA PHE A 161 -49.94 18.35 6.52
C PHE A 161 -50.40 19.78 6.70
N LEU A 162 -50.21 20.38 7.88
CA LEU A 162 -50.62 21.76 8.15
C LEU A 162 -49.38 22.56 8.51
N SER A 163 -48.70 23.10 7.50
CA SER A 163 -47.43 23.79 7.72
C SER A 163 -47.65 25.26 8.10
N ASP A 164 -48.29 26.03 7.22
CA ASP A 164 -48.56 27.44 7.46
C ASP A 164 -50.07 27.73 7.43
N GLY A 165 -50.87 26.85 8.03
CA GLY A 165 -52.30 26.96 8.00
C GLY A 165 -52.97 26.26 6.84
N VAL A 166 -52.27 26.12 5.71
CA VAL A 166 -52.84 25.43 4.56
C VAL A 166 -52.68 23.93 4.76
N LEU A 167 -53.77 23.20 4.54
CA LEU A 167 -53.77 21.75 4.72
C LEU A 167 -53.34 21.07 3.42
N PHE A 168 -52.21 20.38 3.47
CA PHE A 168 -51.71 19.66 2.30
C PHE A 168 -52.43 18.33 2.15
N SER A 169 -52.85 18.03 0.93
CA SER A 169 -53.38 16.71 0.63
C SER A 169 -52.22 15.71 0.58
N PRO A 170 -52.50 14.43 0.80
CA PRO A 170 -51.42 13.43 0.71
C PRO A 170 -50.80 13.29 -0.67
N LEU A 171 -51.49 13.69 -1.73
CA LEU A 171 -50.89 13.63 -3.06
C LEU A 171 -49.90 14.76 -3.29
N GLU A 172 -50.14 15.94 -2.72
CA GLU A 172 -49.17 17.01 -2.86
C GLU A 172 -48.12 17.00 -1.75
N PHE A 173 -48.34 16.24 -0.68
CA PHE A 173 -47.27 15.98 0.27
C PHE A 173 -46.24 15.02 -0.29
N GLY A 174 -46.68 14.07 -1.13
CA GLY A 174 -45.75 13.12 -1.70
C GLY A 174 -44.93 13.66 -2.85
N ASN A 175 -45.52 14.54 -3.66
CA ASN A 175 -44.79 15.13 -4.77
C ASN A 175 -43.72 16.11 -4.31
N MET A 176 -43.85 16.62 -3.08
CA MET A 176 -42.81 17.48 -2.52
C MET A 176 -41.57 16.68 -2.16
N GLN A 177 -41.71 15.38 -1.94
CA GLN A 177 -40.65 14.53 -1.44
C GLN A 177 -39.85 13.85 -2.55
N LYS A 178 -40.00 14.31 -3.79
CA LYS A 178 -39.42 13.66 -4.95
C LYS A 178 -37.93 13.98 -5.04
N ILE A 179 -37.20 13.13 -5.78
CA ILE A 179 -35.77 13.31 -6.02
C ILE A 179 -35.55 13.46 -7.52
N ASN A 180 -34.88 14.54 -7.90
CA ASN A 180 -34.61 14.82 -9.31
C ASN A 180 -33.37 14.05 -9.76
N GLN A 181 -33.55 13.19 -10.72
CA GLN A 181 -32.43 12.44 -11.28
C GLN A 181 -31.95 13.13 -12.54
N PRO A 182 -30.65 13.32 -12.74
CA PRO A 182 -30.20 14.18 -13.83
C PRO A 182 -30.08 13.52 -15.19
N ASP A 183 -30.99 12.62 -15.53
CA ASP A 183 -31.13 12.20 -16.92
C ASP A 183 -32.58 11.95 -17.32
N VAL A 184 -33.47 11.66 -16.38
CA VAL A 184 -34.79 11.11 -16.66
C VAL A 184 -35.83 12.12 -16.15
N VAL A 185 -36.81 12.42 -17.00
CA VAL A 185 -37.96 13.22 -16.61
C VAL A 185 -39.12 12.28 -16.33
N CYS A 186 -39.63 12.31 -15.11
CA CYS A 186 -40.69 11.41 -14.68
C CYS A 186 -41.89 12.24 -14.24
N GLU A 187 -43.07 11.89 -14.77
CA GLU A 187 -44.27 12.70 -14.57
C GLU A 187 -44.90 12.40 -13.21
N ASP A 188 -45.29 13.46 -12.50
CA ASP A 188 -46.01 13.30 -11.25
C ASP A 188 -47.43 12.78 -11.52
N PRO A 189 -47.98 11.98 -10.61
CA PRO A 189 -49.35 11.50 -10.81
C PRO A 189 -50.37 12.60 -10.56
N GLU A 190 -51.33 12.72 -11.47
CA GLU A 190 -52.33 13.77 -11.39
C GLU A 190 -53.42 13.40 -10.40
N GLU A 191 -54.22 14.40 -10.02
CA GLU A 191 -55.33 14.18 -9.11
C GLU A 191 -56.44 13.43 -9.83
N GLU A 192 -56.74 12.23 -9.36
CA GLU A 192 -57.91 11.52 -9.85
C GLU A 192 -59.18 12.16 -9.31
N VAL A 193 -60.29 11.92 -10.00
CA VAL A 193 -61.59 12.38 -9.52
C VAL A 193 -61.95 11.63 -8.26
N ALA A 194 -62.44 12.36 -7.25
CA ALA A 194 -62.70 11.86 -5.91
C ALA A 194 -63.76 10.77 -5.92
N PRO A 195 -63.39 9.54 -5.61
CA PRO A 195 -64.34 8.42 -5.72
C PRO A 195 -65.28 8.39 -4.52
N ALA A 196 -66.18 7.42 -4.52
CA ALA A 196 -67.06 7.22 -3.38
C ALA A 196 -66.26 6.63 -2.22
N SER A 197 -66.54 7.13 -1.02
CA SER A 197 -65.95 6.56 0.20
C SER A 197 -66.47 5.16 0.38
N CYS A 198 -65.60 4.17 0.22
CA CYS A 198 -66.02 2.77 0.14
C CYS A 198 -66.43 2.24 1.51
N SER A 199 -67.63 2.63 1.96
CA SER A 199 -68.15 2.21 3.25
C SER A 199 -69.06 0.99 3.15
N GLU A 200 -69.19 0.43 1.94
CA GLU A 200 -69.98 -0.78 1.74
C GLU A 200 -69.18 -2.05 2.00
N HIS A 201 -67.96 -1.94 2.49
CA HIS A 201 -67.14 -3.10 2.85
C HIS A 201 -66.50 -2.91 4.22
N ARG A 202 -67.12 -2.11 5.08
CA ARG A 202 -66.62 -1.96 6.45
C ARG A 202 -66.94 -3.19 7.28
N ALA A 203 -68.00 -3.92 6.93
CA ALA A 203 -68.36 -5.12 7.67
C ALA A 203 -67.37 -6.25 7.43
N GLU A 204 -66.83 -6.34 6.21
CA GLU A 204 -65.91 -7.43 5.90
C GLU A 204 -64.52 -7.18 6.48
N CYS A 205 -64.06 -5.92 6.49
CA CYS A 205 -62.75 -5.63 7.07
C CYS A 205 -62.77 -5.71 8.59
N GLU A 206 -63.91 -5.41 9.21
CA GLU A 206 -63.99 -5.49 10.66
C GLU A 206 -64.12 -6.94 11.14
N ARG A 207 -64.83 -7.76 10.38
CA ARG A 207 -64.95 -9.18 10.71
C ARG A 207 -63.63 -9.90 10.54
N LEU A 208 -62.87 -9.53 9.50
CA LEU A 208 -61.67 -10.27 9.16
C LEU A 208 -60.50 -9.92 10.08
N LEU A 209 -60.28 -8.64 10.33
CA LEU A 209 -59.06 -8.21 11.00
C LEU A 209 -59.14 -8.38 12.51
N THR A 210 -60.33 -8.33 13.10
CA THR A 210 -60.50 -8.60 14.53
C THR A 210 -60.92 -10.05 14.77
N ALA A 211 -60.12 -10.99 14.30
CA ALA A 211 -60.40 -12.40 14.48
C ALA A 211 -59.83 -12.88 15.81
N GLU A 212 -59.88 -14.19 16.04
CA GLU A 212 -59.38 -14.74 17.29
C GLU A 212 -57.85 -14.80 17.30
N ALA A 213 -57.22 -14.74 16.13
CA ALA A 213 -55.77 -14.85 16.06
C ALA A 213 -55.07 -13.57 16.51
N PHE A 214 -55.79 -12.44 16.52
CA PHE A 214 -55.23 -11.14 16.86
C PHE A 214 -55.64 -10.69 18.26
N ALA A 215 -55.66 -11.62 19.21
CA ALA A 215 -56.22 -11.33 20.53
C ALA A 215 -55.35 -10.36 21.32
N ASP A 216 -54.08 -10.71 21.54
CA ASP A 216 -53.23 -9.89 22.41
C ASP A 216 -52.45 -8.84 21.60
N CYS A 217 -53.16 -8.15 20.71
CA CYS A 217 -52.65 -6.94 20.07
C CYS A 217 -53.73 -5.89 19.86
N GLN A 218 -54.93 -6.09 20.40
CA GLN A 218 -55.97 -5.08 20.31
C GLN A 218 -55.67 -3.87 21.18
N ASP A 219 -54.85 -4.04 22.22
CA ASP A 219 -54.42 -2.95 23.07
C ASP A 219 -53.05 -2.39 22.68
N LEU A 220 -52.32 -3.06 21.81
CA LEU A 220 -51.02 -2.59 21.36
C LEU A 220 -51.13 -1.64 20.18
N VAL A 221 -51.72 -2.11 19.09
CA VAL A 221 -51.86 -1.31 17.87
C VAL A 221 -53.32 -0.92 17.68
N PRO A 222 -53.61 0.24 17.08
CA PRO A 222 -55.00 0.62 16.86
C PRO A 222 -55.68 -0.19 15.77
N LEU A 223 -56.98 0.06 15.63
CA LEU A 223 -57.83 -0.57 14.63
C LEU A 223 -58.24 0.38 13.52
N GLU A 224 -58.46 1.65 13.86
CA GLU A 224 -59.02 2.60 12.89
C GLU A 224 -58.13 2.96 11.70
N PRO A 225 -56.79 3.12 11.81
CA PRO A 225 -56.02 3.34 10.57
C PRO A 225 -55.96 2.14 9.66
N TYR A 226 -55.68 0.95 10.20
CA TYR A 226 -55.50 -0.23 9.36
C TYR A 226 -56.82 -0.79 8.83
N LEU A 227 -57.95 -0.37 9.37
CA LEU A 227 -59.23 -0.70 8.77
C LEU A 227 -59.63 0.33 7.72
N ARG A 228 -59.18 1.57 7.88
CA ARG A 228 -59.38 2.58 6.84
C ARG A 228 -58.59 2.22 5.58
N ALA A 229 -57.36 1.73 5.76
CA ALA A 229 -56.57 1.26 4.63
C ALA A 229 -57.14 -0.01 4.01
N CYS A 230 -57.94 -0.77 4.77
CA CYS A 230 -58.61 -1.94 4.21
C CYS A 230 -59.79 -1.56 3.33
N GLN A 231 -60.31 -0.34 3.48
CA GLN A 231 -61.46 0.09 2.71
C GLN A 231 -61.12 0.25 1.22
N GLN A 232 -59.99 0.92 0.93
CA GLN A 232 -59.62 1.13 -0.47
C GLN A 232 -59.13 -0.16 -1.13
N ASP A 233 -58.51 -1.06 -0.35
CA ASP A 233 -58.01 -2.30 -0.94
C ASP A 233 -59.10 -3.27 -1.37
N ARG A 234 -60.33 -3.08 -0.90
CA ARG A 234 -61.41 -3.94 -1.33
C ARG A 234 -62.10 -3.41 -2.58
N CYS A 235 -62.21 -2.08 -2.73
CA CYS A 235 -62.91 -1.49 -3.85
C CYS A 235 -61.99 -1.00 -4.98
N ARG A 236 -60.69 -0.94 -4.76
CA ARG A 236 -59.75 -0.68 -5.85
C ARG A 236 -59.12 -1.94 -6.40
N CYS A 237 -59.22 -3.07 -5.69
CA CYS A 237 -58.67 -4.35 -6.13
C CYS A 237 -59.82 -5.35 -6.23
N PRO A 238 -60.56 -5.36 -7.34
CA PRO A 238 -61.65 -6.33 -7.49
C PRO A 238 -61.13 -7.70 -7.89
N GLY A 239 -61.99 -8.68 -7.74
CA GLY A 239 -61.67 -10.05 -8.15
C GLY A 239 -60.89 -10.80 -7.07
N GLY A 240 -59.61 -11.05 -7.35
CA GLY A 240 -58.79 -11.79 -6.40
C GLY A 240 -58.42 -10.95 -5.19
N ASP A 241 -58.19 -11.64 -4.08
CA ASP A 241 -57.84 -10.99 -2.82
C ASP A 241 -56.33 -10.99 -2.65
N THR A 242 -55.68 -10.00 -3.27
CA THR A 242 -54.25 -9.78 -3.09
C THR A 242 -53.94 -8.43 -2.49
N CYS A 243 -54.94 -7.58 -2.27
CA CYS A 243 -54.73 -6.29 -1.63
C CYS A 243 -55.23 -6.25 -0.19
N VAL A 244 -56.17 -7.13 0.16
CA VAL A 244 -56.66 -7.13 1.53
C VAL A 244 -55.71 -7.93 2.43
N CYS A 245 -54.98 -8.90 1.88
CA CYS A 245 -54.00 -9.64 2.66
C CYS A 245 -52.57 -9.15 2.44
N SER A 246 -52.42 -7.85 2.21
CA SER A 246 -51.19 -7.14 2.48
C SER A 246 -51.36 -6.10 3.55
N THR A 247 -52.60 -5.84 3.98
CA THR A 247 -52.91 -4.97 5.10
C THR A 247 -53.05 -5.74 6.40
N VAL A 248 -53.76 -6.87 6.40
CA VAL A 248 -53.79 -7.72 7.57
C VAL A 248 -52.47 -8.47 7.74
N ALA A 249 -51.69 -8.61 6.67
CA ALA A 249 -50.31 -9.06 6.82
C ALA A 249 -49.43 -7.97 7.43
N GLU A 250 -49.81 -6.70 7.26
CA GLU A 250 -49.14 -5.61 7.93
C GLU A 250 -49.67 -5.40 9.33
N PHE A 251 -50.91 -5.82 9.59
CA PHE A 251 -51.43 -5.74 10.94
C PHE A 251 -50.74 -6.77 11.83
N SER A 252 -50.44 -7.95 11.28
CA SER A 252 -49.73 -8.98 12.03
C SER A 252 -48.22 -8.77 12.07
N ARG A 253 -47.70 -7.75 11.39
CA ARG A 253 -46.33 -7.32 11.62
C ARG A 253 -46.23 -6.19 12.62
N GLN A 254 -47.23 -5.32 12.69
CA GLN A 254 -47.27 -4.32 13.74
C GLN A 254 -47.70 -4.93 15.07
N CYS A 255 -48.44 -6.04 15.01
CA CYS A 255 -48.72 -6.83 16.20
C CYS A 255 -47.44 -7.38 16.81
N SER A 256 -46.61 -8.05 15.99
CA SER A 256 -45.43 -8.73 16.47
C SER A 256 -44.18 -7.83 16.48
N HIS A 257 -44.36 -6.51 16.51
CA HIS A 257 -43.24 -5.62 16.73
C HIS A 257 -43.30 -4.90 18.06
N ALA A 258 -44.51 -4.60 18.56
CA ALA A 258 -44.64 -4.04 19.89
C ALA A 258 -44.32 -5.07 20.97
N GLY A 259 -44.52 -6.35 20.68
CA GLY A 259 -44.17 -7.40 21.61
C GLY A 259 -45.17 -8.53 21.64
N GLY A 260 -46.32 -8.34 21.00
CA GLY A 260 -47.37 -9.33 21.02
C GLY A 260 -47.04 -10.54 20.14
N ARG A 261 -47.94 -11.52 20.19
CA ARG A 261 -47.79 -12.72 19.38
C ARG A 261 -49.10 -13.07 18.69
N PRO A 262 -49.22 -12.85 17.39
CA PRO A 262 -50.44 -13.21 16.68
C PRO A 262 -50.52 -14.72 16.43
N GLY A 263 -51.71 -15.15 16.03
CA GLY A 263 -51.94 -16.52 15.64
C GLY A 263 -52.05 -16.68 14.13
N ASN A 264 -52.27 -17.92 13.71
CA ASN A 264 -52.38 -18.22 12.29
C ASN A 264 -53.77 -17.85 11.78
N TRP A 265 -53.80 -17.02 10.74
CA TRP A 265 -55.03 -16.65 10.07
C TRP A 265 -55.12 -17.14 8.63
N ARG A 266 -54.00 -17.48 8.01
CA ARG A 266 -53.97 -17.91 6.61
C ARG A 266 -54.52 -19.32 6.51
N THR A 267 -55.73 -19.45 6.00
CA THR A 267 -56.30 -20.78 5.75
C THR A 267 -55.96 -21.19 4.31
N ALA A 268 -56.62 -22.25 3.83
CA ALA A 268 -56.42 -22.70 2.46
C ALA A 268 -57.18 -21.85 1.44
N THR A 269 -58.11 -21.02 1.90
CA THR A 269 -58.86 -20.13 1.01
C THR A 269 -58.67 -18.65 1.32
N LEU A 270 -57.88 -18.33 2.35
CA LEU A 270 -57.63 -16.93 2.74
C LEU A 270 -56.12 -16.69 2.64
N CYS A 271 -55.67 -16.38 1.42
CA CYS A 271 -54.29 -16.07 1.04
C CYS A 271 -53.25 -17.07 1.56
N PRO A 272 -53.18 -18.27 0.99
CA PRO A 272 -52.22 -19.26 1.49
C PRO A 272 -50.82 -18.97 0.96
N LYS A 273 -49.84 -19.51 1.67
CA LYS A 273 -48.44 -19.42 1.27
C LYS A 273 -47.81 -20.80 1.30
N THR A 274 -46.90 -21.05 0.36
CA THR A 274 -46.31 -22.36 0.16
C THR A 274 -44.80 -22.31 0.37
N CYS A 275 -44.28 -23.33 1.05
CA CYS A 275 -42.85 -23.53 1.26
C CYS A 275 -42.52 -25.01 1.04
N PRO A 276 -41.35 -25.31 0.49
CA PRO A 276 -41.03 -26.71 0.15
C PRO A 276 -40.74 -27.55 1.39
N GLY A 277 -40.80 -28.87 1.21
CA GLY A 277 -40.65 -29.79 2.32
C GLY A 277 -41.85 -29.69 3.25
N ASN A 278 -41.65 -30.17 4.48
CA ASN A 278 -42.63 -29.93 5.53
C ASN A 278 -42.28 -28.68 6.35
N LEU A 279 -42.01 -27.59 5.65
CA LEU A 279 -41.77 -26.28 6.24
C LEU A 279 -43.11 -25.56 6.31
N VAL A 280 -43.76 -25.69 7.45
CA VAL A 280 -45.07 -25.07 7.64
C VAL A 280 -44.88 -23.58 7.90
N TYR A 281 -45.87 -22.78 7.49
CA TYR A 281 -45.84 -21.34 7.66
C TYR A 281 -46.46 -20.97 9.00
N LEU A 282 -45.82 -20.04 9.70
CA LEU A 282 -46.35 -19.52 10.95
C LEU A 282 -46.11 -18.03 11.03
N GLU A 283 -46.80 -17.40 11.97
CA GLU A 283 -46.48 -16.05 12.41
C GLU A 283 -45.95 -16.12 13.83
N SER A 284 -45.01 -15.22 14.13
CA SER A 284 -44.40 -15.05 15.46
C SER A 284 -43.70 -16.32 15.95
N GLY A 285 -42.65 -16.71 15.20
CA GLY A 285 -41.76 -17.75 15.65
C GLY A 285 -40.32 -17.33 15.42
N SER A 286 -39.41 -17.95 16.17
CA SER A 286 -38.06 -17.41 16.21
C SER A 286 -37.25 -17.83 14.98
N PRO A 287 -36.43 -16.94 14.43
CA PRO A 287 -35.62 -17.29 13.26
C PRO A 287 -34.40 -18.14 13.57
N CYS A 288 -34.10 -18.40 14.85
CA CYS A 288 -32.92 -19.15 15.24
C CYS A 288 -33.28 -20.64 15.26
N MET A 289 -32.95 -21.33 14.18
CA MET A 289 -33.30 -22.74 14.02
C MET A 289 -32.08 -23.62 14.23
N ASP A 290 -32.29 -24.74 14.91
CA ASP A 290 -31.27 -25.78 15.03
C ASP A 290 -31.27 -26.57 13.73
N THR A 291 -30.11 -26.71 13.09
CA THR A 291 -30.07 -27.16 11.71
C THR A 291 -29.20 -28.39 11.50
N CYS A 292 -29.23 -29.37 12.41
CA CYS A 292 -28.70 -30.73 12.19
C CYS A 292 -27.18 -30.83 12.01
N SER A 293 -26.50 -29.70 11.82
CA SER A 293 -25.07 -29.57 12.03
C SER A 293 -24.79 -28.55 13.12
N HIS A 294 -25.28 -27.32 12.95
CA HIS A 294 -25.24 -26.31 14.01
CA HIS A 294 -25.24 -26.32 14.00
C HIS A 294 -26.46 -26.55 14.88
N LEU A 295 -26.32 -27.42 15.87
CA LEU A 295 -27.39 -27.55 16.83
C LEU A 295 -27.28 -26.40 17.83
N GLU A 296 -28.27 -26.32 18.73
CA GLU A 296 -28.33 -25.41 19.90
C GLU A 296 -28.02 -23.95 19.54
N VAL A 297 -28.61 -23.50 18.43
CA VAL A 297 -28.45 -22.12 17.97
C VAL A 297 -29.20 -21.16 18.89
N SER A 298 -30.40 -21.56 19.33
CA SER A 298 -31.32 -20.67 20.05
C SER A 298 -30.82 -20.25 21.43
N SER A 299 -29.76 -20.87 21.95
CA SER A 299 -29.17 -20.43 23.20
C SER A 299 -28.32 -19.16 23.04
N LEU A 300 -28.01 -18.75 21.81
CA LEU A 300 -27.24 -17.54 21.51
C LEU A 300 -27.99 -16.67 20.51
N CYS A 301 -29.30 -16.51 20.70
CA CYS A 301 -30.17 -15.90 19.69
C CYS A 301 -30.46 -14.46 20.08
N GLU A 302 -29.74 -13.53 19.48
CA GLU A 302 -29.95 -12.09 19.69
C GLU A 302 -30.87 -11.46 18.65
N GLU A 303 -32.03 -12.09 18.42
CA GLU A 303 -33.03 -11.55 17.51
C GLU A 303 -34.43 -11.80 18.08
N HIS A 304 -35.37 -10.91 17.74
CA HIS A 304 -36.76 -11.16 18.08
C HIS A 304 -37.39 -12.03 17.01
N ARG A 305 -38.67 -12.32 17.16
CA ARG A 305 -39.33 -13.30 16.31
C ARG A 305 -40.27 -12.62 15.31
N MET A 306 -40.35 -13.22 14.12
CA MET A 306 -41.16 -12.72 13.02
C MET A 306 -41.89 -13.90 12.39
N ASP A 307 -42.42 -13.68 11.20
CA ASP A 307 -43.12 -14.73 10.45
C ASP A 307 -42.21 -15.36 9.39
N GLY A 308 -42.68 -16.45 8.80
CA GLY A 308 -41.92 -17.21 7.84
C GLY A 308 -42.16 -18.69 7.99
N CYS A 309 -41.47 -19.52 7.19
CA CYS A 309 -41.67 -20.96 7.20
C CYS A 309 -40.64 -21.64 8.08
N PHE A 310 -41.11 -22.46 9.02
CA PHE A 310 -40.33 -22.94 10.15
C PHE A 310 -40.39 -24.46 10.29
N CYS A 311 -39.92 -24.97 11.43
CA CYS A 311 -39.97 -26.37 11.79
C CYS A 311 -40.99 -26.63 12.88
N PRO A 312 -41.43 -27.89 13.06
CA PRO A 312 -42.25 -28.25 14.24
C PRO A 312 -41.46 -28.27 15.55
N GLU A 313 -42.08 -28.83 16.59
CA GLU A 313 -41.57 -28.73 17.97
C GLU A 313 -40.20 -29.38 18.11
N GLY A 314 -40.06 -30.64 17.72
CA GLY A 314 -38.75 -31.24 17.60
C GLY A 314 -38.20 -30.98 16.21
N THR A 315 -37.64 -32.02 15.57
CA THR A 315 -37.46 -32.13 14.11
C THR A 315 -36.62 -30.99 13.54
N VAL A 316 -35.32 -31.05 13.82
CA VAL A 316 -34.37 -30.03 13.32
C VAL A 316 -34.26 -30.08 11.79
N TYR A 317 -33.89 -28.94 11.22
CA TYR A 317 -33.86 -28.78 9.78
C TYR A 317 -32.63 -29.45 9.16
N ASP A 318 -32.82 -30.12 8.03
CA ASP A 318 -31.73 -30.83 7.36
C ASP A 318 -30.87 -29.82 6.60
N ASP A 319 -29.64 -29.63 7.05
CA ASP A 319 -28.66 -28.77 6.39
C ASP A 319 -27.80 -29.54 5.41
N ILE A 320 -27.33 -30.73 5.83
CA ILE A 320 -26.30 -31.44 5.06
C ILE A 320 -26.89 -32.03 3.79
N GLY A 321 -28.08 -32.62 3.89
CA GLY A 321 -28.79 -33.08 2.71
C GLY A 321 -29.56 -31.96 2.05
N ASP A 322 -30.81 -32.22 1.68
CA ASP A 322 -31.65 -31.20 1.08
C ASP A 322 -33.10 -31.23 1.52
N SER A 323 -33.48 -32.11 2.45
CA SER A 323 -34.88 -32.28 2.83
C SER A 323 -35.30 -31.19 3.82
N GLY A 324 -36.45 -31.39 4.46
CA GLY A 324 -36.98 -30.42 5.38
C GLY A 324 -36.66 -30.73 6.83
N CYS A 325 -37.62 -30.49 7.72
CA CYS A 325 -37.39 -30.60 9.16
C CYS A 325 -37.46 -32.07 9.57
N VAL A 326 -36.38 -32.79 9.26
CA VAL A 326 -36.27 -34.23 9.47
C VAL A 326 -36.08 -34.50 10.97
N PRO A 327 -36.31 -35.71 11.47
CA PRO A 327 -35.95 -35.99 12.86
C PRO A 327 -34.44 -35.96 13.06
N VAL A 328 -34.03 -35.84 14.33
CA VAL A 328 -32.62 -35.65 14.63
C VAL A 328 -31.82 -36.93 14.34
N SER A 329 -32.42 -38.10 14.53
CA SER A 329 -31.72 -39.36 14.25
C SER A 329 -31.99 -39.83 12.83
N GLN A 330 -31.82 -38.93 11.87
CA GLN A 330 -31.75 -39.29 10.47
C GLN A 330 -30.75 -38.36 9.78
N CYS A 331 -30.03 -37.55 10.56
CA CYS A 331 -29.02 -36.62 10.06
C CYS A 331 -27.87 -37.37 9.40
N HIS A 332 -27.75 -37.21 8.09
CA HIS A 332 -26.63 -37.77 7.36
C HIS A 332 -25.37 -36.96 7.66
N CYS A 333 -24.28 -37.65 7.93
CA CYS A 333 -23.02 -36.97 8.20
C CYS A 333 -22.37 -36.56 6.88
N ARG A 334 -21.23 -35.88 6.98
CA ARG A 334 -20.46 -35.61 5.78
C ARG A 334 -18.98 -35.58 6.14
N LEU A 335 -18.14 -35.89 5.15
CA LEU A 335 -16.70 -35.93 5.36
C LEU A 335 -16.02 -35.72 4.01
N HIS A 336 -15.59 -34.48 3.75
CA HIS A 336 -14.99 -33.98 2.50
C HIS A 336 -15.73 -34.50 1.25
N GLY A 337 -16.99 -34.10 1.13
CA GLY A 337 -17.81 -34.67 0.09
C GLY A 337 -18.92 -35.57 0.56
N HIS A 338 -18.66 -36.90 0.50
CA HIS A 338 -19.67 -37.96 0.50
C HIS A 338 -20.69 -37.84 1.62
N LEU A 339 -21.94 -38.14 1.29
CA LEU A 339 -23.08 -38.01 2.19
C LEU A 339 -23.28 -39.34 2.89
N TYR A 340 -22.61 -39.52 4.02
CA TYR A 340 -22.64 -40.80 4.71
C TYR A 340 -23.95 -40.99 5.44
N THR A 341 -24.54 -42.16 5.27
CA THR A 341 -25.78 -42.53 5.92
C THR A 341 -25.54 -42.74 7.43
N PRO A 342 -26.56 -42.55 8.27
CA PRO A 342 -26.33 -42.74 9.72
C PRO A 342 -26.14 -44.18 10.15
N GLY A 343 -24.89 -44.63 10.11
CA GLY A 343 -24.53 -45.97 10.52
C GLY A 343 -23.36 -46.52 9.73
N GLN A 344 -22.95 -45.78 8.70
CA GLN A 344 -21.86 -46.20 7.84
C GLN A 344 -20.52 -45.90 8.49
N GLU A 345 -19.74 -46.93 8.77
CA GLU A 345 -18.43 -46.73 9.36
C GLU A 345 -17.41 -46.35 8.29
N ILE A 346 -16.24 -45.91 8.76
CA ILE A 346 -15.15 -45.50 7.88
C ILE A 346 -13.85 -45.72 8.63
N THR A 347 -12.78 -46.00 7.89
CA THR A 347 -11.45 -46.20 8.45
C THR A 347 -10.57 -45.03 8.06
N ASN A 348 -10.29 -44.17 9.04
CA ASN A 348 -9.52 -42.95 8.85
C ASN A 348 -8.04 -43.23 9.18
N ASP A 349 -7.28 -42.16 9.44
CA ASP A 349 -5.84 -42.18 9.66
C ASP A 349 -5.40 -43.12 10.78
N CYS A 350 -5.73 -42.78 12.02
CA CYS A 350 -5.42 -43.62 13.16
C CYS A 350 -6.66 -44.00 13.96
N GLU A 351 -7.85 -43.70 13.46
CA GLU A 351 -9.08 -43.95 14.19
C GLU A 351 -10.16 -44.41 13.22
N GLN A 352 -11.13 -45.14 13.73
CA GLN A 352 -12.32 -45.50 12.95
C GLN A 352 -13.54 -44.83 13.56
N CYS A 353 -14.46 -44.41 12.70
CA CYS A 353 -15.55 -43.54 13.10
C CYS A 353 -16.85 -44.08 12.52
N VAL A 354 -17.95 -43.87 13.24
CA VAL A 354 -19.28 -44.23 12.77
C VAL A 354 -20.17 -43.00 12.84
N CYS A 355 -21.01 -42.82 11.82
CA CYS A 355 -21.95 -41.69 11.79
C CYS A 355 -23.11 -41.96 12.73
N ASN A 356 -23.14 -41.24 13.83
CA ASN A 356 -24.27 -41.24 14.75
C ASN A 356 -25.20 -40.12 14.30
N ALA A 357 -26.11 -39.65 15.16
CA ALA A 357 -27.12 -38.67 14.77
C ALA A 357 -26.46 -37.31 14.56
N GLY A 358 -25.87 -37.13 13.38
CA GLY A 358 -25.26 -35.89 12.99
C GLY A 358 -23.79 -35.76 13.34
N ARG A 359 -23.32 -36.47 14.35
CA ARG A 359 -21.94 -36.39 14.80
C ARG A 359 -21.25 -37.74 14.62
N TRP A 360 -19.93 -37.70 14.58
CA TRP A 360 -19.12 -38.91 14.44
C TRP A 360 -18.71 -39.42 15.81
N VAL A 361 -18.71 -40.74 15.95
CA VAL A 361 -18.24 -41.42 17.16
C VAL A 361 -16.97 -42.16 16.76
N CYS A 362 -15.82 -41.65 17.21
CA CYS A 362 -14.54 -42.14 16.75
C CYS A 362 -13.84 -42.92 17.85
N LYS A 363 -13.06 -43.92 17.44
CA LYS A 363 -12.40 -44.86 18.33
C LYS A 363 -11.00 -45.14 17.81
N ASP A 364 -10.02 -45.14 18.70
CA ASP A 364 -8.62 -45.15 18.32
C ASP A 364 -8.15 -46.52 17.85
N LEU A 365 -7.24 -46.51 16.88
CA LEU A 365 -6.55 -47.67 16.35
C LEU A 365 -5.06 -47.50 16.54
N PRO A 366 -4.30 -48.59 16.71
CA PRO A 366 -2.85 -48.46 16.91
C PRO A 366 -2.14 -48.02 15.63
N CYS A 367 -1.31 -46.99 15.75
CA CYS A 367 -0.54 -46.50 14.62
C CYS A 367 0.82 -46.00 15.08
N PRO A 368 1.88 -46.26 14.29
CA PRO A 368 3.24 -45.97 14.76
C PRO A 368 3.62 -44.50 14.74
N GLY A 369 4.87 -44.19 15.04
CA GLY A 369 5.37 -42.83 14.98
C GLY A 369 6.78 -42.81 14.42
N THR A 370 7.09 -41.72 13.72
CA THR A 370 8.31 -41.65 12.91
C THR A 370 9.09 -40.38 13.21
N CYS A 371 10.31 -40.54 13.72
CA CYS A 371 11.26 -39.45 13.85
C CYS A 371 12.19 -39.44 12.64
N ALA A 372 12.39 -38.25 12.07
CA ALA A 372 13.21 -38.12 10.88
C ALA A 372 14.35 -37.14 11.09
N LEU A 373 15.49 -37.44 10.48
CA LEU A 373 16.69 -36.60 10.53
C LEU A 373 17.13 -36.38 9.08
N GLU A 374 16.65 -35.29 8.48
CA GLU A 374 16.78 -35.03 7.06
C GLU A 374 17.65 -33.82 6.82
N GLY A 375 18.22 -33.75 5.61
CA GLY A 375 19.20 -32.73 5.34
C GLY A 375 20.45 -33.03 6.15
N GLY A 376 21.19 -31.98 6.45
CA GLY A 376 22.21 -32.14 7.45
C GLY A 376 21.57 -31.97 8.81
N SER A 377 20.74 -30.95 8.94
CA SER A 377 20.15 -30.56 10.22
C SER A 377 18.69 -30.15 10.04
N HIS A 378 17.78 -31.13 10.06
CA HIS A 378 16.35 -30.86 10.16
C HIS A 378 15.77 -32.05 10.91
N ILE A 379 15.52 -31.89 12.20
CA ILE A 379 14.97 -32.94 13.03
C ILE A 379 13.47 -32.74 13.06
N THR A 380 12.72 -33.81 12.80
CA THR A 380 11.29 -33.86 13.01
C THR A 380 11.03 -34.92 14.07
N THR A 381 10.43 -34.51 15.19
CA THR A 381 10.28 -35.42 16.32
C THR A 381 9.15 -36.40 16.04
N PHE A 382 8.86 -37.27 17.01
CA PHE A 382 7.76 -38.21 16.85
C PHE A 382 6.40 -37.55 16.89
N ASP A 383 6.30 -36.31 17.38
CA ASP A 383 5.03 -35.62 17.60
C ASP A 383 4.92 -34.36 16.77
N GLY A 384 5.39 -34.39 15.54
CA GLY A 384 5.49 -33.19 14.74
C GLY A 384 6.79 -32.49 15.06
N LYS A 385 6.74 -31.18 15.25
CA LYS A 385 7.79 -30.38 15.89
C LYS A 385 9.11 -30.46 15.11
N THR A 386 9.13 -29.80 13.98
CA THR A 386 10.32 -29.73 13.15
C THR A 386 11.22 -28.58 13.61
N TYR A 387 12.53 -28.84 13.68
CA TYR A 387 13.47 -27.79 14.10
C TYR A 387 14.84 -28.04 13.48
N THR A 388 15.65 -26.98 13.47
CA THR A 388 16.97 -26.98 12.85
C THR A 388 18.03 -26.83 13.94
N PHE A 389 19.12 -27.60 13.84
CA PHE A 389 20.07 -27.58 14.95
C PHE A 389 21.50 -27.20 14.60
N HIS A 390 22.16 -27.83 13.62
CA HIS A 390 23.56 -27.56 13.22
C HIS A 390 24.55 -27.81 14.36
N GLY A 391 24.73 -29.09 14.72
CA GLY A 391 25.63 -29.45 15.80
C GLY A 391 27.05 -29.75 15.37
N ASP A 392 27.87 -30.16 16.35
CA ASP A 392 29.17 -30.79 16.09
C ASP A 392 29.52 -31.70 17.27
N CYS A 393 29.01 -32.94 17.24
CA CYS A 393 29.24 -33.95 18.29
C CYS A 393 28.54 -35.27 17.92
N TYR A 394 28.66 -36.28 18.77
CA TYR A 394 27.70 -37.39 18.82
C TYR A 394 26.52 -37.00 19.70
N TYR A 395 25.30 -37.31 19.25
CA TYR A 395 24.09 -36.93 19.95
C TYR A 395 23.18 -38.13 20.13
N VAL A 396 22.47 -38.17 21.26
CA VAL A 396 21.55 -39.26 21.55
C VAL A 396 20.23 -38.95 20.85
N LEU A 397 19.87 -39.76 19.85
CA LEU A 397 18.68 -39.52 19.05
C LEU A 397 17.46 -40.19 19.65
N ALA A 398 17.61 -41.41 20.15
CA ALA A 398 16.55 -42.11 20.88
C ALA A 398 17.21 -43.18 21.73
N LYS A 399 16.74 -43.33 22.97
CA LYS A 399 17.23 -44.39 23.82
C LYS A 399 16.13 -44.81 24.79
N GLY A 400 16.14 -46.10 25.14
CA GLY A 400 15.13 -46.65 26.03
C GLY A 400 15.44 -46.33 27.47
N ASP A 401 14.39 -46.13 28.25
CA ASP A 401 14.55 -45.44 29.53
C ASP A 401 14.85 -46.39 30.68
N HIS A 402 14.62 -47.69 30.50
CA HIS A 402 14.58 -48.61 31.64
C HIS A 402 15.90 -48.78 32.38
N ASN A 403 16.84 -49.53 31.80
CA ASN A 403 18.23 -49.41 32.19
C ASN A 403 19.10 -49.62 30.96
N ASP A 404 18.59 -50.40 30.01
CA ASP A 404 19.41 -50.96 28.95
C ASP A 404 18.91 -50.63 27.56
N SER A 405 17.61 -50.79 27.31
CA SER A 405 17.05 -51.43 26.11
C SER A 405 17.82 -51.19 24.81
N TYR A 406 17.97 -49.93 24.42
CA TYR A 406 18.74 -49.59 23.23
C TYR A 406 19.17 -48.13 23.36
N ALA A 407 19.98 -47.69 22.40
CA ALA A 407 20.37 -46.30 22.27
C ALA A 407 20.80 -46.08 20.83
N LEU A 408 20.26 -45.05 20.20
CA LEU A 408 20.58 -44.73 18.82
C LEU A 408 21.31 -43.40 18.80
N LEU A 409 22.57 -43.42 18.36
CA LEU A 409 23.37 -42.20 18.28
C LEU A 409 23.39 -41.70 16.85
N GLY A 410 24.06 -40.58 16.64
CA GLY A 410 24.22 -40.03 15.30
C GLY A 410 25.13 -38.83 15.29
N GLU A 411 26.08 -38.81 14.36
CA GLU A 411 27.04 -37.72 14.27
C GLU A 411 26.53 -36.63 13.34
N LEU A 412 26.49 -35.41 13.84
CA LEU A 412 26.06 -34.25 13.08
C LEU A 412 27.24 -33.29 13.11
N ALA A 413 28.14 -33.40 12.16
CA ALA A 413 29.38 -32.64 12.13
C ALA A 413 29.39 -31.74 10.90
N PRO A 414 30.23 -30.70 10.89
CA PRO A 414 30.32 -29.87 9.67
C PRO A 414 31.00 -30.63 8.54
N CYS A 415 30.37 -30.56 7.38
CA CYS A 415 30.88 -31.20 6.18
C CYS A 415 31.41 -30.20 5.15
N GLY A 416 30.87 -28.99 5.11
CA GLY A 416 31.32 -27.98 4.18
C GLY A 416 32.40 -27.08 4.73
N SER A 417 32.30 -25.77 4.47
CA SER A 417 33.33 -24.82 4.88
C SER A 417 33.04 -24.22 6.25
N THR A 418 31.90 -23.57 6.40
CA THR A 418 31.54 -22.91 7.65
C THR A 418 31.02 -23.95 8.65
N ASP A 419 30.58 -23.47 9.82
CA ASP A 419 29.97 -24.33 10.81
C ASP A 419 28.49 -24.54 10.56
N LYS A 420 27.88 -23.74 9.69
CA LYS A 420 26.47 -23.82 9.40
C LYS A 420 26.17 -24.77 8.25
N GLN A 421 27.18 -25.45 7.74
CA GLN A 421 27.05 -26.45 6.69
C GLN A 421 27.39 -27.78 7.32
N THR A 422 26.38 -28.40 7.94
CA THR A 422 26.56 -29.66 8.65
C THR A 422 25.90 -30.80 7.90
N CYS A 423 26.30 -32.01 8.27
CA CYS A 423 25.90 -33.23 7.59
C CYS A 423 25.83 -34.36 8.60
N LEU A 424 24.98 -35.35 8.30
CA LEU A 424 24.99 -36.59 9.06
C LEU A 424 26.11 -37.47 8.53
N LYS A 425 26.85 -38.10 9.44
CA LYS A 425 28.03 -38.83 9.02
C LYS A 425 28.08 -40.27 9.50
N THR A 426 27.56 -40.55 10.70
CA THR A 426 27.68 -41.88 11.26
C THR A 426 26.48 -42.15 12.14
N VAL A 427 25.80 -43.26 11.91
CA VAL A 427 24.71 -43.73 12.75
C VAL A 427 25.21 -44.92 13.55
N VAL A 428 25.10 -44.83 14.88
CA VAL A 428 25.57 -45.87 15.79
C VAL A 428 24.37 -46.43 16.54
N LEU A 429 24.23 -47.75 16.54
CA LEU A 429 23.15 -48.43 17.24
C LEU A 429 23.73 -49.32 18.32
N LEU A 430 23.28 -49.13 19.55
CA LEU A 430 23.75 -49.89 20.70
C LEU A 430 22.57 -50.75 21.18
N ALA A 431 22.53 -51.99 20.72
CA ALA A 431 21.40 -52.87 20.97
C ALA A 431 21.83 -54.12 21.70
N ASP A 432 20.82 -54.93 22.06
CA ASP A 432 20.96 -56.23 22.76
C ASP A 432 21.70 -56.07 24.09
N LYS A 433 21.01 -55.34 24.98
CA LYS A 433 21.50 -54.95 26.32
C LYS A 433 22.82 -54.17 26.23
N LYS A 434 22.96 -53.38 25.17
CA LYS A 434 24.06 -52.44 24.93
C LYS A 434 25.42 -53.13 24.86
N LYS A 435 25.45 -54.40 24.46
CA LYS A 435 26.69 -55.12 24.27
C LYS A 435 27.08 -55.27 22.81
N ASN A 436 26.17 -54.98 21.89
CA ASN A 436 26.43 -55.04 20.46
C ASN A 436 26.34 -53.64 19.88
N ALA A 437 27.43 -53.18 19.26
CA ALA A 437 27.48 -51.86 18.64
C ALA A 437 27.50 -52.05 17.13
N VAL A 438 26.56 -51.42 16.44
CA VAL A 438 26.45 -51.47 14.98
C VAL A 438 26.69 -50.07 14.45
N VAL A 439 27.56 -49.94 13.45
CA VAL A 439 28.00 -48.65 12.94
C VAL A 439 27.66 -48.56 11.46
N PHE A 440 27.01 -47.46 11.07
CA PHE A 440 26.57 -47.19 9.70
C PHE A 440 27.35 -45.99 9.19
N LYS A 441 28.48 -46.26 8.54
CA LYS A 441 29.28 -45.18 7.98
C LYS A 441 28.62 -44.64 6.71
N SER A 442 29.06 -43.47 6.28
CA SER A 442 28.47 -42.86 5.08
C SER A 442 29.18 -43.28 3.80
N ASP A 443 29.48 -44.57 3.66
CA ASP A 443 29.90 -45.14 2.38
C ASP A 443 29.43 -46.57 2.25
N GLY A 444 28.30 -46.91 2.83
CA GLY A 444 27.97 -48.30 3.09
C GLY A 444 28.66 -48.73 4.37
N SER A 445 29.43 -49.82 4.28
CA SER A 445 30.44 -50.22 5.28
C SER A 445 29.83 -50.44 6.67
N VAL A 446 28.78 -51.26 6.72
CA VAL A 446 28.20 -51.64 8.00
C VAL A 446 29.20 -52.53 8.73
N LEU A 447 29.48 -52.19 9.98
CA LEU A 447 30.47 -52.95 10.74
C LEU A 447 29.99 -53.17 12.16
N LEU A 448 30.05 -54.43 12.60
CA LEU A 448 29.63 -54.86 13.92
C LEU A 448 30.85 -55.12 14.78
N ASN A 449 30.96 -54.35 15.88
CA ASN A 449 32.05 -54.46 16.87
C ASN A 449 33.42 -54.29 16.21
N GLN A 450 33.55 -53.21 15.44
CA GLN A 450 34.76 -52.82 14.72
C GLN A 450 35.20 -53.86 13.70
N LEU A 451 34.27 -54.62 13.14
CA LEU A 451 34.57 -55.64 12.15
C LEU A 451 33.52 -55.60 11.05
N GLN A 452 33.97 -55.64 9.79
CA GLN A 452 33.07 -55.62 8.64
C GLN A 452 32.14 -56.82 8.62
N VAL A 453 30.90 -56.59 8.21
CA VAL A 453 29.94 -57.67 8.04
C VAL A 453 29.45 -57.69 6.60
N ASN A 454 28.93 -58.84 6.19
CA ASN A 454 28.37 -59.02 4.87
C ASN A 454 26.86 -58.94 4.93
N LEU A 455 26.27 -58.27 3.95
CA LEU A 455 24.82 -58.13 4.04
C LEU A 455 24.13 -59.08 3.09
N PRO A 456 22.98 -59.68 3.44
CA PRO A 456 22.18 -59.57 4.67
C PRO A 456 22.79 -60.24 5.90
N HIS A 457 22.31 -59.84 7.07
CA HIS A 457 22.80 -60.36 8.35
C HIS A 457 21.59 -60.48 9.27
N VAL A 458 21.01 -61.67 9.33
CA VAL A 458 19.80 -61.92 10.10
C VAL A 458 20.17 -62.68 11.37
N THR A 459 19.76 -62.14 12.52
CA THR A 459 20.03 -62.75 13.81
C THR A 459 18.72 -62.99 14.56
N ALA A 460 18.84 -63.30 15.84
CA ALA A 460 17.66 -63.61 16.64
C ALA A 460 16.94 -62.35 17.11
N SER A 461 17.68 -61.28 17.43
CA SER A 461 17.07 -60.07 17.97
C SER A 461 16.98 -58.94 16.98
N PHE A 462 17.78 -58.92 15.92
CA PHE A 462 17.66 -57.90 14.89
C PHE A 462 18.13 -58.48 13.56
N SER A 463 17.96 -57.69 12.50
CA SER A 463 18.40 -58.07 11.17
C SER A 463 18.62 -56.82 10.34
N VAL A 464 19.65 -56.84 9.50
CA VAL A 464 20.04 -55.70 8.68
C VAL A 464 19.96 -56.14 7.22
N PHE A 465 19.26 -55.36 6.39
CA PHE A 465 19.10 -55.67 4.98
C PHE A 465 19.68 -54.56 4.12
N ARG A 466 19.79 -54.82 2.82
CA ARG A 466 20.25 -53.81 1.87
C ARG A 466 19.62 -54.10 0.52
N PRO A 467 18.46 -53.52 0.25
CA PRO A 467 17.71 -53.90 -0.96
C PRO A 467 18.15 -53.17 -2.23
N SER A 468 18.71 -51.97 -2.11
CA SER A 468 18.86 -51.13 -3.29
C SER A 468 20.18 -50.36 -3.36
N SER A 469 21.18 -50.75 -2.55
CA SER A 469 22.57 -50.29 -2.57
C SER A 469 22.77 -48.83 -2.14
N TYR A 470 21.69 -48.07 -1.98
CA TYR A 470 21.67 -46.75 -1.37
C TYR A 470 20.67 -46.70 -0.23
N HIS A 471 20.27 -47.87 0.27
CA HIS A 471 19.23 -47.99 1.27
C HIS A 471 19.58 -49.17 2.15
N ILE A 472 19.56 -48.96 3.46
CA ILE A 472 19.76 -50.02 4.44
C ILE A 472 18.52 -50.06 5.33
N MET A 473 18.00 -51.25 5.56
CA MET A 473 16.80 -51.43 6.38
C MET A 473 17.16 -52.32 7.56
N VAL A 474 16.92 -51.81 8.77
CA VAL A 474 17.24 -52.52 10.00
C VAL A 474 15.96 -52.69 10.80
N SER A 475 15.64 -53.92 11.15
CA SER A 475 14.47 -54.23 11.95
C SER A 475 14.90 -54.87 13.26
N MET A 476 14.23 -54.49 14.34
CA MET A 476 14.52 -55.04 15.66
C MET A 476 13.27 -55.68 16.25
N ALA A 477 13.49 -56.68 17.10
CA ALA A 477 12.39 -57.39 17.76
C ALA A 477 11.77 -56.58 18.88
N ILE A 478 12.43 -55.52 19.33
CA ILE A 478 11.86 -54.67 20.38
C ILE A 478 10.72 -53.83 19.82
N GLY A 479 10.86 -53.36 18.59
CA GLY A 479 9.84 -52.52 17.98
C GLY A 479 10.44 -51.33 17.26
N VAL A 480 11.75 -51.35 17.07
CA VAL A 480 12.48 -50.24 16.48
C VAL A 480 12.85 -50.62 15.05
N ARG A 481 12.57 -49.73 14.11
CA ARG A 481 12.93 -49.94 12.71
C ARG A 481 13.67 -48.72 12.19
N LEU A 482 14.76 -48.98 11.46
CA LEU A 482 15.62 -47.94 10.92
C LEU A 482 15.68 -48.04 9.40
N GLN A 483 15.77 -46.88 8.75
CA GLN A 483 16.04 -46.81 7.31
C GLN A 483 17.11 -45.75 7.08
N VAL A 484 18.28 -46.18 6.64
CA VAL A 484 19.41 -45.29 6.44
C VAL A 484 19.52 -45.01 4.96
N GLN A 485 19.39 -43.74 4.59
CA GLN A 485 19.60 -43.31 3.22
C GLN A 485 21.05 -42.89 3.02
N LEU A 486 21.61 -43.20 1.86
CA LEU A 486 23.02 -42.98 1.60
C LEU A 486 23.32 -42.02 0.46
N ALA A 487 22.39 -41.82 -0.47
CA ALA A 487 22.58 -40.90 -1.58
C ALA A 487 21.29 -40.12 -1.79
N PRO A 488 21.36 -38.83 -2.15
CA PRO A 488 22.51 -37.94 -2.40
C PRO A 488 23.27 -37.54 -1.13
N VAL A 489 22.54 -37.33 -0.04
CA VAL A 489 23.11 -37.06 1.26
C VAL A 489 22.56 -38.08 2.23
N MET A 490 23.27 -38.27 3.34
CA MET A 490 22.90 -39.30 4.30
C MET A 490 21.75 -38.82 5.17
N GLN A 491 20.70 -39.63 5.28
CA GLN A 491 19.52 -39.28 6.06
C GLN A 491 19.08 -40.51 6.84
N LEU A 492 18.23 -40.31 7.85
CA LEU A 492 17.83 -41.38 8.75
C LEU A 492 16.36 -41.25 9.11
N PHE A 493 15.67 -42.39 9.14
CA PHE A 493 14.26 -42.49 9.47
C PHE A 493 14.06 -43.59 10.49
N VAL A 494 13.41 -43.28 11.60
CA VAL A 494 13.26 -44.17 12.75
C VAL A 494 11.77 -44.38 12.97
N THR A 495 11.36 -45.62 13.25
CA THR A 495 9.95 -45.92 13.47
C THR A 495 9.77 -46.73 14.73
N LEU A 496 8.90 -46.26 15.63
CA LEU A 496 8.52 -46.97 16.84
C LEU A 496 7.06 -47.37 16.81
N ASP A 497 6.76 -48.43 17.54
CA ASP A 497 5.36 -48.79 17.77
C ASP A 497 4.72 -47.82 18.75
N GLN A 498 3.41 -47.92 18.87
CA GLN A 498 2.68 -47.07 19.80
C GLN A 498 2.64 -47.69 21.19
N ALA A 499 3.18 -48.89 21.36
CA ALA A 499 3.39 -49.43 22.70
C ALA A 499 4.50 -48.69 23.44
N SER A 500 5.47 -48.14 22.71
CA SER A 500 6.57 -47.38 23.30
C SER A 500 6.24 -45.89 23.36
N GLN A 501 5.07 -45.55 23.88
CA GLN A 501 4.55 -44.20 23.80
C GLN A 501 4.75 -43.53 25.16
N GLY A 502 5.56 -42.48 25.19
CA GLY A 502 5.98 -41.90 26.45
C GLY A 502 7.12 -42.62 27.12
N GLN A 503 7.91 -43.39 26.38
CA GLN A 503 8.96 -44.22 26.94
C GLN A 503 10.27 -44.11 26.17
N VAL A 504 10.51 -42.97 25.51
CA VAL A 504 11.78 -42.71 24.83
C VAL A 504 12.24 -41.30 25.13
N GLN A 505 13.56 -41.10 25.04
CA GLN A 505 14.22 -39.82 25.25
C GLN A 505 15.37 -39.69 24.26
N GLY A 506 15.62 -38.45 23.85
CA GLY A 506 16.65 -38.20 22.85
C GLY A 506 16.39 -36.87 22.17
N LEU A 507 16.92 -36.73 20.96
CA LEU A 507 16.59 -35.58 20.15
C LEU A 507 15.29 -35.75 19.38
N CYS A 508 14.63 -36.90 19.52
CA CYS A 508 13.37 -37.17 18.86
C CYS A 508 12.17 -36.94 19.78
N GLY A 509 12.37 -36.42 20.97
CA GLY A 509 11.27 -36.15 21.87
C GLY A 509 10.88 -37.36 22.68
N ASN A 510 9.73 -37.26 23.32
CA ASN A 510 9.26 -38.33 24.19
C ASN A 510 8.03 -39.07 23.69
N PHE A 511 7.37 -38.59 22.62
CA PHE A 511 6.29 -39.30 21.92
C PHE A 511 5.12 -39.59 22.88
N ASN A 512 4.43 -38.51 23.25
CA ASN A 512 3.29 -38.57 24.15
C ASN A 512 2.03 -37.86 23.64
N GLY A 513 2.05 -37.32 22.41
CA GLY A 513 0.91 -36.65 21.84
C GLY A 513 1.01 -35.15 21.81
N LEU A 514 1.58 -34.54 22.85
CA LEU A 514 1.84 -33.11 22.91
C LEU A 514 3.20 -32.81 22.30
N GLU A 515 3.32 -31.70 21.59
CA GLU A 515 4.61 -31.28 21.05
C GLU A 515 5.14 -30.04 21.75
N GLY A 516 4.46 -29.57 22.80
CA GLY A 516 4.98 -28.46 23.57
C GLY A 516 6.09 -28.87 24.52
N ASP A 517 6.12 -30.14 24.91
CA ASP A 517 7.13 -30.64 25.83
C ASP A 517 8.19 -31.49 25.16
N ASP A 518 8.42 -31.32 23.85
CA ASP A 518 9.50 -32.07 23.25
C ASP A 518 10.85 -31.47 23.58
N PHE A 519 10.92 -30.16 23.86
CA PHE A 519 12.15 -29.53 24.28
C PHE A 519 12.37 -29.61 25.78
N LYS A 520 11.73 -30.57 26.45
CA LYS A 520 11.93 -30.81 27.87
C LYS A 520 13.19 -31.62 28.08
N THR A 521 14.15 -31.06 28.81
CA THR A 521 15.43 -31.73 29.02
C THR A 521 15.28 -32.84 30.04
N ALA A 522 16.36 -33.59 30.23
CA ALA A 522 16.39 -34.73 31.15
C ALA A 522 16.64 -34.33 32.58
N SER A 523 16.51 -33.05 32.90
CA SER A 523 16.72 -32.53 34.23
C SER A 523 15.66 -31.49 34.55
N GLY A 524 14.40 -31.82 34.28
CA GLY A 524 13.36 -30.87 34.58
C GLY A 524 12.67 -30.19 33.42
N LEU A 525 13.13 -28.97 33.11
CA LEU A 525 12.30 -27.95 32.50
C LEU A 525 12.45 -27.89 30.99
N VAL A 526 11.41 -27.35 30.35
CA VAL A 526 11.36 -27.17 28.90
C VAL A 526 12.24 -25.99 28.50
N GLU A 527 13.09 -26.20 27.50
CA GLU A 527 13.90 -25.14 26.93
C GLU A 527 13.13 -24.42 25.84
N ALA A 528 13.68 -23.28 25.41
CA ALA A 528 13.00 -22.42 24.44
C ALA A 528 13.40 -22.70 23.01
N THR A 529 14.69 -22.86 22.77
CA THR A 529 15.23 -23.01 21.44
C THR A 529 15.75 -24.42 21.24
N GLY A 530 15.87 -24.80 19.97
CA GLY A 530 16.29 -26.16 19.63
C GLY A 530 17.73 -26.44 19.95
N ALA A 531 18.61 -25.44 19.83
CA ALA A 531 20.02 -25.62 20.14
C ALA A 531 20.32 -25.54 21.62
N GLY A 532 19.36 -25.18 22.46
CA GLY A 532 19.56 -25.21 23.90
C GLY A 532 19.09 -26.51 24.49
N PHE A 533 18.03 -27.07 23.92
CA PHE A 533 17.60 -28.42 24.25
C PHE A 533 18.62 -29.46 23.86
N ALA A 534 19.22 -29.33 22.69
CA ALA A 534 19.99 -30.41 22.10
C ALA A 534 21.43 -30.44 22.57
N ASN A 535 21.88 -29.44 23.30
CA ASN A 535 23.20 -29.50 23.92
C ASN A 535 23.19 -30.31 25.20
N THR A 536 22.02 -30.71 25.67
CA THR A 536 21.90 -31.59 26.80
C THR A 536 21.96 -33.05 26.41
N TRP A 537 21.98 -33.35 25.11
CA TRP A 537 22.03 -34.72 24.62
C TRP A 537 23.32 -35.01 23.87
N LYS A 538 24.40 -34.30 24.21
CA LYS A 538 25.72 -34.64 23.70
C LYS A 538 26.14 -35.98 24.29
N ALA A 539 26.66 -36.86 23.44
CA ALA A 539 27.16 -38.15 23.90
C ALA A 539 28.62 -38.08 24.31
N GLN A 540 29.26 -36.94 24.14
CA GLN A 540 30.65 -36.73 24.53
C GLN A 540 30.73 -35.45 25.35
N SER A 541 31.48 -35.48 26.44
CA SER A 541 31.56 -34.34 27.34
C SER A 541 32.43 -33.22 26.80
N THR A 542 33.35 -33.51 25.88
CA THR A 542 34.30 -32.53 25.38
C THR A 542 33.81 -31.81 24.14
N CYS A 543 32.52 -31.88 23.84
CA CYS A 543 31.96 -31.17 22.70
C CYS A 543 31.58 -29.76 23.12
N HIS A 544 31.75 -28.81 22.22
CA HIS A 544 31.38 -27.43 22.53
C HIS A 544 29.87 -27.26 22.40
N ASP A 545 29.37 -26.18 23.00
CA ASP A 545 27.95 -25.88 22.94
C ASP A 545 27.64 -25.09 21.69
N LYS A 546 26.54 -25.44 21.03
CA LYS A 546 26.12 -24.76 19.82
C LYS A 546 24.95 -23.84 20.11
N LEU A 547 24.71 -22.92 19.19
CA LEU A 547 23.76 -21.85 19.39
C LEU A 547 22.95 -21.70 18.11
N ASP A 548 21.80 -21.02 18.19
CA ASP A 548 20.97 -20.85 17.00
C ASP A 548 21.59 -19.88 16.02
N TRP A 549 20.87 -19.67 14.93
CA TRP A 549 21.37 -18.90 13.81
C TRP A 549 20.15 -18.26 13.15
N LEU A 550 19.98 -16.96 13.40
CA LEU A 550 18.78 -16.25 12.97
C LEU A 550 19.03 -15.52 11.66
N ASP A 551 19.46 -16.30 10.67
CA ASP A 551 19.74 -15.82 9.33
C ASP A 551 19.08 -16.73 8.32
N ASP A 552 18.83 -16.20 7.14
CA ASP A 552 18.51 -17.18 6.12
C ASP A 552 19.64 -17.29 5.10
N PRO A 553 19.91 -18.50 4.60
CA PRO A 553 21.02 -18.66 3.66
C PRO A 553 20.76 -18.08 2.28
N CYS A 554 19.50 -17.83 1.92
CA CYS A 554 19.22 -17.30 0.59
C CYS A 554 19.39 -15.79 0.50
N SER A 555 19.76 -15.13 1.58
CA SER A 555 20.18 -13.74 1.54
C SER A 555 21.68 -13.58 1.55
N LEU A 556 22.39 -14.52 2.17
CA LEU A 556 23.85 -14.50 2.22
C LEU A 556 24.49 -14.92 0.90
N ASN A 557 23.72 -15.54 0.00
CA ASN A 557 24.24 -16.01 -1.28
C ASN A 557 23.25 -15.61 -2.36
N ILE A 558 23.69 -14.71 -3.25
CA ILE A 558 22.80 -14.21 -4.28
C ILE A 558 22.81 -15.12 -5.51
N GLU A 559 23.89 -15.88 -5.72
CA GLU A 559 23.98 -16.77 -6.87
C GLU A 559 23.22 -18.07 -6.65
N SER A 560 23.03 -18.48 -5.40
CA SER A 560 22.32 -19.71 -5.10
C SER A 560 20.82 -19.50 -4.94
N ALA A 561 20.37 -18.25 -4.79
CA ALA A 561 18.99 -17.97 -4.44
C ALA A 561 18.07 -17.86 -5.65
N ASN A 562 18.63 -17.81 -6.86
CA ASN A 562 17.81 -17.90 -8.07
C ASN A 562 17.67 -19.35 -8.50
N TYR A 563 18.74 -20.13 -8.31
CA TYR A 563 18.70 -21.57 -8.54
C TYR A 563 17.76 -22.25 -7.56
N ALA A 564 17.69 -21.75 -6.33
CA ALA A 564 16.80 -22.33 -5.33
C ALA A 564 15.35 -21.99 -5.63
N GLU A 565 15.10 -20.80 -6.16
CA GLU A 565 13.73 -20.38 -6.42
C GLU A 565 13.13 -21.10 -7.63
N HIS A 566 13.94 -21.34 -8.66
CA HIS A 566 13.42 -21.92 -9.89
C HIS A 566 13.05 -23.38 -9.73
N TRP A 567 13.84 -24.13 -8.96
CA TRP A 567 13.65 -25.57 -8.89
C TRP A 567 12.82 -26.02 -7.70
N CYS A 568 12.86 -25.32 -6.57
CA CYS A 568 12.00 -25.68 -5.46
C CYS A 568 10.57 -25.22 -5.66
N SER A 569 10.31 -24.33 -6.63
CA SER A 569 8.95 -23.93 -6.95
C SER A 569 8.15 -25.04 -7.63
N LEU A 570 8.82 -26.09 -8.10
CA LEU A 570 8.13 -27.23 -8.70
C LEU A 570 7.31 -28.01 -7.68
N LEU A 571 7.61 -27.87 -6.39
CA LEU A 571 6.78 -28.46 -5.35
C LEU A 571 5.43 -27.77 -5.22
N LYS A 572 5.29 -26.56 -5.75
CA LYS A 572 4.08 -25.76 -5.58
C LYS A 572 3.24 -25.62 -6.84
N LYS A 573 3.81 -25.78 -8.02
CA LYS A 573 3.05 -25.64 -9.25
C LYS A 573 2.47 -26.98 -9.67
N THR A 574 1.31 -26.94 -10.33
CA THR A 574 0.46 -28.11 -10.55
C THR A 574 0.66 -28.77 -11.90
N GLU A 575 1.47 -28.19 -12.80
CA GLU A 575 1.74 -28.85 -14.07
C GLU A 575 2.72 -30.02 -13.91
N THR A 576 3.47 -30.03 -12.83
CA THR A 576 4.48 -31.04 -12.55
C THR A 576 3.81 -32.27 -11.93
N PRO A 577 4.55 -33.44 -11.82
CA PRO A 577 4.03 -34.56 -11.02
C PRO A 577 4.25 -34.41 -9.51
N PHE A 578 4.00 -33.20 -9.00
CA PHE A 578 3.94 -32.95 -7.58
C PHE A 578 2.60 -32.38 -7.17
N GLY A 579 1.76 -31.95 -8.12
CA GLY A 579 0.43 -31.47 -7.82
C GLY A 579 -0.55 -32.56 -7.48
N ARG A 580 -0.21 -33.82 -7.78
CA ARG A 580 -1.01 -34.96 -7.34
C ARG A 580 -1.00 -35.12 -5.84
N CYS A 581 0.06 -34.68 -5.16
CA CYS A 581 0.16 -34.78 -3.72
C CYS A 581 -0.40 -33.58 -2.98
N HIS A 582 -0.79 -32.52 -3.69
CA HIS A 582 -1.24 -31.29 -3.05
C HIS A 582 -2.55 -31.46 -2.30
N SER A 583 -3.31 -32.51 -2.60
CA SER A 583 -4.54 -32.79 -1.87
C SER A 583 -4.29 -33.53 -0.55
N ALA A 584 -3.05 -33.92 -0.28
CA ALA A 584 -2.78 -34.73 0.91
C ALA A 584 -1.67 -34.17 1.78
N VAL A 585 -0.62 -33.59 1.19
CA VAL A 585 0.62 -33.35 1.91
C VAL A 585 0.85 -31.87 2.24
N ASP A 586 0.32 -30.93 1.41
CA ASP A 586 0.40 -29.47 1.59
C ASP A 586 1.85 -29.00 1.57
N PRO A 587 2.45 -28.79 0.40
CA PRO A 587 3.90 -28.60 0.28
C PRO A 587 4.48 -27.30 0.81
N ALA A 588 3.71 -26.49 1.53
CA ALA A 588 4.16 -25.15 1.91
C ALA A 588 5.31 -25.17 2.91
N GLU A 589 5.50 -26.26 3.64
CA GLU A 589 6.61 -26.38 4.56
C GLU A 589 7.79 -27.15 3.99
N TYR A 590 7.58 -27.94 2.94
CA TYR A 590 8.71 -28.55 2.23
C TYR A 590 9.39 -27.54 1.33
N TYR A 591 8.61 -26.58 0.81
CA TYR A 591 9.16 -25.51 -0.02
C TYR A 591 10.11 -24.62 0.77
N LYS A 592 9.80 -24.38 2.05
CA LYS A 592 10.64 -23.51 2.87
C LYS A 592 11.95 -24.17 3.23
N ARG A 593 11.96 -25.48 3.40
CA ARG A 593 13.18 -26.22 3.69
CA ARG A 593 13.20 -26.18 3.70
C ARG A 593 13.99 -26.50 2.43
N CYS A 594 13.31 -26.63 1.29
CA CYS A 594 14.00 -26.85 0.02
C CYS A 594 14.85 -25.63 -0.33
N LYS A 595 14.32 -24.44 -0.10
CA LYS A 595 15.12 -23.23 -0.30
C LYS A 595 16.21 -23.11 0.74
N TYR A 596 15.99 -23.63 1.95
CA TYR A 596 16.97 -23.51 3.02
C TYR A 596 18.23 -24.30 2.69
N ASP A 597 18.06 -25.59 2.40
CA ASP A 597 19.18 -26.48 2.14
C ASP A 597 19.87 -26.19 0.82
N THR A 598 19.14 -25.70 -0.19
CA THR A 598 19.76 -25.42 -1.48
C THR A 598 20.69 -24.21 -1.39
N CYS A 599 20.26 -23.15 -0.72
CA CYS A 599 21.10 -21.98 -0.56
C CYS A 599 22.24 -22.19 0.43
N ASN A 600 22.18 -23.23 1.28
CA ASN A 600 23.14 -23.34 2.37
C ASN A 600 24.31 -24.25 2.04
N CYS A 601 24.07 -25.41 1.43
CA CYS A 601 25.15 -26.37 1.29
C CYS A 601 26.02 -26.04 0.08
N GLN A 602 27.17 -26.70 0.01
CA GLN A 602 28.16 -26.38 -1.02
C GLN A 602 27.90 -27.11 -2.34
N ASN A 603 27.27 -28.28 -2.29
CA ASN A 603 26.86 -28.99 -3.50
C ASN A 603 25.35 -28.85 -3.58
N ASN A 604 24.89 -27.87 -4.34
CA ASN A 604 23.51 -27.41 -4.28
C ASN A 604 22.53 -28.38 -4.92
N GLU A 605 22.98 -29.23 -5.84
CA GLU A 605 22.06 -30.16 -6.48
C GLU A 605 21.79 -31.37 -5.61
N ASP A 606 22.75 -31.78 -4.79
CA ASP A 606 22.53 -32.88 -3.86
C ASP A 606 21.60 -32.50 -2.72
N CYS A 607 21.44 -31.21 -2.44
CA CYS A 607 20.49 -30.76 -1.45
C CYS A 607 19.13 -30.46 -2.05
N LEU A 608 19.11 -30.11 -3.33
CA LEU A 608 17.84 -30.02 -4.06
C LEU A 608 17.21 -31.39 -4.20
N CYS A 609 17.96 -32.37 -4.71
CA CYS A 609 17.40 -33.69 -4.99
C CYS A 609 17.12 -34.49 -3.73
N ALA A 610 17.74 -34.13 -2.60
CA ALA A 610 17.38 -34.76 -1.35
C ALA A 610 16.10 -34.19 -0.77
N ALA A 611 15.84 -32.90 -0.98
CA ALA A 611 14.64 -32.26 -0.48
C ALA A 611 13.44 -32.49 -1.38
N LEU A 612 13.67 -32.81 -2.66
CA LEU A 612 12.58 -33.22 -3.54
C LEU A 612 12.23 -34.68 -3.35
N SER A 613 13.19 -35.50 -2.93
CA SER A 613 12.93 -36.90 -2.64
C SER A 613 12.39 -37.12 -1.23
N SER A 614 12.22 -36.05 -0.44
CA SER A 614 11.58 -36.17 0.87
C SER A 614 10.14 -35.72 0.85
N TYR A 615 9.75 -34.89 -0.12
CA TYR A 615 8.33 -34.67 -0.36
C TYR A 615 7.70 -35.89 -1.00
N ALA A 616 8.41 -36.50 -1.96
CA ALA A 616 7.94 -37.71 -2.59
C ALA A 616 7.94 -38.90 -1.64
N ARG A 617 8.83 -38.89 -0.64
CA ARG A 617 8.82 -39.96 0.36
C ARG A 617 7.60 -39.83 1.27
N ALA A 618 7.35 -38.64 1.77
CA ALA A 618 6.24 -38.41 2.69
C ALA A 618 4.89 -38.30 2.00
N CYS A 619 4.86 -38.41 0.67
CA CYS A 619 3.59 -38.53 -0.04
C CYS A 619 3.21 -39.98 -0.30
N THR A 620 4.18 -40.86 -0.52
CA THR A 620 3.90 -42.30 -0.62
C THR A 620 3.47 -42.89 0.71
N ALA A 621 3.73 -42.21 1.83
CA ALA A 621 3.25 -42.67 3.12
C ALA A 621 1.75 -42.48 3.30
N LYS A 622 1.10 -41.70 2.44
CA LYS A 622 -0.33 -41.52 2.47
C LYS A 622 -0.97 -41.97 1.17
N GLY A 623 -0.52 -43.11 0.65
CA GLY A 623 -1.17 -43.74 -0.48
C GLY A 623 -0.74 -43.26 -1.84
N VAL A 624 -0.65 -41.94 -2.03
CA VAL A 624 -0.35 -41.37 -3.34
C VAL A 624 1.13 -41.58 -3.64
N MET A 625 1.42 -42.52 -4.52
CA MET A 625 2.79 -42.80 -4.92
C MET A 625 3.09 -42.08 -6.23
N LEU A 626 4.24 -41.43 -6.31
CA LEU A 626 4.61 -40.64 -7.48
C LEU A 626 5.44 -41.51 -8.41
N TRP A 627 4.76 -42.19 -9.33
CA TRP A 627 5.46 -42.91 -10.39
C TRP A 627 6.03 -41.91 -11.38
N GLY A 628 7.36 -41.82 -11.45
CA GLY A 628 8.01 -41.03 -12.46
C GLY A 628 8.08 -39.55 -12.20
N TRP A 629 8.54 -39.15 -11.02
CA TRP A 629 8.80 -37.74 -10.75
C TRP A 629 10.22 -37.33 -11.14
N ARG A 630 11.08 -38.30 -11.45
CA ARG A 630 12.46 -38.05 -11.86
C ARG A 630 12.54 -38.15 -13.38
N GLU A 631 12.12 -37.10 -14.07
CA GLU A 631 12.32 -37.05 -15.52
C GLU A 631 12.93 -35.76 -16.00
N HIS A 632 12.81 -34.67 -15.24
CA HIS A 632 13.36 -33.38 -15.62
C HIS A 632 14.31 -32.81 -14.59
N VAL A 633 14.32 -33.34 -13.37
CA VAL A 633 14.88 -32.64 -12.22
C VAL A 633 16.10 -33.36 -11.65
N CYS A 634 16.02 -34.67 -11.43
CA CYS A 634 17.07 -35.38 -10.72
C CYS A 634 17.36 -36.71 -11.39
N ASN A 635 17.42 -36.71 -12.71
CA ASN A 635 17.56 -37.93 -13.49
C ASN A 635 19.00 -38.20 -13.92
N LYS A 636 19.96 -37.84 -13.08
CA LYS A 636 21.37 -38.09 -13.39
C LYS A 636 21.81 -39.49 -13.01
N ASP A 637 20.89 -40.33 -12.54
CA ASP A 637 21.22 -41.73 -12.23
C ASP A 637 20.13 -42.69 -12.69
N VAL A 638 19.13 -42.23 -13.45
CA VAL A 638 18.04 -43.10 -13.85
C VAL A 638 18.49 -44.06 -14.94
N GLY A 639 19.11 -43.55 -15.99
CA GLY A 639 19.56 -44.37 -17.09
C GLY A 639 20.82 -45.16 -16.88
N SER A 640 21.42 -45.10 -15.69
CA SER A 640 22.67 -45.78 -15.41
C SER A 640 22.48 -47.15 -14.78
N CYS A 641 21.26 -47.69 -14.81
CA CYS A 641 21.03 -49.04 -14.34
C CYS A 641 21.64 -50.05 -15.33
N PRO A 642 21.98 -51.26 -14.87
CA PRO A 642 22.56 -52.27 -15.79
C PRO A 642 21.61 -52.80 -16.85
N ASN A 643 22.10 -53.81 -17.58
CA ASN A 643 21.53 -54.18 -18.89
C ASN A 643 20.12 -54.72 -18.81
N SER A 644 19.83 -55.58 -17.82
CA SER A 644 18.51 -56.21 -17.73
C SER A 644 17.57 -55.47 -16.79
N GLN A 645 18.09 -54.88 -15.72
CA GLN A 645 17.27 -54.26 -14.70
C GLN A 645 17.12 -52.76 -14.93
N VAL A 646 15.96 -52.23 -14.54
CA VAL A 646 15.58 -50.86 -14.85
C VAL A 646 15.40 -50.07 -13.57
N PHE A 647 15.04 -48.79 -13.70
CA PHE A 647 14.85 -47.92 -12.55
C PHE A 647 13.41 -48.06 -12.06
N LEU A 648 13.24 -48.34 -10.77
CA LEU A 648 11.93 -48.53 -10.17
C LEU A 648 11.64 -47.48 -9.12
N TYR A 649 10.37 -47.34 -8.78
CA TYR A 649 9.91 -46.47 -7.71
C TYR A 649 9.24 -47.22 -6.58
N ASN A 650 9.18 -48.54 -6.64
CA ASN A 650 8.51 -49.35 -5.63
C ASN A 650 9.33 -50.58 -5.30
N LEU A 651 10.63 -50.40 -5.12
CA LEU A 651 11.52 -51.50 -4.78
C LEU A 651 11.38 -51.80 -3.30
N THR A 652 11.21 -53.07 -2.97
CA THR A 652 10.93 -53.51 -1.60
C THR A 652 11.90 -54.66 -1.31
N THR A 653 11.98 -55.08 -0.05
CA THR A 653 12.89 -56.14 0.36
C THR A 653 12.55 -57.47 -0.31
N CYS A 654 11.27 -57.83 -0.34
CA CYS A 654 10.85 -59.15 -0.83
C CYS A 654 10.55 -59.14 -2.33
N GLN A 655 11.52 -58.66 -3.09
CA GLN A 655 11.60 -58.86 -4.54
C GLN A 655 12.98 -59.42 -4.90
N GLN A 656 13.58 -60.14 -3.95
CA GLN A 656 14.97 -60.59 -4.02
C GLN A 656 15.15 -61.83 -4.88
N THR A 657 16.30 -62.48 -4.74
CA THR A 657 16.67 -63.62 -5.55
C THR A 657 15.84 -64.85 -5.17
N CYS A 658 16.11 -65.96 -5.85
CA CYS A 658 15.50 -67.23 -5.51
C CYS A 658 16.10 -67.86 -4.26
N ARG A 659 17.24 -67.33 -3.78
CA ARG A 659 17.72 -67.72 -2.45
C ARG A 659 16.80 -67.21 -1.35
N SER A 660 16.12 -66.08 -1.59
CA SER A 660 15.08 -65.63 -0.67
C SER A 660 13.86 -66.52 -0.75
N LEU A 661 13.63 -67.16 -1.90
CA LEU A 661 12.53 -68.12 -2.02
C LEU A 661 12.84 -69.43 -1.31
N SER A 662 14.11 -69.71 -1.00
CA SER A 662 14.45 -70.92 -0.27
C SER A 662 13.98 -70.85 1.17
N GLU A 663 14.11 -69.68 1.80
CA GLU A 663 13.57 -69.49 3.15
C GLU A 663 12.08 -69.14 3.08
N ALA A 664 11.76 -68.01 2.44
CA ALA A 664 10.43 -67.54 2.06
C ALA A 664 9.51 -67.18 3.25
N ASP A 665 9.96 -67.44 4.48
CA ASP A 665 9.25 -66.99 5.66
C ASP A 665 10.20 -66.52 6.76
N SER A 666 11.50 -66.50 6.51
CA SER A 666 12.49 -66.15 7.52
C SER A 666 12.85 -64.68 7.50
N HIS A 667 13.13 -64.11 6.32
CA HIS A 667 13.50 -62.71 6.20
C HIS A 667 12.69 -62.04 5.08
N CYS A 668 11.54 -61.49 5.45
CA CYS A 668 10.79 -60.63 4.54
C CYS A 668 10.59 -59.23 5.11
N LEU A 669 10.25 -59.14 6.41
CA LEU A 669 10.24 -57.91 7.20
C LEU A 669 9.27 -56.86 6.62
N GLU A 670 7.99 -57.19 6.70
CA GLU A 670 6.97 -56.23 6.32
C GLU A 670 6.89 -55.10 7.34
N GLY A 671 6.43 -53.94 6.87
CA GLY A 671 6.30 -52.76 7.71
C GLY A 671 7.15 -51.58 7.29
N PHE A 672 7.99 -51.71 6.27
CA PHE A 672 8.85 -50.62 5.83
C PHE A 672 8.16 -49.85 4.71
N ALA A 673 8.89 -48.94 4.09
CA ALA A 673 8.43 -48.12 2.98
C ALA A 673 9.19 -48.49 1.70
N PRO A 674 8.55 -48.40 0.53
CA PRO A 674 9.26 -48.70 -0.71
C PRO A 674 10.18 -47.56 -1.13
N VAL A 675 11.31 -47.94 -1.73
CA VAL A 675 12.38 -47.02 -2.11
C VAL A 675 12.63 -47.15 -3.60
N ASP A 676 13.38 -46.19 -4.14
CA ASP A 676 13.60 -46.09 -5.58
C ASP A 676 15.04 -46.39 -5.95
N GLY A 677 15.25 -47.46 -6.71
CA GLY A 677 16.56 -47.84 -7.17
C GLY A 677 16.45 -48.76 -8.37
N CYS A 678 17.61 -49.30 -8.77
CA CYS A 678 17.67 -50.18 -9.92
C CYS A 678 17.14 -51.56 -9.55
N GLY A 679 16.23 -52.09 -10.38
CA GLY A 679 15.63 -53.39 -10.10
C GLY A 679 14.98 -53.98 -11.34
N CYS A 680 14.52 -55.22 -11.18
CA CYS A 680 13.95 -56.00 -12.26
C CYS A 680 12.44 -55.86 -12.31
N PRO A 681 11.80 -56.06 -13.49
CA PRO A 681 10.34 -55.89 -13.60
C PRO A 681 9.50 -56.96 -12.92
N ASP A 682 8.20 -56.97 -13.22
CA ASP A 682 7.18 -57.79 -12.57
C ASP A 682 7.50 -59.29 -12.53
N HIS A 683 8.34 -59.78 -13.43
CA HIS A 683 8.81 -61.16 -13.39
C HIS A 683 10.32 -61.15 -13.56
N THR A 684 10.90 -62.32 -13.87
CA THR A 684 12.34 -62.52 -14.08
C THR A 684 13.15 -62.10 -12.86
N PHE A 685 12.99 -62.89 -11.79
CA PHE A 685 13.65 -62.64 -10.52
C PHE A 685 15.18 -62.69 -10.64
N LEU A 686 15.84 -62.13 -9.64
CA LEU A 686 17.28 -61.88 -9.71
C LEU A 686 18.07 -63.18 -9.53
N ASP A 687 19.11 -63.34 -10.34
CA ASP A 687 19.97 -64.51 -10.30
C ASP A 687 21.04 -64.34 -9.23
N GLU A 688 22.05 -65.21 -9.24
CA GLU A 688 23.11 -65.13 -8.24
C GLU A 688 24.04 -63.96 -8.51
N LYS A 689 24.26 -63.61 -9.78
CA LYS A 689 25.15 -62.51 -10.12
C LYS A 689 24.77 -61.99 -11.51
N GLY A 690 24.84 -60.68 -11.68
CA GLY A 690 24.64 -60.07 -12.98
C GLY A 690 23.18 -59.80 -13.32
N ARG A 691 22.78 -60.21 -14.52
CA ARG A 691 21.43 -59.96 -15.00
C ARG A 691 20.43 -60.87 -14.28
N CYS A 692 19.15 -60.53 -14.42
CA CYS A 692 18.08 -61.32 -13.83
C CYS A 692 17.40 -62.15 -14.91
N VAL A 693 17.64 -63.46 -14.88
CA VAL A 693 17.10 -64.44 -15.79
C VAL A 693 15.64 -64.70 -15.44
N PRO A 694 14.80 -65.28 -16.32
CA PRO A 694 13.42 -65.59 -15.91
C PRO A 694 13.29 -66.71 -14.88
N LEU A 695 12.03 -67.03 -14.54
CA LEU A 695 11.75 -67.87 -13.38
C LEU A 695 12.15 -69.32 -13.60
N ALA A 696 12.21 -69.77 -14.85
CA ALA A 696 12.43 -71.19 -15.14
C ALA A 696 13.85 -71.62 -14.81
N LYS A 697 14.84 -70.80 -15.15
CA LYS A 697 16.24 -71.13 -14.93
C LYS A 697 16.90 -70.16 -13.96
N CYS A 698 16.20 -69.82 -12.87
CA CYS A 698 16.72 -68.87 -11.88
C CYS A 698 17.95 -69.37 -11.16
N SER A 699 17.77 -70.37 -10.27
CA SER A 699 18.81 -70.96 -9.43
C SER A 699 18.15 -72.05 -8.61
N CYS A 700 18.99 -72.80 -7.88
CA CYS A 700 18.54 -73.69 -6.81
C CYS A 700 19.55 -73.55 -5.67
N TYR A 701 19.13 -72.87 -4.61
CA TYR A 701 20.01 -72.59 -3.48
C TYR A 701 20.05 -73.75 -2.51
N GLY A 704 24.09 -74.14 2.15
CA GLY A 704 24.21 -74.67 0.81
C GLY A 704 24.60 -73.64 -0.22
N LEU A 705 25.14 -74.10 -1.35
CA LEU A 705 25.57 -73.21 -2.42
C LEU A 705 24.50 -73.19 -3.50
N TYR A 706 24.34 -72.02 -4.13
CA TYR A 706 23.33 -71.86 -5.17
C TYR A 706 23.77 -72.56 -6.45
N LEU A 707 23.15 -73.70 -6.74
CA LEU A 707 23.52 -74.50 -7.90
C LEU A 707 22.83 -73.96 -9.15
N GLU A 708 23.34 -74.38 -10.31
CA GLU A 708 22.80 -73.97 -11.59
C GLU A 708 21.57 -74.80 -11.93
N ALA A 709 20.93 -74.48 -13.05
CA ALA A 709 19.69 -75.14 -13.46
C ALA A 709 19.95 -76.35 -14.34
N GLY A 710 20.84 -77.24 -13.88
CA GLY A 710 21.10 -78.49 -14.57
C GLY A 710 21.43 -79.62 -13.60
N ASP A 711 21.27 -79.36 -12.31
CA ASP A 711 21.73 -80.28 -11.28
C ASP A 711 20.56 -81.10 -10.73
N VAL A 712 20.83 -82.38 -10.49
CA VAL A 712 19.86 -83.30 -9.90
C VAL A 712 20.46 -83.85 -8.61
N VAL A 713 19.71 -83.75 -7.53
CA VAL A 713 20.17 -84.22 -6.23
C VAL A 713 20.13 -85.75 -6.14
N ARG A 719 16.77 -87.23 -4.82
CA ARG A 719 16.44 -86.96 -6.22
C ARG A 719 15.59 -85.70 -6.33
N CYS A 720 16.26 -84.56 -6.55
CA CYS A 720 15.59 -83.27 -6.69
C CYS A 720 16.15 -82.57 -7.93
N VAL A 721 15.36 -82.55 -9.00
CA VAL A 721 15.75 -81.84 -10.21
C VAL A 721 15.60 -80.34 -9.97
N CYS A 722 16.62 -79.58 -10.35
CA CYS A 722 16.59 -78.12 -10.20
C CYS A 722 15.55 -77.54 -11.15
N ARG A 723 14.58 -76.81 -10.58
CA ARG A 723 13.44 -76.34 -11.36
C ARG A 723 13.14 -74.87 -11.07
N ASP A 724 11.98 -74.41 -11.52
CA ASP A 724 11.61 -73.00 -11.42
C ASP A 724 11.29 -72.65 -9.97
N GLY A 725 12.25 -72.06 -9.27
CA GLY A 725 12.03 -71.59 -7.91
C GLY A 725 12.05 -72.69 -6.88
N ARG A 726 11.00 -73.51 -6.87
CA ARG A 726 10.85 -74.59 -5.90
C ARG A 726 11.58 -75.84 -6.38
N LEU A 727 11.80 -76.76 -5.44
CA LEU A 727 12.46 -78.03 -5.72
C LEU A 727 11.49 -79.18 -5.48
N HIS A 728 11.65 -80.23 -6.29
CA HIS A 728 10.80 -81.42 -6.17
C HIS A 728 11.47 -82.38 -5.18
N CYS A 729 11.36 -82.03 -3.91
CA CYS A 729 11.95 -82.83 -2.84
C CYS A 729 10.87 -83.41 -1.93
N ASN B 15 43.44 2.27 0.34
CA ASN B 15 44.17 2.40 -0.92
C ASN B 15 43.37 1.81 -2.08
N VAL B 16 44.09 1.34 -3.11
CA VAL B 16 43.50 0.98 -4.39
C VAL B 16 43.91 -0.43 -4.76
N CYS B 17 42.92 -1.28 -5.06
CA CYS B 17 43.12 -2.51 -5.81
C CYS B 17 42.79 -2.27 -7.28
N SER B 18 43.39 -3.06 -8.16
CA SER B 18 43.22 -2.82 -9.59
C SER B 18 43.54 -4.06 -10.39
N THR B 19 42.76 -4.28 -11.46
CA THR B 19 43.12 -5.23 -12.50
C THR B 19 43.02 -4.54 -13.85
N TRP B 20 43.80 -5.02 -14.82
CA TRP B 20 43.84 -4.39 -16.13
C TRP B 20 44.42 -5.40 -17.13
N GLY B 21 44.59 -4.93 -18.36
CA GLY B 21 45.48 -5.52 -19.35
C GLY B 21 45.21 -6.98 -19.70
N ASN B 22 46.30 -7.73 -19.82
CA ASN B 22 46.25 -9.16 -20.08
C ASN B 22 46.44 -9.89 -18.75
N PHE B 23 45.36 -9.88 -17.95
CA PHE B 23 45.23 -10.60 -16.68
C PHE B 23 46.22 -10.14 -15.63
N HIS B 24 46.55 -8.85 -15.57
CA HIS B 24 47.41 -8.32 -14.52
C HIS B 24 46.57 -7.87 -13.34
N TYR B 25 47.04 -8.17 -12.14
CA TYR B 25 46.38 -7.77 -10.90
C TYR B 25 47.32 -6.95 -10.04
N LYS B 26 46.76 -6.32 -9.02
CA LYS B 26 47.53 -5.48 -8.10
C LYS B 26 46.73 -5.33 -6.83
N THR B 27 47.25 -5.84 -5.72
CA THR B 27 46.49 -5.87 -4.48
C THR B 27 46.48 -4.49 -3.83
N PHE B 28 45.88 -4.42 -2.64
CA PHE B 28 45.92 -3.18 -1.86
C PHE B 28 47.31 -2.86 -1.31
N ASP B 29 48.24 -3.81 -1.35
CA ASP B 29 49.58 -3.68 -0.81
C ASP B 29 50.61 -4.04 -1.86
N GLY B 30 50.47 -3.47 -3.05
CA GLY B 30 51.35 -3.83 -4.15
C GLY B 30 50.95 -5.18 -4.71
N ASP B 31 51.93 -6.08 -4.80
CA ASP B 31 51.75 -7.48 -5.21
C ASP B 31 51.14 -7.58 -6.60
N VAL B 32 51.90 -7.14 -7.59
CA VAL B 32 51.51 -7.29 -8.98
C VAL B 32 51.83 -8.71 -9.43
N PHE B 33 50.81 -9.43 -9.91
CA PHE B 33 50.98 -10.78 -10.41
C PHE B 33 50.12 -10.95 -11.66
N ARG B 34 49.97 -12.18 -12.11
CA ARG B 34 49.25 -12.46 -13.36
C ARG B 34 48.53 -13.78 -13.22
N PHE B 35 47.19 -13.73 -13.19
CA PHE B 35 46.36 -14.92 -13.00
C PHE B 35 45.38 -15.06 -14.15
N PRO B 36 45.61 -16.01 -15.10
CA PRO B 36 44.74 -16.16 -16.27
C PRO B 36 43.50 -17.03 -16.04
N GLY B 37 42.84 -16.82 -14.91
CA GLY B 37 41.62 -17.56 -14.64
C GLY B 37 40.44 -16.96 -15.36
N LEU B 38 39.50 -17.81 -15.76
CA LEU B 38 38.43 -17.41 -16.66
C LEU B 38 37.03 -17.67 -16.13
N CYS B 39 36.86 -18.07 -14.86
CA CYS B 39 35.53 -18.55 -14.52
C CYS B 39 34.63 -17.50 -13.87
N ASP B 40 34.86 -17.24 -12.57
CA ASP B 40 34.07 -16.33 -11.75
C ASP B 40 34.76 -16.23 -10.41
N TYR B 41 35.06 -15.04 -9.92
CA TYR B 41 35.96 -14.91 -8.79
C TYR B 41 35.46 -13.88 -7.80
N ASN B 42 36.12 -13.84 -6.65
CA ASN B 42 35.88 -12.85 -5.62
C ASN B 42 36.99 -11.81 -5.72
N PHE B 43 36.62 -10.56 -5.95
CA PHE B 43 37.61 -9.51 -6.16
C PHE B 43 37.98 -8.84 -4.85
N ALA B 44 36.98 -8.41 -4.08
CA ALA B 44 37.16 -8.03 -2.70
C ALA B 44 35.88 -8.31 -1.96
N SER B 45 35.98 -8.51 -0.65
CA SER B 45 34.83 -8.87 0.16
C SER B 45 35.11 -8.51 1.60
N ASP B 46 34.05 -8.42 2.39
CA ASP B 46 34.15 -8.07 3.80
C ASP B 46 34.11 -9.37 4.60
N CYS B 47 35.28 -9.91 4.92
CA CYS B 47 35.39 -11.06 5.81
C CYS B 47 35.71 -10.59 7.23
N ARG B 48 34.76 -9.84 7.78
CA ARG B 48 34.78 -9.48 9.19
C ARG B 48 34.19 -10.58 10.06
N GLY B 49 33.13 -11.24 9.57
CA GLY B 49 32.55 -12.38 10.25
C GLY B 49 31.20 -12.09 10.87
N SER B 50 31.06 -10.93 11.50
CA SER B 50 29.79 -10.60 12.15
C SER B 50 28.75 -10.16 11.13
N TYR B 51 29.08 -9.15 10.32
CA TYR B 51 28.17 -8.64 9.32
C TYR B 51 28.99 -8.19 8.12
N LYS B 52 28.66 -8.70 6.94
CA LYS B 52 29.40 -8.37 5.73
C LYS B 52 28.86 -7.06 5.15
N GLU B 53 29.75 -6.08 4.98
CA GLU B 53 29.33 -4.78 4.47
C GLU B 53 29.22 -4.80 2.95
N PHE B 54 30.18 -5.42 2.26
CA PHE B 54 30.16 -5.39 0.80
C PHE B 54 30.73 -6.70 0.27
N ALA B 55 30.55 -6.91 -1.03
CA ALA B 55 31.18 -8.01 -1.75
C ALA B 55 31.26 -7.61 -3.22
N VAL B 56 32.43 -7.78 -3.82
CA VAL B 56 32.62 -7.48 -5.24
C VAL B 56 33.04 -8.78 -5.92
N HIS B 57 32.23 -9.24 -6.86
CA HIS B 57 32.50 -10.48 -7.58
C HIS B 57 32.82 -10.16 -9.04
N LEU B 58 33.96 -10.65 -9.50
CA LEU B 58 34.44 -10.44 -10.85
C LEU B 58 34.14 -11.65 -11.71
N LYS B 59 33.78 -11.43 -12.97
CA LYS B 59 33.50 -12.51 -13.90
C LYS B 59 34.23 -12.26 -15.21
N ARG B 60 35.36 -12.93 -15.40
CA ARG B 60 36.07 -12.87 -16.66
C ARG B 60 35.25 -13.51 -17.77
N GLY B 61 35.53 -13.10 -19.00
CA GLY B 61 34.74 -13.53 -20.12
C GLY B 61 35.04 -14.95 -20.58
N PRO B 62 34.66 -15.28 -21.81
CA PRO B 62 34.97 -16.60 -22.35
C PRO B 62 36.38 -16.71 -22.92
N GLY B 63 37.14 -15.62 -22.91
CA GLY B 63 38.40 -15.58 -23.60
C GLY B 63 38.23 -14.81 -24.90
N GLN B 64 38.64 -13.54 -24.90
CA GLN B 64 38.43 -12.68 -26.06
C GLN B 64 39.37 -13.07 -27.20
N ALA B 65 40.68 -12.95 -26.95
CA ALA B 65 41.70 -13.32 -27.92
C ALA B 65 42.98 -13.60 -27.14
N GLU B 66 44.10 -13.66 -27.85
CA GLU B 66 45.39 -13.80 -27.19
C GLU B 66 45.79 -12.53 -26.46
N ALA B 67 45.64 -11.38 -27.13
CA ALA B 67 46.15 -10.14 -26.56
C ALA B 67 45.22 -9.51 -25.50
N PRO B 68 43.94 -9.17 -25.73
CA PRO B 68 43.18 -8.49 -24.67
C PRO B 68 42.63 -9.51 -23.67
N ALA B 69 42.00 -8.98 -22.62
CA ALA B 69 41.34 -9.84 -21.63
C ALA B 69 40.19 -9.03 -21.01
N GLY B 70 38.99 -9.24 -21.52
CA GLY B 70 37.85 -8.45 -21.09
C GLY B 70 37.25 -8.92 -19.77
N VAL B 71 36.22 -8.20 -19.34
CA VAL B 71 35.39 -8.57 -18.22
C VAL B 71 33.95 -8.66 -18.70
N GLU B 72 33.28 -9.78 -18.42
CA GLU B 72 31.93 -9.96 -18.91
C GLU B 72 30.93 -9.19 -18.05
N SER B 73 31.01 -9.31 -16.74
CA SER B 73 30.06 -8.65 -15.85
C SER B 73 30.69 -8.53 -14.46
N ILE B 74 30.18 -7.57 -13.69
CA ILE B 74 30.63 -7.33 -12.33
C ILE B 74 29.41 -7.40 -11.42
N LEU B 75 29.53 -8.13 -10.33
CA LEU B 75 28.45 -8.26 -9.37
C LEU B 75 28.90 -7.62 -8.06
N LEU B 76 28.03 -6.79 -7.49
CA LEU B 76 28.38 -5.95 -6.37
C LEU B 76 27.19 -5.84 -5.43
N THR B 77 27.39 -6.19 -4.16
CA THR B 77 26.32 -6.23 -3.18
C THR B 77 26.75 -5.39 -1.98
N ILE B 78 26.08 -4.26 -1.75
CA ILE B 78 26.44 -3.39 -0.64
C ILE B 78 25.27 -3.37 0.34
N LYS B 79 25.30 -4.33 1.28
CA LYS B 79 24.67 -4.30 2.59
C LYS B 79 23.14 -4.44 2.60
N ASP B 80 22.48 -4.07 1.51
CA ASP B 80 21.05 -4.35 1.30
C ASP B 80 20.70 -4.70 -0.13
N ASP B 81 21.50 -4.27 -1.12
CA ASP B 81 21.06 -4.23 -2.50
C ASP B 81 22.21 -4.62 -3.42
N THR B 82 21.84 -5.11 -4.60
CA THR B 82 22.75 -5.77 -5.50
C THR B 82 22.82 -4.98 -6.80
N ILE B 83 24.03 -4.64 -7.22
CA ILE B 83 24.25 -3.91 -8.46
C ILE B 83 24.93 -4.86 -9.43
N TYR B 84 24.37 -4.97 -10.63
CA TYR B 84 24.85 -5.85 -11.69
C TYR B 84 25.23 -5.00 -12.90
N LEU B 85 26.52 -4.96 -13.19
CA LEU B 85 27.06 -4.13 -14.25
C LEU B 85 27.45 -5.00 -15.42
N THR B 86 26.97 -4.68 -16.61
CA THR B 86 27.46 -5.27 -17.83
C THR B 86 28.05 -4.17 -18.71
N ARG B 87 28.35 -4.54 -19.95
CA ARG B 87 28.98 -3.62 -20.89
CA ARG B 87 28.99 -3.59 -20.86
C ARG B 87 28.02 -2.50 -21.28
N HIS B 88 26.73 -2.82 -21.43
CA HIS B 88 25.76 -1.86 -21.93
C HIS B 88 24.82 -1.31 -20.88
N LEU B 89 24.50 -2.05 -19.83
CA LEU B 89 23.48 -1.60 -18.90
C LEU B 89 23.86 -1.91 -17.47
N ALA B 90 23.28 -1.14 -16.56
CA ALA B 90 23.49 -1.25 -15.13
C ALA B 90 22.16 -1.54 -14.47
N VAL B 91 22.12 -2.56 -13.63
CA VAL B 91 20.88 -3.08 -13.05
C VAL B 91 20.99 -3.02 -11.54
N LEU B 92 20.06 -2.33 -10.90
CA LEU B 92 19.96 -2.24 -9.46
C LEU B 92 18.69 -2.95 -9.02
N ASN B 93 18.86 -4.07 -8.31
CA ASN B 93 17.78 -4.87 -7.73
C ASN B 93 16.80 -5.36 -8.78
N GLY B 94 17.32 -5.80 -9.93
CA GLY B 94 16.50 -6.39 -10.95
C GLY B 94 15.88 -5.41 -11.93
N ALA B 95 16.02 -4.11 -11.68
CA ALA B 95 15.48 -3.07 -12.55
C ALA B 95 16.62 -2.30 -13.20
N VAL B 96 16.45 -1.97 -14.47
CA VAL B 96 17.42 -1.16 -15.19
C VAL B 96 17.38 0.27 -14.68
N VAL B 97 18.54 0.86 -14.43
CA VAL B 97 18.60 2.25 -13.97
C VAL B 97 19.05 3.14 -15.11
N SER B 98 18.47 4.34 -15.17
CA SER B 98 18.95 5.42 -16.00
C SER B 98 20.03 6.18 -15.23
N THR B 99 21.17 6.38 -15.87
CA THR B 99 22.24 7.00 -15.11
C THR B 99 22.35 8.48 -15.45
N PRO B 100 22.67 9.36 -14.48
CA PRO B 100 23.04 9.15 -13.08
C PRO B 100 21.90 8.82 -12.14
N HIS B 101 22.22 8.13 -11.05
CA HIS B 101 21.24 7.62 -10.10
C HIS B 101 21.63 8.06 -8.71
N TYR B 102 20.73 8.75 -8.01
CA TYR B 102 21.10 9.62 -6.90
C TYR B 102 20.52 9.20 -5.55
N SER B 103 20.25 7.91 -5.31
CA SER B 103 19.63 7.49 -4.05
C SER B 103 20.58 7.72 -2.88
N PRO B 104 20.05 8.06 -1.68
CA PRO B 104 20.89 8.73 -0.66
C PRO B 104 21.94 7.88 0.04
N GLY B 105 22.31 6.73 -0.50
CA GLY B 105 23.50 6.06 -0.03
C GLY B 105 24.34 5.53 -1.17
N LEU B 106 24.00 5.93 -2.40
CA LEU B 106 24.50 5.21 -3.57
C LEU B 106 24.39 6.08 -4.80
N LEU B 107 25.52 6.41 -5.42
CA LEU B 107 25.55 7.17 -6.66
C LEU B 107 26.11 6.28 -7.76
N ILE B 108 25.36 6.15 -8.86
CA ILE B 108 25.73 5.30 -9.99
C ILE B 108 25.69 6.19 -11.23
N GLU B 109 26.85 6.51 -11.78
CA GLU B 109 26.90 7.41 -12.93
C GLU B 109 27.80 6.83 -14.01
N LYS B 110 27.53 7.21 -15.25
CA LYS B 110 28.13 6.59 -16.42
C LYS B 110 28.65 7.67 -17.37
N SER B 111 29.96 7.76 -17.51
CA SER B 111 30.56 8.67 -18.47
C SER B 111 30.60 8.01 -19.85
N ASP B 112 31.34 8.62 -20.77
CA ASP B 112 31.59 7.97 -22.05
C ASP B 112 32.69 6.93 -21.92
N ALA B 113 33.53 7.06 -20.89
CA ALA B 113 34.64 6.15 -20.67
C ALA B 113 34.40 5.17 -19.52
N TYR B 114 34.03 5.67 -18.33
CA TYR B 114 33.97 4.85 -17.13
C TYR B 114 32.55 4.76 -16.60
N THR B 115 32.30 3.74 -15.79
CA THR B 115 31.09 3.60 -14.98
C THR B 115 31.49 3.64 -13.51
N LYS B 116 31.03 4.65 -12.78
CA LYS B 116 31.43 4.84 -11.40
C LYS B 116 30.30 4.44 -10.47
N VAL B 117 30.66 3.88 -9.32
CA VAL B 117 29.70 3.59 -8.24
C VAL B 117 30.30 4.14 -6.95
N TYR B 118 29.59 5.06 -6.31
CA TYR B 118 30.07 5.78 -5.13
C TYR B 118 29.13 5.44 -3.98
N SER B 119 29.65 4.79 -2.94
CA SER B 119 28.82 4.37 -1.82
C SER B 119 29.28 5.03 -0.53
N ARG B 120 28.33 5.22 0.38
CA ARG B 120 28.62 5.83 1.68
C ARG B 120 29.36 4.88 2.61
N ALA B 121 29.43 3.59 2.28
CA ALA B 121 30.14 2.61 3.10
C ALA B 121 31.64 2.69 2.92
N GLY B 122 32.15 3.58 2.08
CA GLY B 122 33.57 3.71 1.89
C GLY B 122 34.05 2.85 0.74
N LEU B 123 33.30 2.87 -0.34
CA LEU B 123 33.58 2.05 -1.51
C LEU B 123 33.46 2.90 -2.75
N THR B 124 34.37 2.71 -3.70
CA THR B 124 34.32 3.43 -4.96
C THR B 124 34.82 2.49 -6.04
N LEU B 125 33.97 2.19 -7.01
CA LEU B 125 34.33 1.31 -8.09
C LEU B 125 34.37 2.12 -9.37
N MET B 126 35.29 1.79 -10.27
CA MET B 126 35.41 2.53 -11.52
C MET B 126 35.93 1.59 -12.59
N TRP B 127 35.23 1.51 -13.72
CA TRP B 127 35.42 0.45 -14.70
C TRP B 127 35.16 1.02 -16.08
N ASN B 128 36.20 1.10 -16.92
CA ASN B 128 35.89 1.22 -18.34
C ASN B 128 35.33 -0.11 -18.80
N ARG B 129 34.46 -0.07 -19.78
CA ARG B 129 33.65 -1.24 -19.98
C ARG B 129 34.35 -2.37 -20.75
N GLU B 130 35.68 -2.36 -20.91
CA GLU B 130 36.32 -3.57 -21.40
C GLU B 130 37.06 -4.36 -20.34
N ASP B 131 38.16 -3.81 -19.80
CA ASP B 131 39.08 -4.64 -19.04
C ASP B 131 39.57 -4.08 -17.71
N ALA B 132 39.70 -2.76 -17.55
CA ALA B 132 40.34 -2.20 -16.38
C ALA B 132 39.31 -1.98 -15.27
N LEU B 133 39.58 -2.53 -14.10
CA LEU B 133 38.68 -2.44 -12.97
C LEU B 133 39.49 -2.07 -11.73
N MET B 134 39.10 -0.98 -11.07
CA MET B 134 39.78 -0.57 -9.85
C MET B 134 38.77 -0.24 -8.76
N LEU B 135 39.18 -0.52 -7.53
CA LEU B 135 38.36 -0.34 -6.34
C LEU B 135 39.13 0.49 -5.32
N GLU B 136 38.41 1.31 -4.56
CA GLU B 136 39.01 2.11 -3.50
C GLU B 136 38.19 1.96 -2.23
N LEU B 137 38.87 1.59 -1.15
CA LEU B 137 38.25 1.46 0.16
C LEU B 137 38.90 2.43 1.13
N ASP B 138 38.14 2.86 2.13
CA ASP B 138 38.70 3.71 3.16
C ASP B 138 39.48 2.86 4.17
N THR B 139 40.04 3.51 5.18
CA THR B 139 40.88 2.84 6.16
C THR B 139 40.09 2.15 7.26
N LYS B 140 38.77 2.08 7.15
CA LYS B 140 37.95 1.36 8.11
C LYS B 140 38.09 -0.15 7.95
N PHE B 141 38.28 -0.63 6.72
CA PHE B 141 38.24 -2.05 6.42
C PHE B 141 39.59 -2.74 6.59
N ARG B 142 40.49 -2.19 7.38
CA ARG B 142 41.80 -2.82 7.56
C ARG B 142 41.67 -4.09 8.39
N ASN B 143 42.47 -5.10 8.03
CA ASN B 143 42.46 -6.46 8.56
C ASN B 143 41.16 -7.21 8.33
N HIS B 144 40.29 -6.74 7.42
CA HIS B 144 39.01 -7.42 7.19
C HIS B 144 38.80 -7.90 5.77
N THR B 145 39.47 -7.33 4.77
CA THR B 145 39.21 -7.72 3.39
C THR B 145 39.83 -9.07 3.09
N CYS B 146 39.16 -9.83 2.21
CA CYS B 146 39.55 -11.23 2.00
C CYS B 146 39.48 -11.66 0.55
N GLY B 147 39.42 -10.74 -0.40
CA GLY B 147 39.24 -11.10 -1.79
C GLY B 147 40.53 -11.46 -2.47
N LEU B 148 40.52 -11.38 -3.80
CA LEU B 148 41.72 -11.60 -4.59
C LEU B 148 42.62 -10.39 -4.57
N CYS B 149 42.14 -9.26 -4.06
CA CYS B 149 42.92 -8.07 -3.78
C CYS B 149 43.72 -8.16 -2.49
N GLY B 150 43.85 -9.34 -1.91
CA GLY B 150 44.57 -9.51 -0.66
C GLY B 150 43.81 -8.94 0.52
N ASP B 151 44.45 -9.04 1.68
CA ASP B 151 43.96 -8.33 2.84
C ASP B 151 44.55 -6.91 2.88
N TYR B 152 44.07 -6.11 3.82
CA TYR B 152 44.31 -4.68 3.78
C TYR B 152 44.97 -4.27 5.08
N ASN B 153 46.04 -4.99 5.42
CA ASN B 153 46.84 -4.76 6.61
C ASN B 153 47.99 -3.79 6.39
N GLY B 154 48.41 -3.58 5.15
CA GLY B 154 49.53 -2.71 4.85
C GLY B 154 50.85 -3.43 4.65
N LEU B 155 50.90 -4.74 4.87
CA LEU B 155 52.15 -5.49 4.80
C LEU B 155 52.32 -6.08 3.40
N GLN B 156 53.46 -5.77 2.78
CA GLN B 156 53.83 -6.27 1.46
C GLN B 156 54.00 -7.79 1.45
N SER B 157 53.08 -8.50 0.79
CA SER B 157 53.16 -9.94 0.49
C SER B 157 53.28 -10.81 1.73
N TYR B 158 52.79 -10.35 2.88
CA TYR B 158 53.01 -11.09 4.11
C TYR B 158 52.04 -12.25 4.25
N SER B 159 50.74 -11.96 4.38
CA SER B 159 49.75 -12.98 4.64
C SER B 159 48.99 -13.41 3.39
N GLU B 160 49.25 -12.79 2.24
CA GLU B 160 48.60 -13.22 1.01
C GLU B 160 49.24 -14.48 0.47
N PHE B 161 50.57 -14.51 0.41
CA PHE B 161 51.29 -15.60 -0.23
C PHE B 161 52.00 -16.53 0.74
N LEU B 162 52.35 -16.06 1.94
CA LEU B 162 53.03 -16.87 2.95
C LEU B 162 52.11 -16.98 4.17
N SER B 163 51.22 -17.96 4.15
CA SER B 163 50.22 -18.10 5.21
C SER B 163 50.77 -18.87 6.41
N ASP B 164 51.17 -20.12 6.20
CA ASP B 164 51.72 -20.97 7.25
C ASP B 164 53.14 -21.42 6.93
N GLY B 165 53.95 -20.52 6.38
CA GLY B 165 55.29 -20.82 5.95
C GLY B 165 55.40 -21.26 4.50
N VAL B 166 54.35 -21.88 3.96
CA VAL B 166 54.35 -22.31 2.57
C VAL B 166 54.06 -21.10 1.69
N LEU B 167 54.88 -20.92 0.66
CA LEU B 167 54.71 -19.80 -0.26
C LEU B 167 53.77 -20.19 -1.39
N PHE B 168 52.63 -19.50 -1.46
CA PHE B 168 51.65 -19.75 -2.51
C PHE B 168 52.06 -19.05 -3.79
N SER B 169 52.00 -19.78 -4.91
CA SER B 169 52.19 -19.17 -6.21
C SER B 169 50.95 -18.34 -6.55
N PRO B 170 51.08 -17.34 -7.43
CA PRO B 170 49.90 -16.55 -7.81
C PRO B 170 48.83 -17.34 -8.55
N LEU B 171 49.16 -18.48 -9.16
CA LEU B 171 48.14 -19.28 -9.81
C LEU B 171 47.31 -20.08 -8.80
N GLU B 172 47.91 -20.52 -7.70
CA GLU B 172 47.13 -21.21 -6.68
C GLU B 172 46.54 -20.26 -5.65
N PHE B 173 47.00 -19.00 -5.61
CA PHE B 173 46.29 -17.98 -4.84
C PHE B 173 45.00 -17.57 -5.51
N GLY B 174 44.97 -17.59 -6.85
CA GLY B 174 43.76 -17.19 -7.56
C GLY B 174 42.69 -18.25 -7.59
N ASN B 175 43.09 -19.52 -7.68
CA ASN B 175 42.12 -20.61 -7.68
C ASN B 175 41.45 -20.79 -6.33
N MET B 176 42.06 -20.28 -5.26
CA MET B 176 41.43 -20.32 -3.95
C MET B 176 40.28 -19.33 -3.86
N GLN B 177 40.29 -18.30 -4.71
CA GLN B 177 39.34 -17.20 -4.63
C GLN B 177 38.12 -17.40 -5.52
N LYS B 178 37.90 -18.62 -6.01
CA LYS B 178 36.86 -18.91 -6.98
C LYS B 178 35.50 -18.96 -6.29
N ILE B 179 34.44 -18.79 -7.09
CA ILE B 179 33.06 -18.87 -6.63
C ILE B 179 32.36 -19.99 -7.36
N ASN B 180 31.78 -20.92 -6.60
CA ASN B 180 31.08 -22.06 -7.17
C ASN B 180 29.66 -21.67 -7.56
N GLN B 181 29.35 -21.78 -8.83
CA GLN B 181 28.01 -21.50 -9.31
C GLN B 181 27.23 -22.79 -9.43
N PRO B 182 25.99 -22.86 -8.95
CA PRO B 182 25.34 -24.16 -8.85
C PRO B 182 24.66 -24.65 -10.12
N ASP B 183 25.25 -24.42 -11.28
CA ASP B 183 24.83 -25.13 -12.48
C ASP B 183 25.99 -25.47 -13.41
N VAL B 184 27.09 -24.73 -13.36
CA VAL B 184 28.14 -24.76 -14.37
C VAL B 184 29.42 -25.25 -13.70
N VAL B 185 30.09 -26.21 -14.35
CA VAL B 185 31.41 -26.66 -13.93
C VAL B 185 32.43 -25.99 -14.84
N CYS B 186 33.34 -25.22 -14.24
CA CYS B 186 34.34 -24.46 -14.98
C CYS B 186 35.72 -24.91 -14.55
N GLU B 187 36.57 -25.22 -15.52
CA GLU B 187 37.88 -25.81 -15.24
C GLU B 187 38.89 -24.74 -14.84
N ASP B 188 39.65 -25.02 -13.79
CA ASP B 188 40.73 -24.14 -13.38
C ASP B 188 41.86 -24.18 -14.40
N PRO B 189 42.58 -23.07 -14.60
CA PRO B 189 43.70 -23.09 -15.54
C PRO B 189 44.90 -23.82 -14.95
N GLU B 190 45.48 -24.70 -15.75
CA GLU B 190 46.59 -25.53 -15.30
C GLU B 190 47.90 -24.73 -15.35
N GLU B 191 48.91 -25.28 -14.68
CA GLU B 191 50.22 -24.64 -14.66
C GLU B 191 50.89 -24.81 -16.02
N GLU B 192 51.15 -23.69 -16.69
CA GLU B 192 51.95 -23.74 -17.90
C GLU B 192 53.41 -23.99 -17.54
N VAL B 193 54.15 -24.49 -18.53
CA VAL B 193 55.59 -24.68 -18.36
C VAL B 193 56.25 -23.32 -18.26
N ALA B 194 57.15 -23.17 -17.28
CA ALA B 194 57.79 -21.91 -16.90
C ALA B 194 58.60 -21.33 -18.05
N PRO B 195 58.19 -20.21 -18.63
CA PRO B 195 58.87 -19.68 -19.81
C PRO B 195 60.14 -18.94 -19.40
N ALA B 196 60.83 -18.41 -20.41
CA ALA B 196 62.00 -17.59 -20.15
C ALA B 196 61.57 -16.25 -19.59
N SER B 197 62.30 -15.76 -18.60
CA SER B 197 62.08 -14.43 -18.05
C SER B 197 62.42 -13.40 -19.12
N CYS B 198 61.39 -12.71 -19.62
CA CYS B 198 61.54 -11.87 -20.80
C CYS B 198 62.32 -10.60 -20.48
N SER B 199 63.63 -10.73 -20.36
CA SER B 199 64.51 -9.61 -20.04
C SER B 199 65.14 -9.00 -21.28
N GLU B 200 64.76 -9.47 -22.47
CA GLU B 200 65.24 -8.92 -23.72
C GLU B 200 64.41 -7.74 -24.20
N HIS B 201 63.47 -7.26 -23.40
CA HIS B 201 62.67 -6.08 -23.72
C HIS B 201 62.57 -5.13 -22.54
N ARG B 202 63.57 -5.18 -21.64
CA ARG B 202 63.59 -4.23 -20.53
C ARG B 202 63.99 -2.84 -21.01
N ALA B 203 64.74 -2.75 -22.10
CA ALA B 203 65.15 -1.45 -22.63
C ALA B 203 63.98 -0.70 -23.24
N GLU B 204 63.03 -1.42 -23.85
CA GLU B 204 61.91 -0.75 -24.49
C GLU B 204 60.86 -0.30 -23.47
N CYS B 205 60.64 -1.08 -22.41
CA CYS B 205 59.69 -0.67 -21.39
C CYS B 205 60.23 0.46 -20.52
N GLU B 206 61.54 0.52 -20.32
CA GLU B 206 62.10 1.59 -19.50
C GLU B 206 62.17 2.91 -20.28
N ARG B 207 62.43 2.83 -21.59
CA ARG B 207 62.45 4.03 -22.41
C ARG B 207 61.05 4.60 -22.58
N LEU B 208 60.05 3.72 -22.69
CA LEU B 208 58.69 4.18 -23.01
C LEU B 208 57.99 4.77 -21.79
N LEU B 209 58.07 4.10 -20.64
CA LEU B 209 57.25 4.46 -19.52
C LEU B 209 57.81 5.63 -18.73
N THR B 210 59.13 5.85 -18.75
CA THR B 210 59.73 7.02 -18.13
C THR B 210 59.99 8.12 -19.15
N ALA B 211 58.94 8.56 -19.82
CA ALA B 211 59.04 9.61 -20.83
C ALA B 211 58.91 10.97 -20.16
N GLU B 212 58.83 12.03 -20.95
CA GLU B 212 58.71 13.37 -20.40
C GLU B 212 57.30 13.66 -19.91
N ALA B 213 56.31 12.88 -20.37
CA ALA B 213 54.93 13.12 -19.98
C ALA B 213 54.64 12.67 -18.56
N PHE B 214 55.48 11.79 -18.00
CA PHE B 214 55.27 11.23 -16.67
C PHE B 214 56.20 11.84 -15.64
N ALA B 215 56.41 13.15 -15.71
CA ALA B 215 57.43 13.81 -14.89
C ALA B 215 57.06 13.84 -13.42
N ASP B 216 55.90 14.41 -13.10
CA ASP B 216 55.54 14.60 -11.69
C ASP B 216 54.70 13.43 -11.17
N CYS B 217 55.15 12.21 -11.47
CA CYS B 217 54.64 11.00 -10.82
C CYS B 217 55.73 9.96 -10.59
N GLN B 218 57.00 10.31 -10.80
CA GLN B 218 58.08 9.37 -10.51
C GLN B 218 58.28 9.21 -9.01
N ASP B 219 57.86 10.20 -8.22
CA ASP B 219 57.93 10.13 -6.78
C ASP B 219 56.61 9.66 -6.15
N LEU B 220 55.52 9.63 -6.91
CA LEU B 220 54.23 9.19 -6.39
C LEU B 220 54.08 7.68 -6.48
N VAL B 221 54.17 7.13 -7.68
CA VAL B 221 54.00 5.70 -7.91
C VAL B 221 55.35 5.07 -8.26
N PRO B 222 55.58 3.81 -7.91
CA PRO B 222 56.85 3.17 -8.24
C PRO B 222 56.98 2.85 -9.73
N LEU B 223 58.17 2.38 -10.09
CA LEU B 223 58.51 1.97 -11.44
C LEU B 223 58.65 0.47 -11.59
N GLU B 224 59.17 -0.20 -10.56
CA GLU B 224 59.50 -1.63 -10.67
C GLU B 224 58.31 -2.58 -10.83
N PRO B 225 57.14 -2.40 -10.18
CA PRO B 225 56.03 -3.31 -10.51
C PRO B 225 55.47 -3.11 -11.92
N TYR B 226 55.24 -1.89 -12.34
CA TYR B 226 54.59 -1.64 -13.62
C TYR B 226 55.54 -1.82 -14.80
N LEU B 227 56.84 -1.93 -14.55
CA LEU B 227 57.76 -2.32 -15.62
C LEU B 227 57.93 -3.83 -15.67
N ARG B 228 57.76 -4.50 -14.52
CA ARG B 228 57.73 -5.96 -14.51
C ARG B 228 56.51 -6.49 -15.26
N ALA B 229 55.36 -5.83 -15.10
CA ALA B 229 54.17 -6.19 -15.85
C ALA B 229 54.30 -5.84 -17.32
N CYS B 230 55.18 -4.91 -17.68
CA CYS B 230 55.43 -4.59 -19.07
C CYS B 230 56.28 -5.67 -19.75
N GLN B 231 56.99 -6.49 -18.97
CA GLN B 231 57.85 -7.51 -19.54
C GLN B 231 57.05 -8.61 -20.21
N GLN B 232 56.00 -9.11 -19.55
CA GLN B 232 55.20 -10.18 -20.13
C GLN B 232 54.32 -9.68 -21.27
N ASP B 233 53.89 -8.42 -21.22
CA ASP B 233 53.02 -7.90 -22.28
C ASP B 233 53.75 -7.70 -23.60
N ARG B 234 55.07 -7.68 -23.60
CA ARG B 234 55.79 -7.56 -24.87
C ARG B 234 56.07 -8.93 -25.49
N CYS B 235 56.31 -9.95 -24.69
CA CYS B 235 56.67 -11.27 -25.21
C CYS B 235 55.51 -12.26 -25.25
N ARG B 236 54.40 -11.99 -24.55
CA ARG B 236 53.20 -12.80 -24.72
C ARG B 236 52.23 -12.23 -25.74
N CYS B 237 52.41 -10.97 -26.14
CA CYS B 237 51.55 -10.32 -27.13
C CYS B 237 52.42 -9.88 -28.30
N PRO B 238 52.71 -10.77 -29.24
CA PRO B 238 53.52 -10.38 -30.40
C PRO B 238 52.68 -9.65 -31.44
N GLY B 239 53.38 -9.01 -32.36
CA GLY B 239 52.73 -8.31 -33.47
C GLY B 239 52.28 -6.90 -33.07
N GLY B 240 50.97 -6.72 -32.98
CA GLY B 240 50.43 -5.42 -32.63
C GLY B 240 50.65 -5.07 -31.18
N ASP B 241 50.68 -3.76 -30.90
CA ASP B 241 50.91 -3.26 -29.55
C ASP B 241 49.56 -2.90 -28.92
N THR B 242 48.90 -3.92 -28.37
CA THR B 242 47.67 -3.72 -27.61
C THR B 242 47.81 -4.18 -26.16
N CYS B 243 48.92 -4.78 -25.78
CA CYS B 243 49.15 -5.18 -24.40
C CYS B 243 50.12 -4.26 -23.67
N VAL B 244 50.96 -3.54 -24.40
CA VAL B 244 51.90 -2.63 -23.74
C VAL B 244 51.21 -1.30 -23.42
N CYS B 245 50.19 -0.92 -24.18
CA CYS B 245 49.45 0.30 -23.89
C CYS B 245 48.13 0.02 -23.19
N SER B 246 48.11 -1.02 -22.35
CA SER B 246 47.16 -1.11 -21.26
C SER B 246 47.85 -1.10 -19.92
N THR B 247 49.18 -1.16 -19.90
CA THR B 247 49.99 -1.02 -18.70
C THR B 247 50.46 0.42 -18.50
N VAL B 248 50.93 1.08 -19.56
CA VAL B 248 51.24 2.49 -19.46
C VAL B 248 49.97 3.33 -19.42
N ALA B 249 48.84 2.78 -19.89
CA ALA B 249 47.56 3.41 -19.65
C ALA B 249 47.13 3.23 -18.21
N GLU B 250 47.60 2.18 -17.55
CA GLU B 250 47.38 2.01 -16.12
C GLU B 250 48.39 2.78 -15.30
N PHE B 251 49.57 3.05 -15.86
CA PHE B 251 50.53 3.89 -15.15
C PHE B 251 50.05 5.33 -15.11
N SER B 252 49.40 5.80 -16.17
CA SER B 252 48.84 7.15 -16.20
C SER B 252 47.49 7.26 -15.50
N ARG B 253 46.92 6.16 -15.02
CA ARG B 253 45.80 6.23 -14.10
C ARG B 253 46.23 6.18 -12.64
N GLN B 254 47.31 5.47 -12.34
CA GLN B 254 47.86 5.53 -10.99
C GLN B 254 48.62 6.83 -10.76
N CYS B 255 49.12 7.43 -11.83
CA CYS B 255 49.67 8.79 -11.77
C CYS B 255 48.61 9.79 -11.35
N SER B 256 47.48 9.79 -12.02
CA SER B 256 46.43 10.78 -11.81
C SER B 256 45.43 10.36 -10.75
N HIS B 257 45.79 9.44 -9.85
CA HIS B 257 44.96 9.16 -8.69
C HIS B 257 45.59 9.60 -7.39
N ALA B 258 46.92 9.55 -7.28
CA ALA B 258 47.61 10.10 -6.12
C ALA B 258 47.53 11.61 -6.07
N GLY B 259 47.41 12.27 -7.23
CA GLY B 259 47.26 13.72 -7.26
C GLY B 259 48.02 14.36 -8.40
N GLY B 260 48.89 13.61 -9.04
CA GLY B 260 49.71 14.14 -10.11
C GLY B 260 48.92 14.39 -11.39
N ARG B 261 49.62 14.95 -12.38
CA ARG B 261 49.01 15.24 -13.67
C ARG B 261 49.94 14.79 -14.79
N PRO B 262 49.63 13.70 -15.48
CA PRO B 262 50.46 13.25 -16.60
C PRO B 262 50.22 14.10 -17.84
N GLY B 263 51.12 13.93 -18.81
CA GLY B 263 50.98 14.56 -20.10
C GLY B 263 50.55 13.58 -21.18
N ASN B 264 50.41 14.10 -22.39
CA ASN B 264 49.99 13.29 -23.51
C ASN B 264 51.15 12.46 -24.04
N TRP B 265 50.93 11.14 -24.13
CA TRP B 265 51.90 10.22 -24.71
C TRP B 265 51.40 9.52 -25.97
N ARG B 266 50.09 9.50 -26.20
CA ARG B 266 49.52 8.78 -27.33
C ARG B 266 49.76 9.61 -28.59
N THR B 267 50.70 9.16 -29.42
CA THR B 267 50.94 9.80 -30.71
C THR B 267 50.08 9.11 -31.77
N ALA B 268 50.36 9.39 -33.03
CA ALA B 268 49.63 8.76 -34.12
C ALA B 268 50.11 7.35 -34.42
N THR B 269 51.26 6.94 -33.86
CA THR B 269 51.79 5.59 -34.04
C THR B 269 51.94 4.84 -32.73
N LEU B 270 51.61 5.45 -31.60
CA LEU B 270 51.72 4.82 -30.28
C LEU B 270 50.34 4.81 -29.65
N CYS B 271 49.54 3.80 -30.02
CA CYS B 271 48.18 3.53 -29.55
C CYS B 271 47.25 4.73 -29.59
N PRO B 272 46.81 5.17 -30.76
CA PRO B 272 45.93 6.35 -30.81
C PRO B 272 44.50 5.98 -30.47
N LYS B 273 43.75 7.01 -30.07
CA LYS B 273 42.33 6.86 -29.76
C LYS B 273 41.54 7.93 -30.51
N THR B 274 40.34 7.57 -30.95
CA THR B 274 39.53 8.42 -31.79
C THR B 274 38.21 8.76 -31.10
N CYS B 275 37.81 10.02 -31.21
CA CYS B 275 36.52 10.52 -30.73
C CYS B 275 35.90 11.42 -31.79
N PRO B 276 34.58 11.40 -31.95
CA PRO B 276 33.95 12.16 -33.04
C PRO B 276 33.97 13.65 -32.77
N GLY B 277 33.74 14.41 -33.86
CA GLY B 277 33.86 15.85 -33.81
C GLY B 277 35.29 16.28 -33.57
N ASN B 278 35.44 17.52 -33.11
CA ASN B 278 36.76 17.96 -32.65
C ASN B 278 36.94 17.77 -31.15
N LEU B 279 36.61 16.55 -30.69
CA LEU B 279 36.80 16.14 -29.30
C LEU B 279 38.19 15.51 -29.20
N VAL B 280 39.17 16.30 -28.82
CA VAL B 280 40.53 15.80 -28.71
C VAL B 280 40.69 14.99 -27.42
N TYR B 281 41.59 14.01 -27.46
CA TYR B 281 41.83 13.14 -26.32
C TYR B 281 42.92 13.75 -25.45
N LEU B 282 42.72 13.69 -24.14
CA LEU B 282 43.73 14.16 -23.19
C LEU B 282 43.78 13.20 -22.00
N GLU B 283 44.81 13.36 -21.20
CA GLU B 283 44.87 12.79 -19.87
C GLU B 283 44.87 13.92 -18.85
N SER B 284 44.24 13.66 -17.71
CA SER B 284 44.17 14.57 -16.56
C SER B 284 43.48 15.90 -16.92
N GLY B 285 42.21 15.80 -17.29
CA GLY B 285 41.38 16.97 -17.44
C GLY B 285 40.03 16.73 -16.79
N SER B 286 39.35 17.83 -16.46
CA SER B 286 38.19 17.69 -15.58
C SER B 286 36.96 17.23 -16.35
N PRO B 287 36.14 16.35 -15.78
CA PRO B 287 34.93 15.88 -16.46
C PRO B 287 33.78 16.88 -16.45
N CYS B 288 33.91 18.01 -15.75
CA CYS B 288 32.84 18.98 -15.64
C CYS B 288 32.95 19.96 -16.80
N MET B 289 32.16 19.72 -17.85
CA MET B 289 32.22 20.52 -19.07
C MET B 289 31.04 21.47 -19.14
N ASP B 290 31.29 22.69 -19.59
CA ASP B 290 30.22 23.64 -19.90
C ASP B 290 29.66 23.26 -21.26
N THR B 291 28.34 23.08 -21.35
CA THR B 291 27.76 22.41 -22.51
C THR B 291 26.70 23.24 -23.20
N CYS B 292 26.88 24.56 -23.35
CA CYS B 292 26.12 25.42 -24.27
C CYS B 292 24.62 25.59 -23.92
N SER B 293 24.11 24.78 -23.00
CA SER B 293 22.87 25.07 -22.28
C SER B 293 23.15 25.17 -20.79
N HIS B 294 23.73 24.13 -20.19
CA HIS B 294 24.22 24.20 -18.81
CA HIS B 294 24.20 24.20 -18.82
C HIS B 294 25.60 24.79 -18.87
N LEU B 295 25.69 26.12 -18.84
CA LEU B 295 26.99 26.73 -18.71
C LEU B 295 27.41 26.67 -17.24
N GLU B 296 28.65 27.10 -16.97
CA GLU B 296 29.25 27.30 -15.63
C GLU B 296 29.06 26.08 -14.71
N VAL B 297 29.29 24.89 -15.27
CA VAL B 297 29.20 23.64 -14.53
C VAL B 297 30.35 23.52 -13.54
N SER B 298 31.55 23.93 -13.95
CA SER B 298 32.79 23.68 -13.21
C SER B 298 32.86 24.44 -11.89
N SER B 299 31.97 25.41 -11.64
CA SER B 299 31.92 26.08 -10.36
C SER B 299 31.28 25.22 -9.27
N LEU B 300 30.63 24.12 -9.62
CA LEU B 300 30.00 23.19 -8.69
C LEU B 300 30.48 21.77 -8.93
N CYS B 301 31.78 21.59 -9.16
CA CYS B 301 32.33 20.32 -9.65
C CYS B 301 32.95 19.57 -8.48
N GLU B 302 32.22 18.61 -7.95
CA GLU B 302 32.69 17.74 -6.87
C GLU B 302 33.29 16.42 -7.38
N GLU B 303 34.19 16.51 -8.36
CA GLU B 303 34.88 15.35 -8.89
C GLU B 303 36.33 15.71 -9.19
N HIS B 304 37.22 14.72 -9.10
CA HIS B 304 38.59 14.92 -9.54
C HIS B 304 38.67 14.66 -11.05
N ARG B 305 39.87 14.77 -11.60
CA ARG B 305 40.03 14.74 -13.04
C ARG B 305 40.66 13.42 -13.50
N MET B 306 40.23 12.97 -14.68
CA MET B 306 40.68 11.72 -15.28
C MET B 306 40.95 11.98 -16.76
N ASP B 307 41.07 10.90 -17.52
CA ASP B 307 41.29 10.99 -18.97
C ASP B 307 39.99 10.81 -19.73
N GLY B 308 40.06 11.07 -21.03
CA GLY B 308 38.91 11.02 -21.91
C GLY B 308 38.96 12.10 -22.96
N CYS B 309 37.92 12.22 -23.78
CA CYS B 309 37.88 13.19 -24.87
C CYS B 309 37.12 14.44 -24.46
N PHE B 310 37.76 15.59 -24.63
CA PHE B 310 37.36 16.85 -24.01
C PHE B 310 37.23 17.98 -25.02
N CYS B 311 37.12 19.21 -24.53
CA CYS B 311 37.07 20.43 -25.32
C CYS B 311 38.36 21.23 -25.18
N PRO B 312 38.64 22.15 -26.12
CA PRO B 312 39.73 23.11 -25.93
C PRO B 312 39.47 24.18 -24.87
N GLU B 313 40.32 25.20 -24.83
CA GLU B 313 40.33 26.19 -23.75
C GLU B 313 39.00 26.95 -23.64
N GLY B 314 38.55 27.56 -24.73
CA GLY B 314 37.20 28.08 -24.78
C GLY B 314 36.26 26.99 -25.28
N THR B 315 35.36 27.35 -26.21
CA THR B 315 34.68 26.42 -27.12
C THR B 315 33.87 25.34 -26.38
N VAL B 316 32.75 25.79 -25.78
CA VAL B 316 31.87 24.88 -25.04
C VAL B 316 31.23 23.84 -25.96
N TYR B 317 30.86 22.70 -25.38
CA TYR B 317 30.35 21.57 -26.14
C TYR B 317 28.90 21.79 -26.57
N ASP B 318 28.59 21.42 -27.81
CA ASP B 318 27.23 21.60 -28.35
C ASP B 318 26.34 20.49 -27.80
N ASP B 319 25.38 20.86 -26.97
CA ASP B 319 24.38 19.95 -26.42
C ASP B 319 23.12 19.91 -27.28
N ILE B 320 22.65 21.09 -27.70
CA ILE B 320 21.32 21.20 -28.30
C ILE B 320 21.34 20.61 -29.71
N GLY B 321 22.38 20.92 -30.48
CA GLY B 321 22.56 20.29 -31.78
C GLY B 321 23.21 18.93 -31.67
N ASP B 322 24.20 18.67 -32.51
CA ASP B 322 24.93 17.40 -32.44
C ASP B 322 26.42 17.51 -32.70
N SER B 323 26.96 18.72 -32.88
CA SER B 323 28.35 18.90 -33.25
C SER B 323 29.25 18.79 -32.02
N GLY B 324 30.51 19.20 -32.17
CA GLY B 324 31.47 19.11 -31.09
C GLY B 324 31.62 20.40 -30.32
N CYS B 325 32.86 20.72 -29.93
CA CYS B 325 33.13 21.85 -29.04
C CYS B 325 33.11 23.14 -29.86
N VAL B 326 31.90 23.59 -30.18
CA VAL B 326 31.65 24.74 -31.04
C VAL B 326 31.94 26.01 -30.25
N PRO B 327 32.14 27.17 -30.88
CA PRO B 327 32.25 28.41 -30.10
C PRO B 327 30.94 28.76 -29.43
N VAL B 328 31.01 29.64 -28.43
CA VAL B 328 29.83 29.94 -27.63
C VAL B 328 28.81 30.73 -28.43
N SER B 329 29.24 31.58 -29.35
CA SER B 329 28.31 32.35 -30.18
C SER B 329 28.00 31.63 -31.48
N GLN B 330 27.64 30.35 -31.36
CA GLN B 330 27.04 29.61 -32.45
C GLN B 330 26.01 28.64 -31.87
N CYS B 331 25.75 28.74 -30.57
CA CYS B 331 24.77 27.91 -29.87
C CYS B 331 23.37 28.13 -30.41
N HIS B 332 22.83 27.11 -31.05
CA HIS B 332 21.45 27.14 -31.52
C HIS B 332 20.52 27.00 -30.32
N CYS B 333 19.49 27.82 -30.27
CA CYS B 333 18.52 27.74 -29.18
C CYS B 333 17.53 26.62 -29.47
N ARG B 334 16.61 26.40 -28.54
CA ARG B 334 15.51 25.48 -28.81
C ARG B 334 14.28 25.95 -28.06
N LEU B 335 13.11 25.58 -28.60
CA LEU B 335 11.84 25.98 -27.99
C LEU B 335 10.78 24.97 -28.44
N HIS B 336 10.48 24.00 -27.55
CA HIS B 336 9.57 22.86 -27.75
C HIS B 336 9.74 22.22 -29.14
N GLY B 337 10.92 21.66 -29.36
CA GLY B 337 11.22 21.17 -30.70
C GLY B 337 12.28 21.97 -31.43
N HIS B 338 11.82 22.87 -32.32
CA HIS B 338 12.59 23.44 -33.42
C HIS B 338 13.94 24.02 -33.02
N LEU B 339 14.94 23.78 -33.86
CA LEU B 339 16.32 24.17 -33.61
C LEU B 339 16.54 25.56 -34.20
N TYR B 340 16.29 26.58 -33.41
CA TYR B 340 16.36 27.95 -33.91
C TYR B 340 17.81 28.40 -34.04
N THR B 341 18.11 28.99 -35.18
CA THR B 341 19.44 29.52 -35.48
C THR B 341 19.70 30.77 -34.63
N PRO B 342 20.96 31.09 -34.32
CA PRO B 342 21.24 32.27 -33.48
C PRO B 342 20.99 33.60 -34.18
N GLY B 343 19.75 34.07 -34.10
CA GLY B 343 19.36 35.35 -34.67
C GLY B 343 17.91 35.34 -35.13
N GLN B 344 17.29 34.17 -35.11
CA GLN B 344 15.92 34.01 -35.56
C GLN B 344 14.95 34.47 -34.47
N GLU B 345 14.17 35.50 -34.77
CA GLU B 345 13.19 35.98 -33.81
C GLU B 345 11.93 35.11 -33.84
N ILE B 346 11.08 35.32 -32.84
CA ILE B 346 9.83 34.57 -32.71
C ILE B 346 8.85 35.46 -31.94
N THR B 347 7.56 35.29 -32.23
CA THR B 347 6.49 36.04 -31.58
C THR B 347 5.72 35.09 -30.68
N ASN B 348 5.93 35.22 -29.38
CA ASN B 348 5.33 34.38 -28.36
C ASN B 348 4.04 35.02 -27.84
N ASP B 349 3.59 34.59 -26.65
CA ASP B 349 2.33 34.98 -26.04
C ASP B 349 2.17 36.48 -25.87
N CYS B 350 2.95 37.08 -24.98
CA CYS B 350 2.94 38.52 -24.77
C CYS B 350 4.30 39.16 -24.98
N GLU B 351 5.27 38.41 -25.48
CA GLU B 351 6.63 38.92 -25.64
C GLU B 351 7.22 38.38 -26.93
N GLN B 352 8.19 39.10 -27.48
CA GLN B 352 8.96 38.61 -28.62
C GLN B 352 10.41 38.40 -28.19
N CYS B 353 11.02 37.36 -28.73
CA CYS B 353 12.30 36.87 -28.25
C CYS B 353 13.22 36.64 -29.44
N VAL B 354 14.52 36.83 -29.23
CA VAL B 354 15.54 36.55 -30.24
C VAL B 354 16.58 35.62 -29.62
N CYS B 355 17.03 34.64 -30.42
CA CYS B 355 18.05 33.70 -29.96
C CYS B 355 19.41 34.38 -29.98
N ASN B 356 19.94 34.66 -28.80
CA ASN B 356 21.30 35.14 -28.62
C ASN B 356 22.18 33.91 -28.43
N ALA B 357 23.39 34.06 -27.88
CA ALA B 357 24.34 32.94 -27.77
C ALA B 357 23.86 31.97 -26.71
N GLY B 358 22.93 31.10 -27.11
CA GLY B 358 22.41 30.06 -26.25
C GLY B 358 21.20 30.45 -25.43
N ARG B 359 21.00 31.71 -25.15
CA ARG B 359 19.89 32.20 -24.34
C ARG B 359 19.00 33.10 -25.17
N TRP B 360 17.76 33.24 -24.71
CA TRP B 360 16.78 34.10 -25.38
C TRP B 360 16.80 35.49 -24.76
N VAL B 361 16.64 36.49 -25.61
CA VAL B 361 16.52 37.89 -25.19
C VAL B 361 15.10 38.31 -25.52
N CYS B 362 14.27 38.44 -24.50
CA CYS B 362 12.84 38.66 -24.67
C CYS B 362 12.46 40.08 -24.30
N LYS B 363 11.44 40.59 -25.00
CA LYS B 363 10.99 41.98 -24.89
C LYS B 363 9.47 42.01 -24.92
N ASP B 364 8.88 42.80 -24.04
CA ASP B 364 7.44 42.74 -23.80
C ASP B 364 6.64 43.42 -24.89
N LEU B 365 5.47 42.87 -25.17
CA LEU B 365 4.47 43.40 -26.08
C LEU B 365 3.17 43.64 -25.33
N PRO B 366 2.37 44.63 -25.73
CA PRO B 366 1.12 44.90 -25.02
C PRO B 366 0.08 43.79 -25.24
N CYS B 367 -0.49 43.30 -24.14
CA CYS B 367 -1.51 42.27 -24.23
C CYS B 367 -2.54 42.46 -23.13
N PRO B 368 -3.83 42.25 -23.42
CA PRO B 368 -4.89 42.58 -22.45
C PRO B 368 -5.02 41.61 -21.30
N GLY B 369 -6.03 41.81 -20.47
CA GLY B 369 -6.31 40.91 -19.36
C GLY B 369 -7.80 40.71 -19.20
N THR B 370 -8.17 39.51 -18.75
CA THR B 370 -9.56 39.07 -18.77
C THR B 370 -9.99 38.54 -17.42
N CYS B 371 -10.97 39.19 -16.80
CA CYS B 371 -11.64 38.68 -15.61
C CYS B 371 -12.91 37.95 -16.02
N ALA B 372 -13.12 36.76 -15.47
CA ALA B 372 -14.27 35.95 -15.82
C ALA B 372 -15.09 35.60 -14.60
N LEU B 373 -16.41 35.54 -14.78
CA LEU B 373 -17.38 35.18 -13.75
C LEU B 373 -18.25 34.07 -14.33
N GLU B 374 -17.85 32.83 -14.09
CA GLU B 374 -18.42 31.66 -14.73
C GLU B 374 -19.13 30.78 -13.72
N GLY B 375 -20.06 29.97 -14.22
CA GLY B 375 -20.91 29.23 -13.32
C GLY B 375 -21.83 30.19 -12.60
N GLY B 376 -22.25 29.80 -11.41
CA GLY B 376 -22.87 30.77 -10.56
C GLY B 376 -21.79 31.52 -9.82
N SER B 377 -20.82 30.79 -9.32
CA SER B 377 -19.77 31.34 -8.46
C SER B 377 -18.42 30.71 -8.78
N HIS B 378 -17.72 31.26 -9.78
CA HIS B 378 -16.31 30.93 -10.02
C HIS B 378 -15.70 32.19 -10.61
N ILE B 379 -15.00 32.95 -9.78
CA ILE B 379 -14.36 34.18 -10.21
C ILE B 379 -12.93 33.84 -10.57
N THR B 380 -12.50 34.28 -11.75
CA THR B 380 -11.10 34.24 -12.15
C THR B 380 -10.66 35.68 -12.34
N THR B 381 -9.66 36.10 -11.58
CA THR B 381 -9.26 37.51 -11.58
C THR B 381 -8.46 37.81 -12.84
N PHE B 382 -7.99 39.05 -12.96
CA PHE B 382 -7.17 39.42 -14.11
C PHE B 382 -5.79 38.79 -14.08
N ASP B 383 -5.34 38.27 -12.94
CA ASP B 383 -3.99 37.76 -12.75
C ASP B 383 -3.98 36.28 -12.41
N GLY B 384 -4.85 35.50 -13.02
CA GLY B 384 -5.04 34.12 -12.62
C GLY B 384 -6.02 34.07 -11.48
N LYS B 385 -5.71 33.29 -10.45
CA LYS B 385 -6.34 33.36 -9.12
C LYS B 385 -7.84 33.07 -9.21
N THR B 386 -8.15 31.81 -9.42
CA THR B 386 -9.53 31.35 -9.47
C THR B 386 -10.03 31.02 -8.06
N TYR B 387 -11.26 31.45 -7.74
CA TYR B 387 -11.82 31.18 -6.42
C TYR B 387 -13.34 31.11 -6.50
N THR B 388 -13.93 30.50 -5.48
CA THR B 388 -15.37 30.26 -5.40
C THR B 388 -15.96 31.09 -4.26
N PHE B 389 -17.11 31.72 -4.49
CA PHE B 389 -17.61 32.63 -3.47
C PHE B 389 -19.00 32.35 -2.91
N HIS B 390 -20.04 32.18 -3.74
CA HIS B 390 -21.43 31.92 -3.31
C HIS B 390 -21.99 33.06 -2.44
N GLY B 391 -22.23 34.22 -3.07
CA GLY B 391 -22.74 35.37 -2.35
C GLY B 391 -24.25 35.49 -2.33
N ASP B 392 -24.73 36.59 -1.74
CA ASP B 392 -26.13 37.03 -1.90
C ASP B 392 -26.18 38.56 -1.70
N CYS B 393 -25.91 39.31 -2.78
CA CYS B 393 -25.91 40.78 -2.77
C CYS B 393 -25.59 41.32 -4.17
N TYR B 394 -25.56 42.64 -4.33
CA TYR B 394 -24.82 43.29 -5.42
C TYR B 394 -23.37 43.47 -5.01
N TYR B 395 -22.44 43.18 -5.93
CA TYR B 395 -21.03 43.23 -5.65
C TYR B 395 -20.30 44.05 -6.70
N VAL B 396 -19.26 44.77 -6.28
CA VAL B 396 -18.47 45.58 -7.20
C VAL B 396 -17.44 44.67 -7.87
N LEU B 397 -17.58 44.46 -9.17
CA LEU B 397 -16.72 43.54 -9.91
C LEU B 397 -15.48 44.24 -10.44
N ALA B 398 -15.63 45.46 -10.94
CA ALA B 398 -14.51 46.30 -11.36
C ALA B 398 -14.98 47.75 -11.37
N LYS B 399 -14.15 48.65 -10.88
CA LYS B 399 -14.47 50.06 -10.94
C LYS B 399 -13.18 50.87 -11.03
N GLY B 400 -13.26 52.01 -11.72
CA GLY B 400 -12.10 52.85 -11.92
C GLY B 400 -11.84 53.71 -10.70
N ASP B 401 -10.56 53.97 -10.44
CA ASP B 401 -10.16 54.42 -9.11
C ASP B 401 -10.19 55.94 -8.97
N HIS B 402 -10.24 56.67 -10.08
CA HIS B 402 -9.94 58.11 -10.06
C HIS B 402 -10.95 58.94 -9.27
N ASN B 403 -12.13 59.19 -9.83
CA ASN B 403 -13.26 59.60 -9.02
C ASN B 403 -14.53 59.01 -9.62
N ASP B 404 -14.50 58.80 -10.94
CA ASP B 404 -15.71 58.55 -11.71
C ASP B 404 -15.68 57.26 -12.49
N SER B 405 -14.58 57.00 -13.21
CA SER B 405 -14.58 56.49 -14.60
C SER B 405 -15.70 55.53 -14.95
N TYR B 406 -15.78 54.41 -14.25
CA TYR B 406 -16.86 53.45 -14.47
C TYR B 406 -17.00 52.60 -13.21
N ALA B 407 -18.00 51.74 -13.21
CA ALA B 407 -18.20 50.75 -12.16
C ALA B 407 -19.06 49.64 -12.73
N LEU B 408 -18.62 48.41 -12.59
CA LEU B 408 -19.35 47.26 -13.09
C LEU B 408 -19.83 46.44 -11.91
N LEU B 409 -21.15 46.33 -11.75
CA LEU B 409 -21.73 45.56 -10.66
C LEU B 409 -22.17 44.20 -11.18
N GLY B 410 -22.70 43.38 -10.28
CA GLY B 410 -23.22 42.08 -10.65
C GLY B 410 -23.88 41.39 -9.49
N GLU B 411 -25.08 40.86 -9.72
CA GLU B 411 -25.84 40.19 -8.67
C GLU B 411 -25.52 38.70 -8.65
N LEU B 412 -25.13 38.20 -7.48
CA LEU B 412 -24.81 36.80 -7.28
C LEU B 412 -25.75 36.35 -6.17
N ALA B 413 -26.93 35.88 -6.52
CA ALA B 413 -27.97 35.53 -5.57
C ALA B 413 -28.27 34.04 -5.68
N PRO B 414 -28.89 33.44 -4.66
CA PRO B 414 -29.28 32.02 -4.79
C PRO B 414 -30.40 31.85 -5.78
N CYS B 415 -30.21 30.88 -6.67
CA CYS B 415 -31.20 30.54 -7.67
C CYS B 415 -31.89 29.20 -7.42
N GLY B 416 -31.22 28.26 -6.77
CA GLY B 416 -31.82 26.98 -6.46
C GLY B 416 -32.49 26.91 -5.11
N SER B 417 -32.29 25.81 -4.38
CA SER B 417 -32.96 25.61 -3.10
C SER B 417 -32.12 26.13 -1.94
N THR B 418 -30.91 25.61 -1.77
CA THR B 418 -30.05 26.00 -0.67
C THR B 418 -29.38 27.34 -0.98
N ASP B 419 -28.49 27.76 -0.07
CA ASP B 419 -27.71 28.96 -0.27
C ASP B 419 -26.46 28.71 -1.09
N LYS B 420 -26.07 27.45 -1.27
CA LYS B 420 -24.87 27.09 -1.99
C LYS B 420 -25.15 26.87 -3.47
N GLN B 421 -26.36 27.13 -3.92
CA GLN B 421 -26.75 27.05 -5.31
C GLN B 421 -27.05 28.47 -5.76
N THR B 422 -26.00 29.19 -6.17
CA THR B 422 -26.11 30.58 -6.56
C THR B 422 -25.94 30.73 -8.06
N CYS B 423 -26.36 31.89 -8.56
CA CYS B 423 -26.41 32.18 -9.98
C CYS B 423 -26.16 33.67 -10.18
N LEU B 424 -25.64 34.01 -11.36
CA LEU B 424 -25.57 35.40 -11.77
C LEU B 424 -26.92 35.80 -12.34
N LYS B 425 -27.39 36.99 -11.97
CA LYS B 425 -28.74 37.37 -12.33
C LYS B 425 -28.83 38.71 -13.05
N THR B 426 -27.98 39.67 -12.69
CA THR B 426 -28.10 41.01 -13.24
C THR B 426 -26.72 41.63 -13.31
N VAL B 427 -26.35 42.14 -14.48
CA VAL B 427 -25.12 42.89 -14.68
C VAL B 427 -25.48 44.35 -14.85
N VAL B 428 -24.91 45.21 -14.02
CA VAL B 428 -25.19 46.64 -14.03
C VAL B 428 -23.90 47.38 -14.39
N LEU B 429 -23.97 48.26 -15.37
CA LEU B 429 -22.84 49.06 -15.80
C LEU B 429 -23.14 50.53 -15.57
N LEU B 430 -22.26 51.21 -14.83
CA LEU B 430 -22.42 52.62 -14.51
C LEU B 430 -21.29 53.37 -15.22
N ALA B 431 -21.60 53.89 -16.40
CA ALA B 431 -20.60 54.49 -17.28
C ALA B 431 -20.94 55.95 -17.56
N ASP B 432 -20.00 56.61 -18.27
CA ASP B 432 -20.09 58.00 -18.70
C ASP B 432 -20.26 58.95 -17.51
N LYS B 433 -19.22 58.99 -16.67
CA LYS B 433 -19.17 59.76 -15.42
C LYS B 433 -20.29 59.36 -14.46
N LYS B 434 -20.67 58.08 -14.52
CA LYS B 434 -21.63 57.43 -13.62
C LYS B 434 -23.02 58.06 -13.68
N LYS B 435 -23.38 58.65 -14.81
CA LYS B 435 -24.70 59.20 -15.01
C LYS B 435 -25.59 58.32 -15.88
N ASN B 436 -25.02 57.33 -16.55
CA ASN B 436 -25.76 56.40 -17.39
C ASN B 436 -25.67 55.00 -16.77
N ALA B 437 -26.82 54.42 -16.45
CA ALA B 437 -26.88 53.08 -15.88
C ALA B 437 -27.45 52.14 -16.93
N VAL B 438 -26.72 51.07 -17.23
CA VAL B 438 -27.14 50.06 -18.20
C VAL B 438 -27.33 48.75 -17.45
N VAL B 439 -28.46 48.09 -17.67
CA VAL B 439 -28.85 46.90 -16.91
C VAL B 439 -29.03 45.73 -17.87
N PHE B 440 -28.40 44.61 -17.56
CA PHE B 440 -28.42 43.38 -18.36
C PHE B 440 -29.14 42.31 -17.55
N LYS B 441 -30.45 42.21 -17.75
CA LYS B 441 -31.22 41.19 -17.05
C LYS B 441 -30.97 39.82 -17.67
N SER B 442 -31.35 38.77 -16.95
CA SER B 442 -31.12 37.42 -17.46
C SER B 442 -32.28 36.90 -18.30
N ASP B 443 -32.81 37.73 -19.20
CA ASP B 443 -33.73 37.28 -20.24
C ASP B 443 -33.56 38.10 -21.51
N GLY B 444 -32.36 38.58 -21.78
CA GLY B 444 -32.17 39.67 -22.71
C GLY B 444 -32.44 40.98 -22.00
N SER B 445 -33.34 41.79 -22.56
CA SER B 445 -33.99 42.92 -21.88
C SER B 445 -32.98 43.96 -21.40
N VAL B 446 -32.13 44.40 -22.31
CA VAL B 446 -31.20 45.48 -22.00
C VAL B 446 -32.00 46.77 -21.83
N LEU B 447 -31.79 47.46 -20.73
CA LEU B 447 -32.55 48.67 -20.46
C LEU B 447 -31.65 49.77 -19.91
N LEU B 448 -31.74 50.95 -20.52
CA LEU B 448 -30.96 52.12 -20.16
C LEU B 448 -31.84 53.10 -19.39
N ASN B 449 -31.44 53.36 -18.13
CA ASN B 449 -32.12 54.30 -17.23
C ASN B 449 -33.59 53.93 -17.04
N GLN B 450 -33.81 52.65 -16.70
CA GLN B 450 -35.13 52.06 -16.44
C GLN B 450 -36.05 52.12 -17.66
N LEU B 451 -35.49 52.11 -18.86
CA LEU B 451 -36.27 52.15 -20.09
C LEU B 451 -35.67 51.19 -21.10
N GLN B 452 -36.53 50.38 -21.74
CA GLN B 452 -36.10 49.41 -22.74
C GLN B 452 -35.42 50.08 -23.93
N VAL B 453 -34.38 49.45 -24.45
CA VAL B 453 -33.71 49.92 -25.65
C VAL B 453 -33.76 48.84 -26.72
N ASN B 454 -33.60 49.26 -27.97
CA ASN B 454 -33.57 48.36 -29.10
C ASN B 454 -32.13 48.12 -29.53
N LEU B 455 -31.82 46.87 -29.86
CA LEU B 455 -30.43 46.62 -30.20
C LEU B 455 -30.26 46.49 -31.71
N PRO B 456 -29.16 46.98 -32.31
CA PRO B 456 -27.98 47.66 -31.76
C PRO B 456 -28.23 49.08 -31.26
N HIS B 457 -27.31 49.57 -30.43
CA HIS B 457 -27.41 50.91 -29.84
C HIS B 457 -25.98 51.46 -29.77
N VAL B 458 -25.60 52.24 -30.79
CA VAL B 458 -24.26 52.76 -30.92
C VAL B 458 -24.28 54.24 -30.54
N THR B 459 -23.42 54.63 -29.60
CA THR B 459 -23.32 56.00 -29.14
C THR B 459 -21.88 56.49 -29.32
N ALA B 460 -21.59 57.64 -28.70
CA ALA B 460 -20.27 58.25 -28.84
C ALA B 460 -19.25 57.60 -27.91
N SER B 461 -19.66 57.20 -26.70
CA SER B 461 -18.74 56.67 -25.71
C SER B 461 -18.81 55.17 -25.55
N PHE B 462 -19.92 54.53 -25.91
CA PHE B 462 -20.01 53.07 -25.86
C PHE B 462 -20.99 52.60 -26.93
N SER B 463 -21.09 51.28 -27.07
CA SER B 463 -22.01 50.67 -28.01
C SER B 463 -22.31 49.24 -27.55
N VAL B 464 -23.55 48.82 -27.72
CA VAL B 464 -24.02 47.51 -27.29
C VAL B 464 -24.52 46.77 -28.53
N PHE B 465 -24.05 45.54 -28.72
CA PHE B 465 -24.43 44.73 -29.86
C PHE B 465 -25.09 43.44 -29.40
N ARG B 466 -25.69 42.72 -30.34
CA ARG B 466 -26.29 41.41 -30.05
C ARG B 466 -26.21 40.56 -31.30
N PRO B 467 -25.14 39.79 -31.46
CA PRO B 467 -24.93 39.08 -32.72
C PRO B 467 -25.66 37.74 -32.84
N SER B 468 -25.97 37.09 -31.72
CA SER B 468 -26.38 35.69 -31.79
C SER B 468 -27.51 35.33 -30.83
N SER B 469 -28.21 36.32 -30.28
CA SER B 469 -29.43 36.20 -29.47
C SER B 469 -29.25 35.53 -28.10
N TYR B 470 -28.08 34.96 -27.84
CA TYR B 470 -27.65 34.47 -26.53
C TYR B 470 -26.32 35.11 -26.15
N HIS B 471 -25.96 36.19 -26.81
CA HIS B 471 -24.66 36.83 -26.64
C HIS B 471 -24.86 38.32 -26.82
N ILE B 472 -24.36 39.10 -25.87
CA ILE B 472 -24.37 40.56 -25.95
C ILE B 472 -22.93 41.03 -25.85
N MET B 473 -22.54 41.93 -26.75
CA MET B 473 -21.18 42.45 -26.79
C MET B 473 -21.24 43.95 -26.57
N VAL B 474 -20.52 44.43 -25.55
CA VAL B 474 -20.50 45.83 -25.18
C VAL B 474 -19.06 46.32 -25.26
N SER B 475 -18.83 47.38 -26.03
CA SER B 475 -17.52 47.98 -26.16
C SER B 475 -17.56 49.41 -25.67
N MET B 476 -16.51 49.82 -24.96
CA MET B 476 -16.40 51.18 -24.45
C MET B 476 -15.14 51.85 -24.97
N ALA B 477 -15.20 53.17 -25.08
CA ALA B 477 -14.06 53.95 -25.56
C ALA B 477 -12.97 54.10 -24.51
N ILE B 478 -13.26 53.80 -23.25
CA ILE B 478 -12.25 53.87 -22.20
C ILE B 478 -11.26 52.72 -22.34
N GLY B 479 -11.74 51.54 -22.72
CA GLY B 479 -10.88 50.38 -22.85
C GLY B 479 -11.50 49.14 -22.24
N VAL B 480 -12.79 49.22 -21.92
CA VAL B 480 -13.50 48.15 -21.24
C VAL B 480 -14.39 47.45 -22.26
N ARG B 481 -14.33 46.12 -22.30
CA ARG B 481 -15.17 45.33 -23.18
C ARG B 481 -15.85 44.24 -22.38
N LEU B 482 -17.15 44.06 -22.64
CA LEU B 482 -17.98 43.10 -21.93
C LEU B 482 -18.57 42.10 -22.92
N GLN B 483 -18.71 40.85 -22.46
CA GLN B 483 -19.44 39.83 -23.20
C GLN B 483 -20.35 39.09 -22.21
N VAL B 484 -21.65 39.26 -22.38
CA VAL B 484 -22.63 38.67 -21.48
C VAL B 484 -23.21 37.44 -22.16
N GLN B 485 -23.02 36.29 -21.53
CA GLN B 485 -23.62 35.05 -21.99
C GLN B 485 -24.97 34.85 -21.31
N LEU B 486 -25.93 34.32 -22.06
CA LEU B 486 -27.30 34.20 -21.56
C LEU B 486 -27.82 32.77 -21.48
N ALA B 487 -27.26 31.83 -22.23
CA ALA B 487 -27.68 30.45 -22.19
C ALA B 487 -26.43 29.57 -22.22
N PRO B 488 -26.43 28.43 -21.50
CA PRO B 488 -27.44 27.82 -20.62
C PRO B 488 -27.64 28.55 -19.29
N VAL B 489 -26.56 29.07 -18.73
CA VAL B 489 -26.60 29.90 -17.54
C VAL B 489 -25.91 31.21 -17.86
N MET B 490 -26.21 32.23 -17.07
CA MET B 490 -25.69 33.57 -17.34
C MET B 490 -24.26 33.67 -16.86
N GLN B 491 -23.37 34.15 -17.73
CA GLN B 491 -21.95 34.29 -17.42
C GLN B 491 -21.46 35.62 -17.97
N LEU B 492 -20.29 36.07 -17.50
CA LEU B 492 -19.77 37.38 -17.84
C LEU B 492 -18.27 37.32 -18.04
N PHE B 493 -17.80 38.03 -19.06
CA PHE B 493 -16.39 38.11 -19.42
C PHE B 493 -16.02 39.57 -19.65
N VAL B 494 -14.98 40.04 -18.97
CA VAL B 494 -14.59 41.44 -18.95
C VAL B 494 -13.16 41.52 -19.48
N THR B 495 -12.87 42.51 -20.33
CA THR B 495 -11.54 42.65 -20.89
C THR B 495 -11.06 44.08 -20.76
N LEU B 496 -9.87 44.26 -20.18
CA LEU B 496 -9.21 45.55 -20.06
C LEU B 496 -7.93 45.59 -20.88
N ASP B 497 -7.56 46.79 -21.28
CA ASP B 497 -6.24 46.98 -21.88
C ASP B 497 -5.16 46.91 -20.81
N GLN B 498 -3.92 46.86 -21.26
CA GLN B 498 -2.79 46.83 -20.34
C GLN B 498 -2.37 48.24 -19.94
N ALA B 499 -3.00 49.27 -20.50
CA ALA B 499 -2.81 50.62 -19.99
C ALA B 499 -3.46 50.81 -18.63
N SER B 500 -4.53 50.06 -18.35
CA SER B 500 -5.22 50.12 -17.07
C SER B 500 -4.68 49.09 -16.09
N GLN B 501 -3.36 49.05 -15.94
CA GLN B 501 -2.71 47.98 -15.20
C GLN B 501 -2.32 48.52 -13.83
N GLY B 502 -2.90 47.95 -12.78
CA GLY B 502 -2.76 48.49 -11.45
C GLY B 502 -3.70 49.64 -11.15
N GLN B 503 -4.80 49.77 -11.89
CA GLN B 503 -5.71 50.90 -11.77
C GLN B 503 -7.17 50.47 -11.71
N VAL B 504 -7.45 49.26 -11.22
CA VAL B 504 -8.81 48.79 -11.02
C VAL B 504 -8.93 48.10 -9.67
N GLN B 505 -10.15 48.11 -9.13
CA GLN B 505 -10.49 47.47 -7.86
C GLN B 505 -11.87 46.85 -7.97
N GLY B 506 -12.06 45.75 -7.27
CA GLY B 506 -13.32 45.02 -7.35
C GLY B 506 -13.11 43.59 -6.91
N LEU B 507 -14.00 42.72 -7.37
CA LEU B 507 -13.80 41.29 -7.16
C LEU B 507 -12.89 40.67 -8.21
N CYS B 508 -12.40 41.46 -9.16
CA CYS B 508 -11.50 40.99 -10.19
C CYS B 508 -10.05 41.30 -9.88
N GLY B 509 -9.74 41.82 -8.71
CA GLY B 509 -8.37 42.10 -8.35
C GLY B 509 -7.91 43.45 -8.85
N ASN B 510 -6.61 43.66 -8.78
CA ASN B 510 -6.04 44.94 -9.17
C ASN B 510 -5.18 44.91 -10.43
N PHE B 511 -4.86 43.72 -10.97
CA PHE B 511 -4.22 43.55 -12.28
C PHE B 511 -2.85 44.25 -12.30
N ASN B 512 -1.92 43.66 -11.54
CA ASN B 512 -0.56 44.17 -11.43
C ASN B 512 0.53 43.13 -11.68
N GLY B 513 0.18 41.89 -12.04
CA GLY B 513 1.14 40.85 -12.31
C GLY B 513 1.26 39.81 -11.22
N LEU B 514 1.19 40.22 -9.96
CA LEU B 514 1.18 39.32 -8.81
C LEU B 514 -0.24 38.88 -8.51
N GLU B 515 -0.42 37.63 -8.11
CA GLU B 515 -1.74 37.16 -7.69
C GLU B 515 -1.80 36.88 -6.20
N GLY B 516 -0.74 37.19 -5.46
CA GLY B 516 -0.79 37.06 -4.02
C GLY B 516 -1.55 38.19 -3.35
N ASP B 517 -1.64 39.34 -4.00
CA ASP B 517 -2.33 40.50 -3.44
C ASP B 517 -3.68 40.76 -4.09
N ASP B 518 -4.31 39.76 -4.69
CA ASP B 518 -5.64 40.00 -5.22
C ASP B 518 -6.68 40.03 -4.12
N PHE B 519 -6.44 39.34 -3.00
CA PHE B 519 -7.34 39.40 -1.87
C PHE B 519 -7.04 40.55 -0.93
N LYS B 520 -6.36 41.59 -1.42
CA LYS B 520 -6.09 42.79 -0.64
C LYS B 520 -7.30 43.69 -0.66
N THR B 521 -7.86 43.96 0.52
CA THR B 521 -9.07 44.78 0.61
C THR B 521 -8.75 46.24 0.40
N ALA B 522 -9.80 47.05 0.36
CA ALA B 522 -9.68 48.49 0.12
C ALA B 522 -9.36 49.27 1.37
N SER B 523 -8.93 48.60 2.43
CA SER B 523 -8.58 49.22 3.69
C SER B 523 -7.34 48.57 4.25
N GLY B 524 -6.31 48.41 3.42
CA GLY B 524 -5.10 47.81 3.93
C GLY B 524 -4.76 46.41 3.46
N LEU B 525 -5.11 45.43 4.28
CA LEU B 525 -4.39 44.17 4.35
C LEU B 525 -5.05 43.07 3.52
N VAL B 526 -4.22 42.09 3.15
CA VAL B 526 -4.65 40.93 2.37
C VAL B 526 -5.42 39.97 3.26
N GLU B 527 -6.60 39.54 2.80
CA GLU B 527 -7.37 38.52 3.48
C GLU B 527 -6.93 37.13 3.06
N ALA B 528 -7.41 36.14 3.79
CA ALA B 528 -6.99 34.75 3.58
C ALA B 528 -7.90 33.99 2.64
N THR B 529 -9.20 34.12 2.82
CA THR B 529 -10.18 33.36 2.09
C THR B 529 -10.95 34.27 1.14
N GLY B 530 -11.56 33.65 0.13
CA GLY B 530 -12.27 34.40 -0.89
C GLY B 530 -13.54 35.05 -0.39
N ALA B 531 -14.24 34.40 0.54
CA ALA B 531 -15.46 34.96 1.09
C ALA B 531 -15.22 36.00 2.16
N GLY B 532 -13.98 36.20 2.60
CA GLY B 532 -13.68 37.28 3.53
C GLY B 532 -13.24 38.52 2.81
N PHE B 533 -12.54 38.34 1.69
CA PHE B 533 -12.23 39.44 0.79
C PHE B 533 -13.47 40.04 0.17
N ALA B 534 -14.41 39.20 -0.26
CA ALA B 534 -15.49 39.64 -1.12
C ALA B 534 -16.67 40.22 -0.35
N ASN B 535 -16.68 40.12 0.97
CA ASN B 535 -17.69 40.80 1.76
C ASN B 535 -17.37 42.26 1.96
N THR B 536 -16.18 42.69 1.56
CA THR B 536 -15.81 44.09 1.59
C THR B 536 -16.23 44.82 0.34
N TRP B 537 -16.73 44.11 -0.67
CA TRP B 537 -17.16 44.71 -1.92
C TRP B 537 -18.66 44.57 -2.14
N LYS B 538 -19.43 44.49 -1.06
CA LYS B 538 -20.88 44.57 -1.16
C LYS B 538 -21.28 45.96 -1.60
N ALA B 539 -22.18 46.05 -2.57
CA ALA B 539 -22.68 47.33 -3.03
C ALA B 539 -23.88 47.81 -2.22
N GLN B 540 -24.36 46.99 -1.29
CA GLN B 540 -25.48 47.34 -0.43
C GLN B 540 -25.07 47.05 1.02
N SER B 541 -25.40 47.97 1.92
CA SER B 541 -24.98 47.83 3.31
C SER B 541 -25.81 46.81 4.08
N THR B 542 -27.02 46.49 3.62
CA THR B 542 -27.92 45.61 4.34
C THR B 542 -27.79 44.16 3.92
N CYS B 543 -26.71 43.80 3.23
CA CYS B 543 -26.48 42.42 2.86
C CYS B 543 -25.76 41.69 3.98
N HIS B 544 -26.09 40.42 4.16
CA HIS B 544 -25.43 39.64 5.20
C HIS B 544 -24.06 39.20 4.72
N ASP B 545 -23.22 38.81 5.68
CA ASP B 545 -21.88 38.34 5.37
C ASP B 545 -21.91 36.86 5.06
N LYS B 546 -21.16 36.47 4.02
CA LYS B 546 -21.11 35.08 3.62
C LYS B 546 -19.78 34.48 4.04
N LEU B 547 -19.72 33.15 4.05
CA LEU B 547 -18.61 32.41 4.60
C LEU B 547 -18.29 31.27 3.64
N ASP B 548 -17.09 30.70 3.77
CA ASP B 548 -16.71 29.61 2.88
C ASP B 548 -17.48 28.33 3.18
N TRP B 549 -17.14 27.30 2.43
CA TRP B 549 -17.89 26.06 2.45
C TRP B 549 -16.88 24.96 2.09
N LEU B 550 -16.44 24.22 3.09
CA LEU B 550 -15.36 23.24 2.92
C LEU B 550 -15.94 21.85 2.71
N ASP B 551 -16.80 21.75 1.70
CA ASP B 551 -17.46 20.51 1.32
C ASP B 551 -17.32 20.32 -0.17
N ASP B 552 -17.43 19.08 -0.62
CA ASP B 552 -17.63 18.97 -2.04
C ASP B 552 -19.05 18.50 -2.35
N PRO B 553 -19.66 19.02 -3.42
CA PRO B 553 -21.03 18.63 -3.73
C PRO B 553 -21.18 17.21 -4.26
N CYS B 554 -20.10 16.60 -4.73
CA CYS B 554 -20.21 15.24 -5.27
C CYS B 554 -20.18 14.16 -4.20
N SER B 555 -20.05 14.54 -2.93
CA SER B 555 -20.24 13.61 -1.83
C SER B 555 -21.60 13.74 -1.18
N LEU B 556 -22.18 14.94 -1.23
CA LEU B 556 -23.50 15.18 -0.68
C LEU B 556 -24.62 14.62 -1.56
N ASN B 557 -24.33 14.31 -2.82
CA ASN B 557 -25.32 13.81 -3.77
C ASN B 557 -24.72 12.61 -4.48
N ILE B 558 -25.28 11.42 -4.23
CA ILE B 558 -24.76 10.20 -4.83
C ILE B 558 -25.33 9.97 -6.22
N GLU B 559 -26.51 10.50 -6.52
CA GLU B 559 -27.11 10.30 -7.83
C GLU B 559 -26.55 11.23 -8.88
N SER B 560 -26.00 12.38 -8.47
CA SER B 560 -25.42 13.33 -9.40
C SER B 560 -23.95 13.08 -9.67
N ALA B 561 -23.29 12.25 -8.85
CA ALA B 561 -21.85 12.10 -8.91
C ALA B 561 -21.40 11.02 -9.89
N ASN B 562 -22.32 10.21 -10.41
CA ASN B 562 -22.00 9.29 -11.50
C ASN B 562 -22.25 9.96 -12.84
N TYR B 563 -23.28 10.80 -12.91
CA TYR B 563 -23.55 11.62 -14.08
C TYR B 563 -22.44 12.64 -14.29
N ALA B 564 -21.88 13.16 -13.20
CA ALA B 564 -20.79 14.13 -13.32
C ALA B 564 -19.51 13.47 -13.76
N GLU B 565 -19.27 12.23 -13.32
CA GLU B 565 -18.03 11.55 -13.66
C GLU B 565 -18.01 11.10 -15.12
N HIS B 566 -19.15 10.65 -15.64
CA HIS B 566 -19.18 10.09 -16.99
C HIS B 566 -19.00 11.16 -18.05
N TRP B 567 -19.58 12.34 -17.84
CA TRP B 567 -19.60 13.35 -18.89
C TRP B 567 -18.49 14.38 -18.76
N CYS B 568 -18.04 14.71 -17.56
CA CYS B 568 -16.90 15.61 -17.43
C CYS B 568 -15.58 14.94 -17.72
N SER B 569 -15.54 13.60 -17.77
CA SER B 569 -14.33 12.89 -18.16
C SER B 569 -14.00 13.05 -19.63
N LEU B 570 -14.93 13.54 -20.45
CA LEU B 570 -14.68 13.79 -21.86
C LEU B 570 -13.69 14.92 -22.07
N LEU B 571 -13.49 15.79 -21.08
CA LEU B 571 -12.46 16.80 -21.15
C LEU B 571 -11.06 16.22 -21.04
N LYS B 572 -10.93 14.99 -20.55
CA LYS B 572 -9.63 14.38 -20.30
C LYS B 572 -9.26 13.26 -21.26
N LYS B 573 -10.23 12.61 -21.91
CA LYS B 573 -9.92 11.53 -22.82
C LYS B 573 -9.73 12.07 -24.23
N THR B 574 -8.88 11.39 -25.01
CA THR B 574 -8.35 11.91 -26.26
C THR B 574 -9.10 11.44 -27.50
N GLU B 575 -10.07 10.53 -27.36
CA GLU B 575 -10.87 10.12 -28.51
C GLU B 575 -11.89 11.18 -28.90
N THR B 576 -12.22 12.08 -27.99
CA THR B 576 -13.21 13.12 -28.18
C THR B 576 -12.56 14.30 -28.91
N PRO B 577 -13.39 15.30 -29.42
CA PRO B 577 -12.81 16.56 -29.90
C PRO B 577 -12.46 17.56 -28.79
N PHE B 578 -11.87 17.06 -27.71
CA PHE B 578 -11.28 17.88 -26.68
C PHE B 578 -9.81 17.57 -26.48
N GLY B 579 -9.30 16.49 -27.06
CA GLY B 579 -7.89 16.15 -26.99
C GLY B 579 -7.03 17.00 -27.90
N ARG B 580 -7.64 17.70 -28.86
CA ARG B 580 -6.92 18.67 -29.68
C ARG B 580 -6.43 19.86 -28.86
N CYS B 581 -7.12 20.19 -27.77
CA CYS B 581 -6.73 21.31 -26.92
C CYS B 581 -5.77 20.92 -25.80
N HIS B 582 -5.49 19.62 -25.63
CA HIS B 582 -4.66 19.17 -24.51
C HIS B 582 -3.22 19.62 -24.62
N SER B 583 -2.77 20.00 -25.81
CA SER B 583 -1.43 20.53 -26.00
C SER B 583 -1.32 22.01 -25.63
N ALA B 584 -2.44 22.67 -25.31
CA ALA B 584 -2.39 24.10 -25.06
C ALA B 584 -3.04 24.51 -23.74
N VAL B 585 -4.12 23.85 -23.33
CA VAL B 585 -4.98 24.39 -22.29
C VAL B 585 -4.86 23.63 -20.96
N ASP B 586 -4.51 22.32 -20.98
CA ASP B 586 -4.31 21.46 -19.81
C ASP B 586 -5.58 21.34 -18.97
N PRO B 587 -6.51 20.45 -19.35
CA PRO B 587 -7.87 20.46 -18.78
C PRO B 587 -8.02 20.03 -17.34
N ALA B 588 -6.93 19.87 -16.59
CA ALA B 588 -7.01 19.28 -15.24
C ALA B 588 -7.73 20.18 -14.25
N GLU B 589 -7.82 21.48 -14.51
CA GLU B 589 -8.55 22.39 -13.64
C GLU B 589 -9.96 22.69 -14.13
N TYR B 590 -10.26 22.46 -15.41
CA TYR B 590 -11.63 22.54 -15.89
C TYR B 590 -12.42 21.31 -15.49
N TYR B 591 -11.73 20.16 -15.40
CA TYR B 591 -12.37 18.92 -14.95
C TYR B 591 -12.84 19.02 -13.51
N LYS B 592 -12.07 19.72 -12.66
CA LYS B 592 -12.43 19.83 -11.25
C LYS B 592 -13.62 20.73 -11.05
N ARG B 593 -13.78 21.76 -11.87
CA ARG B 593 -14.92 22.65 -11.79
CA ARG B 593 -14.92 22.64 -11.75
C ARG B 593 -16.14 22.08 -12.48
N CYS B 594 -15.93 21.26 -13.51
CA CYS B 594 -17.04 20.61 -14.20
C CYS B 594 -17.76 19.65 -13.27
N LYS B 595 -17.01 18.91 -12.46
CA LYS B 595 -17.64 18.06 -11.45
C LYS B 595 -18.26 18.89 -10.34
N TYR B 596 -17.72 20.06 -10.05
CA TYR B 596 -18.24 20.90 -8.97
C TYR B 596 -19.64 21.40 -9.30
N ASP B 597 -19.78 22.05 -10.45
CA ASP B 597 -21.05 22.65 -10.85
C ASP B 597 -22.10 21.62 -11.21
N THR B 598 -21.69 20.45 -11.74
CA THR B 598 -22.67 19.44 -12.12
C THR B 598 -23.32 18.82 -10.88
N CYS B 599 -22.52 18.49 -9.87
CA CYS B 599 -23.07 17.93 -8.65
C CYS B 599 -23.82 18.95 -7.80
N ASN B 600 -23.63 20.25 -8.03
CA ASN B 600 -24.15 21.26 -7.11
C ASN B 600 -25.49 21.82 -7.56
N CYS B 601 -25.65 22.16 -8.84
CA CYS B 601 -26.85 22.87 -9.23
C CYS B 601 -28.02 21.92 -9.44
N GLN B 602 -29.22 22.50 -9.55
CA GLN B 602 -30.44 21.70 -9.61
C GLN B 602 -30.76 21.23 -11.03
N ASN B 603 -30.34 21.97 -12.05
CA ASN B 603 -30.49 21.54 -13.44
C ASN B 603 -29.09 21.16 -13.91
N ASN B 604 -28.78 19.87 -13.84
CA ASN B 604 -27.41 19.39 -13.96
C ASN B 604 -26.87 19.45 -15.37
N GLU B 605 -27.74 19.46 -16.39
CA GLU B 605 -27.26 19.50 -17.75
C GLU B 605 -26.88 20.91 -18.18
N ASP B 606 -27.56 21.92 -17.63
CA ASP B 606 -27.19 23.31 -17.92
C ASP B 606 -25.88 23.71 -17.27
N CYS B 607 -25.44 22.99 -16.24
CA CYS B 607 -24.15 23.24 -15.64
C CYS B 607 -23.06 22.41 -16.26
N LEU B 608 -23.43 21.25 -16.81
CA LEU B 608 -22.49 20.48 -17.63
C LEU B 608 -22.16 21.23 -18.91
N CYS B 609 -23.18 21.65 -19.66
CA CYS B 609 -22.96 22.27 -20.96
C CYS B 609 -22.39 23.68 -20.85
N ALA B 610 -22.51 24.33 -19.69
CA ALA B 610 -21.84 25.59 -19.49
C ALA B 610 -20.37 25.42 -19.17
N ALA B 611 -20.02 24.34 -18.48
CA ALA B 611 -18.62 24.08 -18.14
C ALA B 611 -17.86 23.41 -19.27
N LEU B 612 -18.57 22.76 -20.20
CA LEU B 612 -17.92 22.25 -21.40
C LEU B 612 -17.76 23.33 -22.45
N SER B 613 -18.63 24.34 -22.45
CA SER B 613 -18.50 25.47 -23.34
C SER B 613 -17.55 26.54 -22.82
N SER B 614 -16.95 26.34 -21.64
CA SER B 614 -15.94 27.25 -21.14
C SER B 614 -14.54 26.71 -21.33
N TYR B 615 -14.38 25.39 -21.47
CA TYR B 615 -13.11 24.86 -21.95
C TYR B 615 -12.94 25.15 -23.43
N ALA B 616 -14.01 24.99 -24.20
CA ALA B 616 -13.98 25.30 -25.63
C ALA B 616 -13.83 26.80 -25.87
N ARG B 617 -14.31 27.63 -24.95
CA ARG B 617 -14.12 29.07 -25.10
C ARG B 617 -12.66 29.45 -24.87
N ALA B 618 -12.07 28.95 -23.80
CA ALA B 618 -10.69 29.28 -23.46
C ALA B 618 -9.66 28.50 -24.28
N CYS B 619 -10.11 27.63 -25.18
CA CYS B 619 -9.20 27.02 -26.14
C CYS B 619 -9.16 27.77 -27.46
N THR B 620 -10.27 28.37 -27.88
CA THR B 620 -10.26 29.25 -29.06
C THR B 620 -9.49 30.53 -28.81
N ALA B 621 -9.24 30.89 -27.55
CA ALA B 621 -8.42 32.06 -27.25
C ALA B 621 -6.94 31.83 -27.52
N LYS B 622 -6.52 30.57 -27.72
CA LYS B 622 -5.15 30.26 -28.07
C LYS B 622 -5.09 29.55 -29.41
N GLY B 623 -5.86 30.03 -30.39
CA GLY B 623 -5.74 29.56 -31.75
C GLY B 623 -6.53 28.33 -32.10
N VAL B 624 -6.48 27.30 -31.24
CA VAL B 624 -7.12 26.03 -31.54
C VAL B 624 -8.63 26.18 -31.36
N MET B 625 -9.35 26.24 -32.47
CA MET B 625 -10.80 26.36 -32.44
C MET B 625 -11.42 24.98 -32.63
N LEU B 626 -12.41 24.66 -31.81
CA LEU B 626 -13.04 23.34 -31.85
C LEU B 626 -14.27 23.41 -32.75
N TRP B 627 -14.06 23.12 -34.03
CA TRP B 627 -15.18 22.95 -34.95
C TRP B 627 -15.90 21.65 -34.63
N GLY B 628 -17.15 21.75 -34.18
CA GLY B 628 -17.98 20.59 -34.01
C GLY B 628 -17.73 19.77 -32.77
N TRP B 629 -17.69 20.40 -31.59
CA TRP B 629 -17.62 19.66 -30.35
C TRP B 629 -19.00 19.31 -29.81
N ARG B 630 -20.05 19.89 -30.37
CA ARG B 630 -21.43 19.65 -29.98
C ARG B 630 -22.05 18.65 -30.95
N GLU B 631 -21.71 17.38 -30.79
CA GLU B 631 -22.40 16.35 -31.57
C GLU B 631 -22.94 15.21 -30.73
N HIS B 632 -22.40 14.97 -29.54
CA HIS B 632 -22.86 13.91 -28.67
C HIS B 632 -23.29 14.39 -27.30
N VAL B 633 -22.96 15.62 -26.91
CA VAL B 633 -22.97 16.04 -25.52
C VAL B 633 -24.02 17.12 -25.25
N CYS B 634 -24.06 18.17 -26.08
CA CYS B 634 -24.90 19.33 -25.79
C CYS B 634 -25.59 19.81 -27.05
N ASN B 635 -26.11 18.88 -27.84
CA ASN B 635 -26.70 19.19 -29.14
C ASN B 635 -28.22 19.28 -29.09
N LYS B 636 -28.76 19.77 -27.97
CA LYS B 636 -30.20 19.95 -27.86
C LYS B 636 -30.70 21.24 -28.48
N ASP B 637 -29.81 22.02 -29.11
CA ASP B 637 -30.23 23.24 -29.80
C ASP B 637 -29.52 23.42 -31.13
N VAL B 638 -28.79 22.41 -31.61
CA VAL B 638 -28.05 22.55 -32.86
C VAL B 638 -29.00 22.51 -34.05
N GLY B 639 -29.85 21.50 -34.11
CA GLY B 639 -30.77 21.34 -35.21
C GLY B 639 -32.00 22.24 -35.20
N SER B 640 -32.13 23.12 -34.22
CA SER B 640 -33.30 23.99 -34.10
C SER B 640 -33.10 25.35 -34.76
N CYS B 641 -32.06 25.51 -35.58
CA CYS B 641 -31.90 26.75 -36.34
C CYS B 641 -32.95 26.82 -37.44
N PRO B 642 -33.30 28.04 -37.91
CA PRO B 642 -34.31 28.17 -38.98
C PRO B 642 -33.88 27.64 -40.34
N ASN B 643 -34.73 27.88 -41.34
CA ASN B 643 -34.72 27.12 -42.59
C ASN B 643 -33.46 27.34 -43.42
N SER B 644 -32.98 28.58 -43.52
CA SER B 644 -31.83 28.88 -44.37
C SER B 644 -30.52 28.90 -43.61
N GLN B 645 -30.55 29.32 -42.35
CA GLN B 645 -29.34 29.51 -41.57
C GLN B 645 -29.05 28.29 -40.69
N VAL B 646 -27.76 28.03 -40.48
CA VAL B 646 -27.30 26.81 -39.83
C VAL B 646 -26.57 27.14 -38.55
N PHE B 647 -26.09 26.12 -37.84
CA PHE B 647 -25.38 26.30 -36.58
C PHE B 647 -23.90 26.53 -36.88
N LEU B 648 -23.34 27.61 -36.34
CA LEU B 648 -21.96 27.97 -36.57
C LEU B 648 -21.16 27.95 -35.27
N TYR B 649 -19.84 27.91 -35.42
CA TYR B 649 -18.92 27.99 -34.29
C TYR B 649 -18.01 29.21 -34.36
N ASN B 650 -18.18 30.07 -35.37
CA ASN B 650 -17.33 31.23 -35.54
C ASN B 650 -18.17 32.45 -35.93
N LEU B 651 -19.28 32.64 -35.24
CA LEU B 651 -20.15 33.77 -35.51
C LEU B 651 -19.56 35.01 -34.86
N THR B 652 -19.48 36.11 -35.62
CA THR B 652 -18.82 37.33 -35.19
C THR B 652 -19.80 38.47 -35.50
N THR B 653 -19.49 39.67 -34.99
CA THR B 653 -20.36 40.84 -35.18
C THR B 653 -20.48 41.21 -36.65
N CYS B 654 -19.37 41.24 -37.37
CA CYS B 654 -19.35 41.73 -38.75
C CYS B 654 -19.59 40.62 -39.77
N GLN B 655 -20.68 39.88 -39.56
CA GLN B 655 -21.29 39.01 -40.54
C GLN B 655 -22.77 39.35 -40.69
N GLN B 656 -23.10 40.62 -40.44
CA GLN B 656 -24.48 41.08 -40.31
C GLN B 656 -25.13 41.35 -41.65
N THR B 657 -26.26 42.07 -41.63
CA THR B 657 -27.06 42.33 -42.81
C THR B 657 -26.34 43.33 -43.73
N CYS B 658 -27.01 43.64 -44.85
CA CYS B 658 -26.51 44.65 -45.76
C CYS B 658 -26.73 46.07 -45.22
N ARG B 659 -27.53 46.23 -44.17
CA ARG B 659 -27.59 47.50 -43.46
C ARG B 659 -26.28 47.80 -42.75
N SER B 660 -25.57 46.74 -42.32
CA SER B 660 -24.22 46.94 -41.79
C SER B 660 -23.25 47.30 -42.89
N LEU B 661 -23.53 46.89 -44.13
CA LEU B 661 -22.70 47.28 -45.26
C LEU B 661 -22.93 48.74 -45.67
N SER B 662 -24.04 49.34 -45.24
CA SER B 662 -24.29 50.74 -45.54
C SER B 662 -23.35 51.65 -44.76
N GLU B 663 -23.07 51.33 -43.50
CA GLU B 663 -22.08 52.06 -42.74
C GLU B 663 -20.68 51.55 -43.04
N ALA B 664 -20.43 50.27 -42.74
CA ALA B 664 -19.24 49.48 -43.09
C ALA B 664 -17.94 49.94 -42.43
N ASP B 665 -17.96 51.05 -41.70
CA ASP B 665 -16.83 51.48 -40.91
C ASP B 665 -17.25 52.09 -39.59
N SER B 666 -18.54 52.11 -39.27
CA SER B 666 -19.06 52.74 -38.06
C SER B 666 -19.17 51.77 -36.89
N HIS B 667 -19.72 50.58 -37.12
CA HIS B 667 -19.86 49.58 -36.06
C HIS B 667 -19.40 48.21 -36.57
N CYS B 668 -18.14 47.89 -36.30
CA CYS B 668 -17.64 46.54 -36.51
C CYS B 668 -17.05 45.95 -35.26
N LEU B 669 -16.30 46.74 -34.49
CA LEU B 669 -15.83 46.44 -33.13
C LEU B 669 -14.96 45.18 -33.09
N GLU B 670 -13.79 45.28 -33.70
CA GLU B 670 -12.82 44.21 -33.62
C GLU B 670 -12.22 44.13 -32.22
N GLY B 671 -11.78 42.94 -31.85
CA GLY B 671 -11.18 42.71 -30.55
C GLY B 671 -11.93 41.73 -29.66
N PHE B 672 -13.09 41.24 -30.08
CA PHE B 672 -13.88 40.31 -29.29
C PHE B 672 -13.52 38.88 -29.68
N ALA B 673 -14.26 37.91 -29.16
CA ALA B 673 -14.09 36.50 -29.43
C ALA B 673 -15.30 35.96 -30.20
N PRO B 674 -15.10 34.97 -31.08
CA PRO B 674 -16.23 34.39 -31.81
C PRO B 674 -17.05 33.45 -30.94
N VAL B 675 -18.36 33.46 -31.18
CA VAL B 675 -19.34 32.73 -30.39
C VAL B 675 -20.11 31.79 -31.31
N ASP B 676 -20.83 30.85 -30.70
CA ASP B 676 -21.52 29.80 -31.43
C ASP B 676 -23.05 29.96 -31.38
N GLY B 677 -23.65 30.20 -32.53
CA GLY B 677 -25.08 30.33 -32.64
C GLY B 677 -25.55 30.09 -34.05
N CYS B 678 -26.84 30.35 -34.28
CA CYS B 678 -27.43 30.15 -35.60
C CYS B 678 -27.02 31.29 -36.53
N GLY B 679 -26.55 30.93 -37.72
CA GLY B 679 -26.10 31.92 -38.68
C GLY B 679 -26.02 31.36 -40.09
N CYS B 680 -25.72 32.25 -41.02
CA CYS B 680 -25.70 31.94 -42.44
C CYS B 680 -24.29 31.57 -42.90
N PRO B 681 -24.15 30.78 -43.99
CA PRO B 681 -22.81 30.36 -44.44
C PRO B 681 -21.95 31.46 -45.07
N ASP B 682 -20.85 31.04 -45.73
CA ASP B 682 -19.82 31.92 -46.27
C ASP B 682 -20.33 33.02 -47.20
N HIS B 683 -21.50 32.85 -47.80
CA HIS B 683 -22.13 33.88 -48.61
C HIS B 683 -23.58 33.96 -48.16
N THR B 684 -24.41 34.64 -48.96
CA THR B 684 -25.86 34.84 -48.74
C THR B 684 -26.11 35.55 -47.41
N PHE B 685 -25.71 36.82 -47.38
CA PHE B 685 -25.83 37.67 -46.20
C PHE B 685 -27.29 37.83 -45.78
N LEU B 686 -27.48 38.27 -44.53
CA LEU B 686 -28.80 38.29 -43.91
C LEU B 686 -29.65 39.41 -44.44
N ASP B 687 -30.93 39.10 -44.69
CA ASP B 687 -31.88 40.07 -45.21
C ASP B 687 -32.48 40.87 -44.05
N GLU B 688 -33.55 41.62 -44.33
CA GLU B 688 -34.19 42.42 -43.30
C GLU B 688 -34.96 41.57 -42.30
N LYS B 689 -35.57 40.47 -42.76
CA LYS B 689 -36.34 39.61 -41.87
C LYS B 689 -36.40 38.21 -42.47
N GLY B 690 -36.31 37.20 -41.62
CA GLY B 690 -36.47 35.82 -42.06
C GLY B 690 -35.21 35.18 -42.58
N ARG B 691 -35.30 34.54 -43.73
CA ARG B 691 -34.18 33.83 -44.32
C ARG B 691 -33.15 34.81 -44.88
N CYS B 692 -31.96 34.29 -45.16
CA CYS B 692 -30.89 35.09 -45.74
C CYS B 692 -30.75 34.78 -47.23
N VAL B 693 -31.16 35.74 -48.05
CA VAL B 693 -31.13 35.67 -49.51
C VAL B 693 -29.69 35.88 -49.97
N PRO B 694 -29.31 35.52 -51.23
CA PRO B 694 -27.94 35.81 -51.67
C PRO B 694 -27.64 37.28 -51.88
N LEU B 695 -26.40 37.56 -52.34
CA LEU B 695 -25.86 38.91 -52.31
C LEU B 695 -26.53 39.81 -53.35
N ALA B 696 -27.09 39.23 -54.42
CA ALA B 696 -27.61 40.03 -55.53
C ALA B 696 -28.87 40.79 -55.14
N LYS B 697 -29.79 40.14 -54.42
CA LYS B 697 -31.06 40.75 -54.04
C LYS B 697 -31.18 40.87 -52.51
N CYS B 698 -30.10 41.30 -51.86
CA CYS B 698 -30.09 41.44 -50.40
C CYS B 698 -31.06 42.48 -49.87
N SER B 699 -30.74 43.76 -50.11
CA SER B 699 -31.51 44.93 -49.66
C SER B 699 -30.79 46.17 -50.15
N CYS B 700 -31.42 47.32 -49.94
CA CYS B 700 -30.78 48.63 -50.09
C CYS B 700 -31.29 49.49 -48.94
N TYR B 701 -30.42 49.72 -47.94
CA TYR B 701 -30.81 50.46 -46.75
C TYR B 701 -30.70 51.96 -46.98
N GLY B 704 -32.88 56.16 -42.99
CA GLY B 704 -33.50 55.57 -44.17
C GLY B 704 -34.07 54.19 -43.92
N LEU B 705 -35.03 53.80 -44.75
CA LEU B 705 -35.67 52.49 -44.63
C LEU B 705 -35.05 51.53 -45.64
N TYR B 706 -34.93 50.27 -45.25
CA TYR B 706 -34.34 49.25 -46.10
C TYR B 706 -35.31 48.89 -47.23
N LEU B 707 -35.01 49.36 -48.44
CA LEU B 707 -35.88 49.15 -49.58
C LEU B 707 -35.59 47.78 -50.22
N GLU B 708 -36.54 47.33 -51.04
CA GLU B 708 -36.42 46.06 -51.73
C GLU B 708 -35.52 46.21 -52.95
N ALA B 709 -35.27 45.08 -53.62
CA ALA B 709 -34.35 45.06 -54.77
C ALA B 709 -35.09 45.31 -56.09
N GLY B 710 -35.88 46.38 -56.13
CA GLY B 710 -36.55 46.79 -57.35
C GLY B 710 -36.70 48.29 -57.45
N ASP B 711 -36.08 49.01 -56.53
CA ASP B 711 -36.27 50.44 -56.38
C ASP B 711 -35.13 51.22 -57.04
N VAL B 712 -35.50 52.31 -57.71
CA VAL B 712 -34.54 53.22 -58.35
C VAL B 712 -34.73 54.60 -57.74
N VAL B 713 -33.63 55.19 -57.26
CA VAL B 713 -33.69 56.51 -56.64
C VAL B 713 -33.85 57.62 -57.68
N ARG B 719 -30.53 59.05 -59.08
CA ARG B 719 -30.66 57.83 -59.87
C ARG B 719 -29.72 56.74 -59.33
N CYS B 720 -30.24 55.90 -58.44
CA CYS B 720 -29.47 54.81 -57.85
C CYS B 720 -30.31 53.55 -57.91
N VAL B 721 -29.95 52.65 -58.83
CA VAL B 721 -30.62 51.36 -58.93
C VAL B 721 -30.17 50.48 -57.77
N CYS B 722 -31.13 49.84 -57.10
CA CYS B 722 -30.82 48.95 -55.99
C CYS B 722 -30.11 47.71 -56.51
N ARG B 723 -28.90 47.46 -55.98
CA ARG B 723 -28.04 46.43 -56.52
C ARG B 723 -27.43 45.57 -55.42
N ASP B 724 -26.44 44.76 -55.76
CA ASP B 724 -25.85 43.80 -54.84
C ASP B 724 -24.99 44.54 -53.82
N GLY B 725 -25.55 44.76 -52.63
CA GLY B 725 -24.80 45.37 -51.54
C GLY B 725 -24.62 46.87 -51.67
N ARG B 726 -23.80 47.29 -52.61
CA ARG B 726 -23.50 48.69 -52.83
C ARG B 726 -24.53 49.32 -53.76
N LEU B 727 -24.52 50.65 -53.79
CA LEU B 727 -25.42 51.42 -54.63
C LEU B 727 -24.63 52.23 -55.65
N HIS B 728 -25.22 52.41 -56.82
CA HIS B 728 -24.60 53.20 -57.89
C HIS B 728 -25.01 54.66 -57.72
N CYS B 729 -24.40 55.31 -56.72
CA CYS B 729 -24.70 56.70 -56.42
C CYS B 729 -23.48 57.58 -56.64
N ARG C 31 36.42 -42.11 31.69
CA ARG C 31 35.33 -41.63 32.54
C ARG C 31 35.57 -40.18 32.95
N ALA C 32 34.95 -39.25 32.23
CA ALA C 32 35.06 -37.81 32.49
C ALA C 32 33.66 -37.22 32.42
N LEU C 33 32.98 -37.18 33.56
CA LEU C 33 31.62 -36.65 33.59
C LEU C 33 31.66 -35.13 33.57
N SER C 34 30.50 -34.52 33.31
CA SER C 34 30.50 -33.08 33.02
C SER C 34 29.32 -32.29 33.56
N CYS C 35 28.45 -32.87 34.40
CA CYS C 35 27.23 -32.26 34.93
C CYS C 35 26.23 -31.80 33.87
N GLN C 36 26.40 -32.16 32.61
CA GLN C 36 25.46 -31.81 31.57
C GLN C 36 25.18 -33.11 30.83
N THR C 37 26.16 -33.99 30.87
CA THR C 37 26.07 -35.35 30.31
C THR C 37 25.82 -36.37 31.41
N LEU C 38 25.03 -36.01 32.42
CA LEU C 38 24.65 -36.99 33.43
C LEU C 38 23.72 -38.04 32.86
N ALA C 39 22.64 -37.61 32.21
CA ALA C 39 21.63 -38.52 31.70
C ALA C 39 21.90 -38.95 30.27
N ALA C 40 23.01 -38.53 29.67
CA ALA C 40 23.34 -38.98 28.32
C ALA C 40 23.72 -40.46 28.34
N GLY C 41 24.80 -40.81 29.05
CA GLY C 41 25.14 -42.20 29.21
C GLY C 41 26.63 -42.51 29.16
N TYR C 42 27.44 -41.52 28.75
CA TYR C 42 28.90 -41.61 28.68
C TYR C 42 29.35 -42.77 27.77
N TYR C 43 29.04 -42.60 26.48
CA TYR C 43 29.18 -43.69 25.52
C TYR C 43 30.60 -43.80 24.97
N HIS C 44 31.05 -42.79 24.25
CA HIS C 44 32.30 -42.87 23.50
C HIS C 44 33.52 -42.74 24.41
N VAL C 52 42.32 -32.74 33.47
CA VAL C 52 40.88 -32.90 33.61
C VAL C 52 40.53 -33.32 35.03
N CYS C 53 39.26 -33.61 35.26
CA CYS C 53 38.79 -33.99 36.58
C CYS C 53 39.22 -35.42 36.92
N PRO C 54 39.55 -35.68 38.19
CA PRO C 54 39.89 -37.04 38.61
C PRO C 54 38.66 -37.92 38.81
N ASP C 55 38.87 -39.13 39.32
CA ASP C 55 37.75 -39.97 39.72
C ASP C 55 37.05 -39.37 40.93
N GLY C 56 35.74 -39.54 41.00
CA GLY C 56 34.97 -38.79 41.98
C GLY C 56 34.41 -37.52 41.37
N LEU C 57 35.15 -36.42 41.53
CA LEU C 57 34.85 -35.10 40.99
C LEU C 57 34.50 -35.09 39.50
N MET C 58 33.71 -34.10 39.08
CA MET C 58 33.37 -33.92 37.68
C MET C 58 33.25 -32.42 37.40
N ASP C 59 33.37 -32.09 36.12
CA ASP C 59 33.29 -30.71 35.68
C ASP C 59 31.87 -30.18 35.87
N ASP C 60 31.75 -28.86 36.00
CA ASP C 60 30.47 -28.22 36.17
C ASP C 60 30.07 -27.29 35.03
N GLY C 61 30.96 -27.04 34.07
CA GLY C 61 30.71 -26.07 33.03
C GLY C 61 30.96 -24.63 33.44
N ARG C 62 31.31 -24.40 34.71
CA ARG C 62 31.62 -23.09 35.24
C ARG C 62 33.10 -22.88 35.47
N GLY C 63 33.84 -23.94 35.78
CA GLY C 63 35.20 -23.83 36.25
C GLY C 63 35.75 -25.16 36.71
N GLY C 64 36.27 -25.19 37.93
CA GLY C 64 36.94 -26.37 38.45
C GLY C 64 36.01 -27.54 38.72
N CYS C 65 36.63 -28.62 39.17
CA CYS C 65 35.93 -29.89 39.35
C CYS C 65 35.09 -29.87 40.62
N VAL C 66 33.85 -30.34 40.50
CA VAL C 66 32.84 -30.25 41.56
C VAL C 66 32.32 -31.66 41.83
N VAL C 67 31.99 -31.93 43.10
CA VAL C 67 31.32 -33.18 43.45
C VAL C 67 29.92 -33.23 42.83
N GLU C 68 29.33 -34.43 42.83
CA GLU C 68 28.03 -34.63 42.19
C GLU C 68 26.91 -33.97 42.99
N LYS C 69 27.10 -33.79 44.30
CA LYS C 69 26.04 -33.23 45.13
C LYS C 69 25.88 -31.73 44.90
N GLU C 70 26.99 -31.01 44.72
CA GLU C 70 26.97 -29.56 44.55
C GLU C 70 26.97 -29.15 43.09
N CYS C 71 26.38 -29.93 42.24
CA CYS C 71 26.39 -29.70 40.81
C CYS C 71 25.33 -28.66 40.43
N PRO C 72 25.66 -27.69 39.57
CA PRO C 72 24.72 -26.62 39.22
C PRO C 72 23.69 -27.07 38.19
N CYS C 73 22.85 -26.12 37.78
CA CYS C 73 21.77 -26.36 36.83
C CYS C 73 21.79 -25.30 35.74
N VAL C 74 21.32 -25.67 34.55
CA VAL C 74 21.28 -24.78 33.39
C VAL C 74 19.81 -24.62 32.98
N HIS C 75 19.40 -23.39 32.67
CA HIS C 75 18.06 -23.17 32.13
C HIS C 75 18.08 -21.92 31.26
N ASN C 76 17.84 -22.11 29.96
CA ASN C 76 17.83 -21.06 28.93
C ASN C 76 19.15 -20.29 28.91
N ASN C 77 20.25 -21.03 28.80
CA ASN C 77 21.63 -20.55 28.67
C ASN C 77 22.13 -19.75 29.86
N ASP C 78 21.49 -19.86 31.02
CA ASP C 78 21.98 -19.27 32.25
C ASP C 78 22.30 -20.39 33.22
N LEU C 79 23.26 -20.14 34.10
CA LEU C 79 23.81 -21.16 34.98
C LEU C 79 23.47 -20.80 36.42
N TYR C 80 22.71 -21.67 37.08
CA TYR C 80 22.15 -21.43 38.39
C TYR C 80 22.78 -22.40 39.38
N SER C 81 23.34 -21.88 40.46
CA SER C 81 23.98 -22.72 41.46
C SER C 81 22.93 -23.44 42.30
N SER C 82 23.39 -24.24 43.26
CA SER C 82 22.50 -25.10 44.03
C SER C 82 21.63 -24.28 44.98
N GLY C 83 20.41 -24.76 45.20
CA GLY C 83 19.46 -24.06 46.04
C GLY C 83 18.94 -22.77 45.46
N ALA C 84 19.00 -22.59 44.14
CA ALA C 84 18.46 -21.40 43.51
C ALA C 84 16.97 -21.58 43.24
N LYS C 85 16.25 -20.47 43.20
CA LYS C 85 14.81 -20.46 43.00
C LYS C 85 14.46 -19.72 41.73
N ILE C 86 13.67 -20.35 40.87
CA ILE C 86 13.08 -19.67 39.72
C ILE C 86 11.59 -20.00 39.70
N LYS C 87 10.82 -19.14 39.05
CA LYS C 87 9.40 -19.37 38.86
C LYS C 87 9.14 -19.76 37.41
N VAL C 88 8.18 -20.67 37.21
CA VAL C 88 7.69 -21.01 35.87
C VAL C 88 6.16 -20.89 35.88
N ASP C 89 5.68 -19.68 35.63
CA ASP C 89 4.34 -19.24 35.24
C ASP C 89 3.28 -19.37 36.34
N CYS C 90 3.40 -20.33 37.25
CA CYS C 90 2.64 -20.32 38.49
C CYS C 90 3.42 -21.04 39.59
N ASN C 91 4.46 -21.77 39.19
CA ASN C 91 5.16 -22.69 40.06
C ASN C 91 6.50 -22.10 40.50
N THR C 92 7.21 -22.85 41.34
CA THR C 92 8.52 -22.48 41.83
C THR C 92 9.41 -23.71 41.75
N CYS C 93 10.63 -23.55 41.25
CA CYS C 93 11.55 -24.66 41.09
C CYS C 93 12.75 -24.47 42.01
N THR C 94 13.60 -25.49 42.08
CA THR C 94 14.77 -25.48 42.95
C THR C 94 15.85 -26.37 42.34
N CYS C 95 17.04 -25.81 42.13
CA CYS C 95 18.18 -26.61 41.68
C CYS C 95 18.70 -27.44 42.85
N LYS C 96 18.43 -28.75 42.83
CA LYS C 96 18.73 -29.59 43.97
C LYS C 96 20.08 -30.30 43.85
N ARG C 97 20.24 -31.16 42.85
CA ARG C 97 21.46 -31.93 42.68
C ARG C 97 21.81 -31.98 41.19
N GLY C 98 21.80 -30.81 40.55
CA GLY C 98 21.95 -30.77 39.11
C GLY C 98 20.68 -30.98 38.33
N ARG C 99 19.56 -31.21 39.02
CA ARG C 99 18.25 -31.36 38.42
C ARG C 99 17.31 -30.36 39.06
N TRP C 100 16.16 -30.14 38.42
CA TRP C 100 15.18 -29.19 38.94
C TRP C 100 14.07 -29.93 39.68
N VAL C 101 13.71 -29.40 40.83
CA VAL C 101 12.62 -29.90 41.66
C VAL C 101 11.54 -28.83 41.69
N CYS C 102 10.45 -29.07 40.95
CA CYS C 102 9.43 -28.05 40.75
C CYS C 102 8.13 -28.49 41.39
N THR C 103 7.33 -27.52 41.82
CA THR C 103 6.01 -27.80 42.37
C THR C 103 5.02 -28.11 41.25
N GLN C 104 3.98 -28.87 41.58
CA GLN C 104 3.01 -29.32 40.60
C GLN C 104 1.64 -28.69 40.91
N ALA C 105 1.46 -27.47 40.44
CA ALA C 105 0.15 -26.84 40.36
C ALA C 105 -0.17 -26.61 38.89
N VAL C 106 -1.46 -26.50 38.59
CA VAL C 106 -1.91 -26.38 37.21
C VAL C 106 -2.21 -24.92 36.93
N CYS C 107 -1.59 -24.37 35.88
CA CYS C 107 -1.70 -22.96 35.58
C CYS C 107 -2.91 -22.70 34.70
N HIS C 108 -3.24 -21.42 34.53
CA HIS C 108 -4.22 -20.99 33.53
C HIS C 108 -3.72 -21.29 32.13
N GLY C 109 -4.65 -21.45 31.20
CA GLY C 109 -4.34 -21.74 29.81
C GLY C 109 -4.76 -20.59 28.92
N THR C 110 -3.98 -20.34 27.87
CA THR C 110 -4.12 -19.13 27.07
C THR C 110 -4.28 -19.47 25.59
N CYS C 111 -5.33 -18.96 24.98
CA CYS C 111 -5.49 -18.95 23.53
C CYS C 111 -5.13 -17.57 22.99
N SER C 112 -4.53 -17.53 21.81
CA SER C 112 -4.16 -16.27 21.15
C SER C 112 -4.80 -16.17 19.78
N ILE C 113 -5.20 -14.95 19.42
CA ILE C 113 -5.65 -14.59 18.07
C ILE C 113 -5.00 -13.26 17.77
N TYR C 114 -4.23 -13.17 16.69
CA TYR C 114 -3.42 -11.98 16.48
C TYR C 114 -3.11 -11.79 15.00
N GLY C 115 -3.03 -10.53 14.59
CA GLY C 115 -2.65 -10.18 13.23
C GLY C 115 -3.64 -10.63 12.17
N SER C 116 -3.11 -10.95 10.98
CA SER C 116 -3.90 -11.37 9.84
C SER C 116 -4.17 -12.89 9.87
N GLY C 117 -4.86 -13.32 10.91
CA GLY C 117 -5.32 -14.67 10.98
C GLY C 117 -4.32 -15.66 11.51
N HIS C 118 -3.80 -15.43 12.71
CA HIS C 118 -2.82 -16.30 13.33
C HIS C 118 -3.39 -16.78 14.66
N TYR C 119 -3.17 -18.05 14.98
CA TYR C 119 -3.76 -18.67 16.15
C TYR C 119 -2.71 -19.43 16.93
N ILE C 120 -2.93 -19.53 18.24
CA ILE C 120 -2.22 -20.44 19.13
C ILE C 120 -3.28 -21.04 20.02
N THR C 121 -3.37 -22.36 20.06
CA THR C 121 -4.43 -22.97 20.85
C THR C 121 -4.00 -23.08 22.31
N PHE C 122 -4.93 -23.50 23.17
CA PHE C 122 -4.64 -23.69 24.60
C PHE C 122 -3.54 -24.72 24.85
N ASP C 123 -3.33 -25.66 23.93
CA ASP C 123 -2.30 -26.67 24.02
C ASP C 123 -1.07 -26.33 23.18
N GLY C 124 -1.03 -25.14 22.58
CA GLY C 124 0.16 -24.64 21.96
C GLY C 124 0.39 -25.09 20.54
N LYS C 125 -0.62 -24.97 19.68
CA LYS C 125 -0.51 -25.37 18.29
C LYS C 125 -0.72 -24.13 17.42
N TYR C 126 0.25 -23.83 16.57
CA TYR C 126 0.19 -22.61 15.78
C TYR C 126 -0.35 -22.95 14.40
N TYR C 127 -1.30 -22.16 13.91
CA TYR C 127 -1.82 -22.36 12.57
C TYR C 127 -2.32 -21.04 12.01
N ASP C 128 -2.70 -21.06 10.75
CA ASP C 128 -3.21 -19.88 10.04
C ASP C 128 -4.56 -20.20 9.43
N PHE C 129 -5.50 -19.29 9.58
CA PHE C 129 -6.82 -19.47 8.97
C PHE C 129 -7.36 -18.08 8.65
N ASP C 130 -7.69 -17.85 7.39
CA ASP C 130 -8.19 -16.56 6.92
C ASP C 130 -9.64 -16.72 6.49
N GLY C 131 -10.54 -16.71 7.47
CA GLY C 131 -11.96 -16.89 7.22
C GLY C 131 -12.70 -15.58 7.35
N HIS C 132 -13.80 -15.46 6.62
CA HIS C 132 -14.62 -14.26 6.57
C HIS C 132 -16.05 -14.61 6.96
N CYS C 133 -16.31 -14.68 8.26
CA CYS C 133 -17.60 -14.98 8.87
C CYS C 133 -17.44 -14.70 10.36
N SER C 134 -18.39 -15.13 11.17
CA SER C 134 -18.22 -15.23 12.61
C SER C 134 -17.85 -16.66 12.99
N TYR C 135 -16.85 -16.79 13.87
CA TYR C 135 -16.30 -18.08 14.23
C TYR C 135 -16.38 -18.29 15.73
N VAL C 136 -16.57 -19.55 16.14
CA VAL C 136 -16.48 -19.92 17.54
C VAL C 136 -15.01 -19.92 17.94
N ALA C 137 -14.66 -19.09 18.91
CA ALA C 137 -13.31 -19.12 19.46
C ALA C 137 -13.21 -20.14 20.59
N VAL C 138 -13.99 -19.95 21.64
CA VAL C 138 -14.10 -20.89 22.74
C VAL C 138 -15.58 -21.03 23.05
N GLN C 139 -16.04 -22.23 23.39
CA GLN C 139 -17.34 -22.41 24.02
C GLN C 139 -17.30 -23.72 24.78
N ASP C 140 -18.26 -23.91 25.68
CA ASP C 140 -18.46 -25.21 26.31
C ASP C 140 -19.82 -25.82 25.98
N TYR C 141 -20.41 -25.43 24.86
CA TYR C 141 -21.57 -26.09 24.29
C TYR C 141 -21.07 -27.13 23.28
N CYS C 142 -20.35 -28.12 23.79
CA CYS C 142 -19.57 -29.03 22.96
C CYS C 142 -20.19 -30.41 23.07
N GLY C 143 -21.25 -30.65 22.31
CA GLY C 143 -21.91 -31.94 22.32
C GLY C 143 -22.70 -32.23 23.59
N LEU C 148 -25.85 -28.21 30.12
CA LEU C 148 -25.46 -27.92 28.74
C LEU C 148 -24.89 -26.51 28.61
N GLY C 149 -23.57 -26.40 28.79
CA GLY C 149 -22.86 -25.17 28.49
C GLY C 149 -23.07 -24.01 29.44
N SER C 150 -22.10 -23.11 29.48
CA SER C 150 -22.27 -21.86 30.21
C SER C 150 -21.68 -20.63 29.55
N PHE C 151 -20.81 -20.72 28.55
CA PHE C 151 -20.33 -19.50 27.92
C PHE C 151 -20.04 -19.75 26.45
N SER C 152 -19.71 -18.66 25.75
CA SER C 152 -19.34 -18.68 24.36
C SER C 152 -18.59 -17.40 24.02
N ILE C 153 -17.51 -17.50 23.27
CA ILE C 153 -16.78 -16.32 22.80
C ILE C 153 -16.64 -16.41 21.30
N ILE C 154 -17.10 -15.38 20.60
CA ILE C 154 -17.23 -15.36 19.14
C ILE C 154 -16.26 -14.29 18.63
N THR C 155 -15.62 -14.57 17.51
CA THR C 155 -14.77 -13.59 16.84
C THR C 155 -15.35 -13.24 15.47
N GLU C 156 -15.22 -11.98 15.07
CA GLU C 156 -15.78 -11.51 13.80
C GLU C 156 -14.64 -11.06 12.91
N ASN C 157 -14.33 -11.87 11.91
CA ASN C 157 -13.16 -11.70 11.07
C ASN C 157 -13.61 -11.09 9.75
N VAL C 158 -13.02 -9.95 9.38
CA VAL C 158 -13.40 -9.25 8.16
C VAL C 158 -12.14 -9.12 7.32
N PRO C 159 -12.27 -8.90 6.00
CA PRO C 159 -11.07 -8.68 5.18
C PRO C 159 -10.41 -7.36 5.51
N CYS C 160 -9.13 -7.42 5.86
CA CYS C 160 -8.32 -6.22 6.03
C CYS C 160 -7.17 -6.29 5.04
N GLY C 161 -7.38 -5.64 3.88
CA GLY C 161 -6.48 -5.62 2.76
C GLY C 161 -7.24 -5.93 1.49
N THR C 162 -6.50 -6.24 0.43
CA THR C 162 -7.08 -6.68 -0.83
C THR C 162 -6.63 -8.07 -1.25
N THR C 163 -5.75 -8.71 -0.50
CA THR C 163 -5.16 -9.99 -0.88
C THR C 163 -5.99 -11.19 -0.45
N GLY C 164 -7.02 -11.01 0.38
CA GLY C 164 -7.85 -12.10 0.81
C GLY C 164 -7.59 -12.60 2.21
N VAL C 165 -6.64 -12.01 2.91
CA VAL C 165 -6.41 -12.32 4.30
C VAL C 165 -7.41 -11.56 5.15
N THR C 166 -7.73 -12.12 6.32
CA THR C 166 -8.71 -11.53 7.22
C THR C 166 -8.11 -11.38 8.59
N CYS C 167 -8.59 -10.39 9.34
CA CYS C 167 -8.18 -10.16 10.71
C CYS C 167 -9.40 -9.92 11.57
N SER C 168 -9.21 -10.05 12.88
CA SER C 168 -10.31 -10.01 13.84
C SER C 168 -10.62 -8.59 14.25
N LYS C 169 -11.88 -8.19 14.13
CA LYS C 169 -12.26 -6.83 14.44
C LYS C 169 -13.35 -6.69 15.49
N ALA C 170 -13.93 -7.78 15.99
CA ALA C 170 -14.93 -7.68 17.05
C ALA C 170 -14.95 -8.99 17.83
N ILE C 171 -15.25 -8.87 19.12
CA ILE C 171 -15.36 -9.99 20.05
C ILE C 171 -16.71 -9.90 20.72
N LYS C 172 -17.45 -11.01 20.73
CA LYS C 172 -18.70 -11.10 21.47
C LYS C 172 -18.54 -12.11 22.59
N ILE C 173 -18.84 -11.71 23.82
CA ILE C 173 -18.71 -12.57 24.98
C ILE C 173 -20.09 -12.87 25.51
N PHE C 174 -20.46 -14.14 25.53
CA PHE C 174 -21.73 -14.60 26.05
C PHE C 174 -21.46 -15.33 27.35
N MET C 175 -21.94 -14.79 28.47
CA MET C 175 -21.78 -15.43 29.76
C MET C 175 -23.17 -15.62 30.37
N GLY C 176 -23.70 -16.84 30.29
CA GLY C 176 -25.04 -17.07 30.75
C GLY C 176 -26.05 -16.42 29.83
N ARG C 177 -26.68 -15.35 30.31
CA ARG C 177 -27.54 -14.53 29.47
C ARG C 177 -27.02 -13.12 29.25
N THR C 178 -25.96 -12.71 29.95
CA THR C 178 -25.29 -11.45 29.67
C THR C 178 -24.52 -11.56 28.35
N GLU C 179 -24.60 -10.52 27.52
CA GLU C 179 -23.80 -10.42 26.32
C GLU C 179 -22.98 -9.13 26.33
N LEU C 180 -21.67 -9.26 26.44
CA LEU C 180 -20.81 -8.12 26.18
C LEU C 180 -20.49 -8.08 24.69
N LYS C 181 -19.89 -6.99 24.25
CA LYS C 181 -19.35 -6.93 22.91
C LYS C 181 -18.23 -5.93 22.87
N LEU C 182 -17.08 -6.34 22.34
CA LEU C 182 -15.89 -5.49 22.24
C LEU C 182 -15.79 -5.01 20.81
N GLU C 183 -15.96 -3.72 20.62
CA GLU C 183 -16.21 -3.15 19.30
C GLU C 183 -15.92 -1.66 19.39
N ASP C 184 -15.17 -1.13 18.43
CA ASP C 184 -14.86 0.31 18.32
C ASP C 184 -14.20 0.85 19.59
N LYS C 185 -13.16 0.15 20.05
CA LYS C 185 -12.27 0.54 21.13
C LYS C 185 -12.97 0.66 22.47
N HIS C 186 -14.18 0.10 22.60
CA HIS C 186 -14.98 0.16 23.82
C HIS C 186 -15.76 -1.14 23.99
N ARG C 187 -16.17 -1.35 25.24
CA ARG C 187 -17.04 -2.44 25.62
C ARG C 187 -18.48 -1.94 25.71
N VAL C 188 -19.41 -2.77 25.25
CA VAL C 188 -20.84 -2.45 25.23
C VAL C 188 -21.58 -3.57 25.95
N VAL C 189 -22.45 -3.22 26.87
CA VAL C 189 -23.31 -4.19 27.54
C VAL C 189 -24.59 -4.34 26.73
N ILE C 190 -24.92 -5.59 26.40
CA ILE C 190 -26.14 -5.93 25.67
C ILE C 190 -26.86 -7.00 26.48
N GLN C 191 -28.15 -6.79 26.74
CA GLN C 191 -29.03 -7.79 27.35
C GLN C 191 -28.49 -8.23 28.72
N ARG C 192 -28.56 -7.31 29.67
CA ARG C 192 -28.26 -7.66 31.05
C ARG C 192 -29.49 -8.32 31.65
N ASP C 193 -29.32 -9.53 32.18
CA ASP C 193 -30.45 -10.33 32.64
C ASP C 193 -31.01 -9.76 33.96
N GLU C 194 -32.10 -10.37 34.43
CA GLU C 194 -32.96 -9.70 35.40
C GLU C 194 -32.40 -9.74 36.82
N GLY C 195 -31.93 -10.90 37.29
CA GLY C 195 -31.43 -10.99 38.65
C GLY C 195 -30.27 -11.94 38.81
N HIS C 196 -29.83 -12.55 37.71
CA HIS C 196 -28.72 -13.49 37.80
C HIS C 196 -27.40 -12.73 37.84
N HIS C 197 -27.09 -12.01 36.73
CA HIS C 197 -25.97 -11.09 36.55
C HIS C 197 -24.63 -11.62 37.06
N VAL C 198 -24.09 -12.62 36.35
CA VAL C 198 -22.76 -13.20 36.57
C VAL C 198 -21.73 -12.09 36.70
N ALA C 199 -21.02 -12.07 37.83
CA ALA C 199 -20.20 -10.93 38.21
C ALA C 199 -18.97 -10.86 37.32
N TYR C 200 -18.89 -9.82 36.49
CA TYR C 200 -17.74 -9.56 35.66
C TYR C 200 -17.18 -8.18 36.01
N THR C 201 -15.99 -7.89 35.49
CA THR C 201 -15.29 -6.65 35.78
C THR C 201 -14.52 -6.22 34.55
N THR C 202 -14.62 -4.95 34.19
CA THR C 202 -13.91 -4.40 33.05
C THR C 202 -13.03 -3.25 33.51
N ARG C 203 -11.73 -3.35 33.27
CA ARG C 203 -10.80 -2.27 33.57
C ARG C 203 -9.72 -2.22 32.50
N GLU C 204 -8.94 -1.15 32.51
CA GLU C 204 -7.98 -0.88 31.44
C GLU C 204 -6.58 -0.84 32.02
N VAL C 205 -5.71 -1.72 31.49
CA VAL C 205 -4.40 -1.98 32.05
C VAL C 205 -3.41 -1.74 30.93
N GLY C 206 -2.76 -0.57 30.95
CA GLY C 206 -1.83 -0.24 29.89
C GLY C 206 -2.59 0.11 28.65
N GLN C 207 -2.16 -0.45 27.52
CA GLN C 207 -2.84 -0.22 26.27
C GLN C 207 -3.97 -1.20 25.99
N TYR C 208 -4.28 -2.10 26.91
CA TYR C 208 -5.21 -3.16 26.61
C TYR C 208 -6.46 -2.97 27.46
N LEU C 209 -7.55 -3.61 27.05
CA LEU C 209 -8.75 -3.66 27.85
C LEU C 209 -8.91 -5.08 28.37
N VAL C 210 -9.24 -5.21 29.66
CA VAL C 210 -9.22 -6.50 30.34
C VAL C 210 -10.60 -6.75 30.94
N VAL C 211 -11.29 -7.77 30.44
CA VAL C 211 -12.52 -8.26 31.05
C VAL C 211 -12.18 -9.50 31.86
N GLU C 212 -12.72 -9.59 33.07
CA GLU C 212 -12.53 -10.75 33.93
C GLU C 212 -13.91 -11.19 34.40
N SER C 213 -14.08 -12.48 34.67
CA SER C 213 -15.31 -13.00 35.22
C SER C 213 -15.04 -13.76 36.51
N SER C 214 -16.08 -13.84 37.35
CA SER C 214 -15.98 -14.58 38.60
C SER C 214 -15.95 -16.08 38.39
N THR C 215 -16.39 -16.55 37.24
CA THR C 215 -16.41 -17.97 36.91
C THR C 215 -15.09 -18.48 36.36
N GLY C 216 -14.13 -17.61 36.08
CA GLY C 216 -12.80 -18.02 35.66
C GLY C 216 -12.44 -17.67 34.24
N ILE C 217 -13.19 -16.80 33.58
CA ILE C 217 -13.02 -16.49 32.17
C ILE C 217 -12.44 -15.08 32.06
N ILE C 218 -11.32 -14.95 31.35
CA ILE C 218 -10.57 -13.69 31.27
C ILE C 218 -10.26 -13.41 29.82
N VAL C 219 -10.65 -12.23 29.33
CA VAL C 219 -10.42 -11.81 27.95
C VAL C 219 -9.61 -10.52 27.96
N ILE C 220 -8.50 -10.51 27.23
CA ILE C 220 -7.56 -9.39 27.17
C ILE C 220 -7.44 -8.97 25.71
N TRP C 221 -7.60 -7.68 25.46
CA TRP C 221 -7.85 -7.18 24.11
C TRP C 221 -7.10 -5.87 23.90
N ASP C 222 -6.26 -5.79 22.86
CA ASP C 222 -5.46 -4.58 22.64
C ASP C 222 -6.18 -3.52 21.84
N LYS C 223 -7.50 -3.63 21.70
CA LYS C 223 -8.43 -2.71 21.06
C LYS C 223 -8.30 -2.66 19.54
N ARG C 224 -7.45 -3.48 18.93
CA ARG C 224 -7.41 -3.57 17.47
C ARG C 224 -7.69 -4.97 16.94
N THR C 225 -6.74 -5.90 17.08
CA THR C 225 -6.84 -7.23 16.47
C THR C 225 -6.34 -8.36 17.35
N THR C 226 -5.60 -8.08 18.41
CA THR C 226 -5.00 -9.10 19.24
C THR C 226 -5.91 -9.37 20.43
N VAL C 227 -6.20 -10.66 20.68
CA VAL C 227 -7.03 -11.10 21.79
C VAL C 227 -6.24 -12.15 22.55
N PHE C 228 -6.36 -12.15 23.88
CA PHE C 228 -5.88 -13.25 24.70
C PHE C 228 -7.04 -13.73 25.55
N ILE C 229 -7.40 -15.00 25.42
CA ILE C 229 -8.40 -15.61 26.30
C ILE C 229 -7.65 -16.45 27.32
N LYS C 230 -8.03 -16.34 28.59
CA LYS C 230 -7.50 -17.20 29.64
C LYS C 230 -8.64 -17.90 30.37
N LEU C 231 -8.46 -19.19 30.63
CA LEU C 231 -9.42 -19.97 31.39
C LEU C 231 -8.75 -20.53 32.63
N ALA C 232 -9.49 -20.54 33.74
CA ALA C 232 -9.09 -21.21 34.96
C ALA C 232 -8.93 -22.71 34.69
N PRO C 233 -8.09 -23.40 35.47
CA PRO C 233 -7.84 -24.83 35.18
C PRO C 233 -8.97 -25.77 35.54
N SER C 234 -10.17 -25.27 35.82
CA SER C 234 -11.37 -26.07 35.95
C SER C 234 -12.00 -26.39 34.60
N TYR C 235 -11.53 -25.77 33.53
CA TYR C 235 -12.07 -25.96 32.19
C TYR C 235 -11.25 -26.94 31.36
N LYS C 236 -10.57 -27.88 32.01
CA LYS C 236 -9.71 -28.82 31.32
C LYS C 236 -10.56 -29.86 30.59
N GLY C 237 -10.40 -29.94 29.27
CA GLY C 237 -11.09 -30.93 28.49
C GLY C 237 -12.57 -30.71 28.33
N THR C 238 -13.06 -29.49 28.60
CA THR C 238 -14.48 -29.19 28.54
C THR C 238 -14.79 -28.03 27.63
N VAL C 239 -13.92 -27.68 26.68
CA VAL C 239 -14.18 -26.61 25.73
C VAL C 239 -13.91 -27.11 24.33
N CYS C 240 -14.29 -26.31 23.34
CA CYS C 240 -14.01 -26.56 21.94
C CYS C 240 -14.05 -25.23 21.20
N GLY C 241 -13.79 -25.28 19.89
CA GLY C 241 -13.73 -24.11 19.05
C GLY C 241 -12.43 -24.06 18.31
N LEU C 242 -12.10 -22.89 17.78
CA LEU C 242 -10.82 -22.67 17.11
C LEU C 242 -9.64 -22.58 18.07
N CYS C 243 -9.85 -22.64 19.37
CA CYS C 243 -8.77 -22.61 20.35
C CYS C 243 -8.45 -23.99 20.92
N GLY C 244 -9.08 -25.04 20.41
CA GLY C 244 -8.81 -26.37 20.91
C GLY C 244 -9.68 -26.73 22.09
N ASN C 245 -9.25 -27.77 22.81
CA ASN C 245 -10.03 -28.31 23.91
C ASN C 245 -9.35 -28.39 25.27
N PHE C 246 -8.10 -27.94 25.39
CA PHE C 246 -7.42 -27.65 26.66
C PHE C 246 -7.30 -28.91 27.53
N ASP C 247 -6.70 -29.95 26.95
CA ASP C 247 -6.45 -31.19 27.67
C ASP C 247 -5.00 -31.63 27.64
N HIS C 248 -4.07 -30.69 27.41
CA HIS C 248 -2.62 -30.91 27.50
CA HIS C 248 -2.62 -30.91 27.50
C HIS C 248 -2.16 -32.03 26.57
N ARG C 249 -2.67 -32.01 25.34
CA ARG C 249 -2.40 -33.04 24.36
C ARG C 249 -2.80 -32.42 23.02
N SER C 250 -1.84 -32.11 22.16
CA SER C 250 -2.12 -31.20 21.06
C SER C 250 -2.37 -31.88 19.73
N ASN C 251 -2.40 -33.21 19.67
CA ASN C 251 -2.70 -33.85 18.39
C ASN C 251 -4.18 -34.16 18.24
N ASN C 252 -5.04 -33.46 18.96
CA ASN C 252 -6.47 -33.53 18.73
C ASN C 252 -7.11 -32.15 18.74
N ASP C 253 -6.33 -31.08 18.62
CA ASP C 253 -6.90 -29.75 18.59
C ASP C 253 -7.67 -29.46 17.30
N PHE C 254 -7.40 -30.20 16.22
CA PHE C 254 -8.19 -30.03 15.01
C PHE C 254 -9.39 -30.96 14.99
N THR C 255 -10.20 -30.91 16.04
CA THR C 255 -11.49 -31.59 16.08
C THR C 255 -12.54 -30.64 15.53
N THR C 256 -13.33 -31.11 14.57
CA THR C 256 -14.33 -30.27 13.95
C THR C 256 -15.59 -30.23 14.81
N ARG C 257 -16.61 -29.52 14.32
CA ARG C 257 -17.87 -29.38 15.06
C ARG C 257 -18.60 -30.70 15.19
N ASP C 258 -18.42 -31.61 14.23
CA ASP C 258 -19.03 -32.93 14.28
C ASP C 258 -18.12 -33.99 14.90
N HIS C 259 -17.16 -33.58 15.74
CA HIS C 259 -16.34 -34.45 16.58
C HIS C 259 -15.45 -35.38 15.76
N MET C 260 -14.76 -34.80 14.78
CA MET C 260 -13.87 -35.53 13.89
C MET C 260 -12.53 -34.82 13.82
N VAL C 261 -11.45 -35.54 14.11
CA VAL C 261 -10.11 -34.97 14.06
C VAL C 261 -9.62 -35.05 12.62
N VAL C 262 -9.46 -33.89 11.99
CA VAL C 262 -8.95 -33.80 10.63
C VAL C 262 -7.51 -33.29 10.68
N SER C 263 -6.84 -33.35 9.55
CA SER C 263 -5.44 -32.91 9.45
C SER C 263 -5.30 -31.59 8.72
N SER C 264 -6.37 -31.02 8.22
CA SER C 264 -6.33 -29.80 7.45
C SER C 264 -6.69 -28.60 8.33
N GLU C 265 -5.99 -27.49 8.10
CA GLU C 265 -6.34 -26.24 8.76
C GLU C 265 -7.62 -25.65 8.23
N LEU C 266 -8.03 -26.04 7.03
CA LEU C 266 -9.14 -25.42 6.32
C LEU C 266 -10.41 -26.25 6.38
N ASP C 267 -10.32 -27.52 6.76
CA ASP C 267 -11.53 -28.28 7.08
C ASP C 267 -11.95 -28.10 8.52
N PHE C 268 -10.97 -27.87 9.40
CA PHE C 268 -11.24 -27.55 10.80
C PHE C 268 -11.81 -26.16 10.97
N GLY C 269 -11.16 -25.14 10.40
CA GLY C 269 -11.60 -23.78 10.59
C GLY C 269 -12.89 -23.44 9.88
N ASN C 270 -13.19 -24.11 8.77
CA ASN C 270 -14.46 -23.89 8.08
C ASN C 270 -15.64 -24.56 8.76
N SER C 271 -15.42 -25.36 9.79
CA SER C 271 -16.51 -26.00 10.48
C SER C 271 -16.96 -25.24 11.71
N TRP C 272 -16.26 -24.17 12.09
CA TRP C 272 -16.65 -23.39 13.25
C TRP C 272 -17.24 -22.05 12.86
N LYS C 273 -17.58 -21.85 11.60
CA LYS C 273 -18.32 -20.67 11.20
C LYS C 273 -19.73 -20.72 11.75
N GLU C 274 -20.29 -19.53 12.01
CA GLU C 274 -21.58 -19.42 12.65
C GLU C 274 -22.75 -19.44 11.67
N ALA C 275 -22.59 -18.84 10.50
CA ALA C 275 -23.72 -18.89 9.59
C ALA C 275 -23.46 -19.91 8.49
N PRO C 276 -24.49 -20.68 8.13
CA PRO C 276 -24.30 -21.69 7.06
C PRO C 276 -24.07 -21.10 5.68
N THR C 277 -24.49 -19.87 5.43
CA THR C 277 -24.33 -19.26 4.12
C THR C 277 -23.00 -18.53 3.95
N CYS C 278 -22.16 -18.50 4.98
CA CYS C 278 -20.80 -18.01 4.82
C CYS C 278 -20.02 -18.96 3.93
N PRO C 279 -19.11 -18.45 3.11
CA PRO C 279 -18.39 -19.31 2.17
C PRO C 279 -17.30 -20.11 2.87
N ASP C 280 -16.74 -21.04 2.11
CA ASP C 280 -15.61 -21.84 2.57
C ASP C 280 -14.31 -21.25 2.04
N VAL C 281 -13.29 -21.27 2.89
CA VAL C 281 -11.95 -20.85 2.51
C VAL C 281 -11.28 -22.05 1.88
N SER C 282 -10.87 -21.90 0.62
CA SER C 282 -10.33 -23.02 -0.14
C SER C 282 -8.82 -22.99 -0.27
N THR C 283 -8.18 -21.88 0.03
CA THR C 283 -6.73 -21.80 0.08
C THR C 283 -6.32 -20.68 1.01
N ASN C 284 -5.08 -20.74 1.50
CA ASN C 284 -4.59 -19.59 2.24
C ASN C 284 -3.83 -18.65 1.31
N PRO C 285 -4.08 -17.35 1.38
CA PRO C 285 -3.37 -16.41 0.51
C PRO C 285 -1.91 -16.25 0.90
N GLU C 286 -1.15 -15.74 -0.06
CA GLU C 286 0.24 -15.34 0.17
C GLU C 286 0.39 -13.86 -0.10
N PRO C 287 0.49 -13.02 0.93
CA PRO C 287 0.46 -11.57 0.70
C PRO C 287 1.73 -11.01 0.11
N CYS C 288 2.90 -11.55 0.46
CA CYS C 288 4.14 -11.01 -0.08
C CYS C 288 4.43 -11.50 -1.48
N SER C 289 3.61 -12.40 -2.01
CA SER C 289 3.62 -12.81 -3.40
C SER C 289 2.59 -12.06 -4.24
N LEU C 290 1.46 -11.68 -3.64
CA LEU C 290 0.49 -10.84 -4.30
C LEU C 290 0.83 -9.36 -4.22
N ASN C 291 1.78 -8.98 -3.38
CA ASN C 291 2.31 -7.61 -3.31
C ASN C 291 3.82 -7.69 -3.31
N PRO C 292 4.44 -7.80 -4.49
CA PRO C 292 5.91 -7.91 -4.54
C PRO C 292 6.63 -6.63 -4.16
N HIS C 293 5.98 -5.49 -4.31
CA HIS C 293 6.57 -4.20 -4.05
C HIS C 293 6.57 -3.83 -2.58
N ARG C 294 5.86 -4.55 -1.74
CA ARG C 294 5.81 -4.30 -0.30
C ARG C 294 6.72 -5.22 0.50
N ARG C 295 7.42 -6.14 -0.16
CA ARG C 295 8.25 -7.11 0.52
C ARG C 295 9.54 -6.51 1.06
N SER C 296 10.11 -5.55 0.36
CA SER C 296 11.41 -5.00 0.77
C SER C 296 11.28 -4.12 2.00
N TRP C 297 10.17 -3.41 2.14
CA TRP C 297 9.92 -2.64 3.34
C TRP C 297 9.63 -3.55 4.52
N ALA C 298 8.83 -4.59 4.28
CA ALA C 298 8.37 -5.45 5.37
C ALA C 298 9.51 -6.25 5.99
N GLU C 299 10.40 -6.77 5.16
CA GLU C 299 11.48 -7.59 5.67
C GLU C 299 12.61 -6.78 6.29
N LYS C 300 12.61 -5.47 6.09
CA LYS C 300 13.61 -4.60 6.68
C LYS C 300 13.13 -4.00 8.00
N GLN C 301 11.84 -3.68 8.09
CA GLN C 301 11.28 -3.20 9.34
C GLN C 301 11.15 -4.32 10.35
N CYS C 302 10.75 -5.51 9.90
CA CYS C 302 10.51 -6.62 10.81
C CYS C 302 11.78 -7.33 11.23
N SER C 303 12.92 -6.92 10.74
CA SER C 303 14.19 -7.51 11.14
C SER C 303 14.72 -6.93 12.44
N ILE C 304 13.94 -6.13 13.16
CA ILE C 304 14.30 -5.73 14.51
C ILE C 304 14.26 -6.93 15.44
N LEU C 305 13.38 -7.89 15.18
CA LEU C 305 13.15 -9.00 16.10
C LEU C 305 14.33 -9.94 16.17
N LYS C 306 15.01 -10.15 15.05
CA LYS C 306 16.19 -10.98 14.98
C LYS C 306 17.48 -10.21 15.14
N SER C 307 17.43 -9.01 15.71
CA SER C 307 18.58 -8.13 15.80
C SER C 307 19.08 -8.05 17.24
N SER C 308 20.08 -7.20 17.45
CA SER C 308 20.73 -7.05 18.74
C SER C 308 19.90 -6.28 19.75
N VAL C 309 18.78 -5.71 19.35
CA VAL C 309 17.90 -5.03 20.30
C VAL C 309 17.22 -6.05 21.19
N PHE C 310 16.77 -7.17 20.62
CA PHE C 310 16.04 -8.21 21.33
C PHE C 310 16.93 -9.37 21.73
N SER C 311 18.24 -9.16 21.86
CA SER C 311 19.18 -10.26 22.03
C SER C 311 19.20 -10.85 23.43
N ILE C 312 18.48 -10.24 24.38
CA ILE C 312 18.34 -10.81 25.71
C ILE C 312 17.22 -11.85 25.70
N CYS C 313 16.28 -11.72 24.79
CA CYS C 313 15.12 -12.59 24.70
C CYS C 313 15.34 -13.74 23.72
N HIS C 314 16.44 -13.72 22.94
CA HIS C 314 16.68 -14.74 21.93
C HIS C 314 16.89 -16.13 22.50
N SER C 315 17.29 -16.24 23.77
CA SER C 315 17.48 -17.54 24.40
C SER C 315 16.28 -17.97 25.20
N LYS C 316 15.26 -17.12 25.31
CA LYS C 316 14.09 -17.39 26.13
C LYS C 316 12.79 -17.50 25.34
N VAL C 317 12.66 -16.79 24.22
CA VAL C 317 11.51 -16.93 23.34
C VAL C 317 12.04 -17.04 21.92
N ASP C 318 11.51 -18.00 21.16
CA ASP C 318 11.93 -18.23 19.77
C ASP C 318 11.39 -17.12 18.87
N PRO C 319 12.24 -16.32 18.23
CA PRO C 319 11.74 -15.18 17.45
C PRO C 319 11.18 -15.52 16.10
N LYS C 320 11.43 -16.73 15.61
CA LYS C 320 11.14 -17.13 14.23
C LYS C 320 9.66 -17.15 13.85
N PRO C 321 8.70 -17.59 14.67
CA PRO C 321 7.30 -17.41 14.26
C PRO C 321 6.75 -16.02 14.45
N PHE C 322 7.49 -15.12 15.08
CA PHE C 322 7.10 -13.72 15.20
C PHE C 322 7.68 -12.85 14.09
N TYR C 323 8.81 -13.27 13.54
CA TYR C 323 9.33 -12.65 12.34
C TYR C 323 8.45 -12.94 11.13
N GLU C 324 7.96 -14.17 11.02
CA GLU C 324 7.17 -14.55 9.85
C GLU C 324 5.77 -13.99 9.93
N ALA C 325 5.25 -13.74 11.13
CA ALA C 325 3.96 -13.09 11.26
C ALA C 325 4.04 -11.62 10.90
N CYS C 326 5.13 -10.95 11.28
CA CYS C 326 5.30 -9.52 11.01
C CYS C 326 5.43 -9.24 9.52
N VAL C 327 6.07 -10.13 8.77
CA VAL C 327 6.25 -9.92 7.33
C VAL C 327 4.95 -10.22 6.59
N HIS C 328 4.24 -11.27 7.01
CA HIS C 328 2.90 -11.57 6.53
C HIS C 328 1.92 -10.44 6.82
N ASP C 329 2.09 -9.71 7.92
CA ASP C 329 1.15 -8.65 8.27
C ASP C 329 1.43 -7.35 7.54
N SER C 330 2.69 -7.07 7.22
CA SER C 330 3.05 -5.80 6.62
C SER C 330 2.97 -5.81 5.10
N CYS C 331 3.04 -6.98 4.47
CA CYS C 331 2.79 -7.06 3.04
C CYS C 331 1.31 -6.95 2.68
N SER C 332 0.41 -7.01 3.66
CA SER C 332 -1.01 -7.10 3.37
C SER C 332 -1.84 -5.94 3.89
N CYS C 333 -1.25 -4.95 4.55
CA CYS C 333 -1.99 -3.76 4.94
C CYS C 333 -1.87 -2.70 3.86
N ASP C 334 -2.42 -3.03 2.69
CA ASP C 334 -2.20 -2.26 1.48
C ASP C 334 -3.33 -1.29 1.15
N THR C 335 -4.27 -1.08 2.05
CA THR C 335 -5.30 -0.09 1.84
C THR C 335 -5.13 1.14 2.71
N GLY C 336 -4.37 1.05 3.79
CA GLY C 336 -4.06 2.21 4.60
C GLY C 336 -3.71 1.88 6.03
N GLY C 337 -2.74 2.61 6.59
CA GLY C 337 -2.34 2.44 7.97
C GLY C 337 -1.55 1.18 8.24
N ASP C 338 -0.36 1.08 7.66
CA ASP C 338 0.43 -0.14 7.78
C ASP C 338 1.45 -0.07 8.90
N CYS C 339 1.71 1.11 9.44
CA CYS C 339 2.58 1.26 10.59
C CYS C 339 1.87 0.94 11.90
N GLU C 340 0.59 0.61 11.84
CA GLU C 340 -0.17 0.06 12.94
C GLU C 340 -0.17 -1.46 12.91
N CYS C 341 -0.15 -2.03 11.71
CA CYS C 341 0.02 -3.47 11.53
C CYS C 341 1.41 -3.92 11.92
N PHE C 342 2.39 -3.04 11.80
CA PHE C 342 3.77 -3.34 12.14
C PHE C 342 4.01 -3.29 13.65
N CYS C 343 3.60 -2.20 14.30
CA CYS C 343 3.95 -1.99 15.69
C CYS C 343 3.22 -2.94 16.62
N SER C 344 2.14 -3.54 16.16
CA SER C 344 1.46 -4.57 16.95
C SER C 344 2.18 -5.88 16.90
N ALA C 345 2.84 -6.20 15.79
CA ALA C 345 3.54 -7.47 15.65
C ALA C 345 4.85 -7.48 16.41
N VAL C 346 5.45 -6.31 16.61
CA VAL C 346 6.67 -6.20 17.39
C VAL C 346 6.37 -6.14 18.88
N ALA C 347 5.17 -5.72 19.25
CA ALA C 347 4.74 -5.74 20.65
C ALA C 347 4.12 -7.08 21.07
N SER C 348 3.80 -7.96 20.12
CA SER C 348 3.44 -9.32 20.49
C SER C 348 4.67 -10.13 20.90
N TYR C 349 5.84 -9.81 20.34
CA TYR C 349 7.05 -10.52 20.73
C TYR C 349 7.63 -9.98 22.01
N ALA C 350 7.60 -8.66 22.20
CA ALA C 350 8.18 -8.03 23.38
C ALA C 350 7.35 -8.28 24.62
N GLN C 351 6.12 -8.74 24.47
CA GLN C 351 5.26 -9.09 25.58
C GLN C 351 5.61 -10.44 26.17
N GLU C 352 5.91 -11.40 25.29
CA GLU C 352 6.45 -12.69 25.71
C GLU C 352 7.80 -12.55 26.40
N CYS C 353 8.59 -11.58 25.99
CA CYS C 353 9.92 -11.38 26.57
C CYS C 353 9.82 -10.89 28.00
N THR C 354 8.88 -9.99 28.28
CA THR C 354 8.62 -9.52 29.63
C THR C 354 8.07 -10.65 30.50
N LYS C 355 7.18 -11.45 29.93
CA LYS C 355 6.54 -12.55 30.63
C LYS C 355 7.53 -13.64 31.02
N GLU C 356 8.66 -13.74 30.31
CA GLU C 356 9.68 -14.74 30.60
C GLU C 356 10.87 -14.19 31.37
N GLY C 357 10.90 -12.90 31.61
CA GLY C 357 11.92 -12.30 32.45
C GLY C 357 12.93 -11.38 31.78
N ALA C 358 12.64 -10.85 30.60
CA ALA C 358 13.56 -9.98 29.87
C ALA C 358 12.81 -8.73 29.44
N CYS C 359 13.03 -7.62 30.14
CA CYS C 359 12.42 -6.35 29.80
C CYS C 359 13.29 -5.68 28.74
N VAL C 360 12.73 -5.47 27.55
CA VAL C 360 13.42 -4.82 26.45
C VAL C 360 12.70 -3.51 26.14
N PHE C 361 13.49 -2.47 25.90
CA PHE C 361 13.00 -1.13 25.59
C PHE C 361 13.33 -0.89 24.13
N TRP C 362 12.33 -1.04 23.26
CA TRP C 362 12.55 -1.07 21.83
C TRP C 362 12.00 0.12 21.07
N ARG C 363 11.12 0.91 21.67
CA ARG C 363 10.51 2.04 20.99
C ARG C 363 11.42 3.25 21.04
N THR C 364 11.44 4.01 19.95
CA THR C 364 12.18 5.25 19.81
C THR C 364 11.23 6.29 19.27
N PRO C 365 11.62 7.58 19.20
CA PRO C 365 10.72 8.56 18.55
C PRO C 365 10.56 8.37 17.05
N ASP C 366 11.39 7.57 16.40
CA ASP C 366 11.21 7.29 14.99
C ASP C 366 10.58 5.94 14.72
N LEU C 367 10.72 4.99 15.62
CA LEU C 367 10.14 3.66 15.49
C LEU C 367 9.09 3.45 16.56
N CYS C 368 7.83 3.45 16.14
CA CYS C 368 6.62 3.19 16.93
C CYS C 368 6.50 4.07 18.17
N PRO C 369 6.38 5.39 18.05
CA PRO C 369 6.38 6.24 19.24
C PRO C 369 5.10 6.11 20.03
N ILE C 370 5.19 6.46 21.31
CA ILE C 370 4.06 6.36 22.22
C ILE C 370 3.93 7.69 22.93
N PHE C 371 2.71 8.07 23.28
CA PHE C 371 2.44 9.45 23.72
C PHE C 371 1.74 9.40 25.06
N CYS C 372 2.54 9.34 26.12
CA CYS C 372 2.05 9.15 27.48
C CYS C 372 1.95 10.42 28.27
N ASP C 373 2.58 11.50 27.84
CA ASP C 373 2.38 12.77 28.50
C ASP C 373 1.18 13.53 27.96
N TYR C 374 0.39 12.89 27.11
CA TYR C 374 -0.92 13.39 26.75
C TYR C 374 -1.85 13.41 27.95
N TYR C 375 -1.70 12.45 28.85
CA TYR C 375 -2.62 12.25 29.95
C TYR C 375 -2.27 13.05 31.18
N ASN C 376 -1.22 13.83 31.14
CA ASN C 376 -0.82 14.53 32.34
C ASN C 376 -1.73 15.72 32.59
N PRO C 377 -2.03 16.03 33.84
CA PRO C 377 -2.50 17.38 34.17
C PRO C 377 -1.44 18.39 33.78
N PRO C 378 -1.86 19.56 33.22
CA PRO C 378 -1.15 20.21 32.09
C PRO C 378 0.36 20.10 32.00
N HIS C 379 1.09 20.35 33.11
CA HIS C 379 2.53 20.11 33.09
C HIS C 379 3.03 19.48 34.39
N GLU C 380 2.15 18.87 35.17
CA GLU C 380 2.56 17.99 36.27
C GLU C 380 2.66 16.59 35.73
N CYS C 381 3.82 15.99 35.88
CA CYS C 381 4.23 14.85 35.07
C CYS C 381 4.10 13.58 35.90
N GLU C 382 2.98 12.88 35.74
CA GLU C 382 2.74 11.65 36.48
C GLU C 382 2.63 10.41 35.60
N TRP C 383 2.11 10.51 34.39
CA TRP C 383 1.95 9.36 33.51
C TRP C 383 3.26 9.10 32.79
N HIS C 384 3.89 7.98 33.09
CA HIS C 384 5.16 7.59 32.48
C HIS C 384 4.95 6.34 31.64
N TYR C 385 5.75 6.20 30.60
CA TYR C 385 5.74 4.96 29.83
C TYR C 385 6.55 3.91 30.56
N GLU C 386 5.86 2.92 31.09
CA GLU C 386 6.52 1.78 31.69
C GLU C 386 6.59 0.67 30.64
N PRO C 387 7.78 0.33 30.14
CA PRO C 387 7.86 -0.53 28.95
C PRO C 387 7.53 -1.98 29.24
N CYS C 388 7.54 -2.39 30.49
CA CYS C 388 7.25 -3.77 30.83
C CYS C 388 6.36 -3.90 32.07
N GLY C 389 5.58 -2.85 32.38
CA GLY C 389 4.44 -2.94 33.26
C GLY C 389 4.71 -3.12 34.74
N ASN C 390 5.92 -3.54 35.14
CA ASN C 390 6.17 -4.12 36.46
C ASN C 390 6.16 -3.01 37.51
N ARG C 391 4.95 -2.62 37.91
CA ARG C 391 4.80 -1.69 39.02
C ARG C 391 3.47 -1.96 39.69
N SER C 392 3.47 -2.04 41.02
CA SER C 392 2.30 -2.38 41.80
C SER C 392 1.96 -1.21 42.71
N PHE C 393 1.05 -0.37 42.25
CA PHE C 393 0.56 0.79 42.99
C PHE C 393 -0.85 0.54 43.49
N GLU C 394 -1.32 1.46 44.32
CA GLU C 394 -2.60 1.30 44.99
C GLU C 394 -3.70 1.95 44.15
N THR C 395 -4.67 1.16 43.74
CA THR C 395 -5.87 1.69 43.11
C THR C 395 -6.90 1.92 44.20
N CYS C 396 -8.15 2.21 43.83
CA CYS C 396 -9.19 2.29 44.85
C CYS C 396 -10.05 1.03 44.88
N ARG C 397 -9.75 0.06 44.00
CA ARG C 397 -10.27 -1.29 44.18
C ARG C 397 -9.46 -2.03 45.25
N THR C 398 -8.14 -2.13 45.02
CA THR C 398 -7.28 -2.95 45.88
C THR C 398 -7.06 -2.35 47.26
N ILE C 399 -7.52 -1.13 47.52
CA ILE C 399 -7.50 -0.61 48.88
C ILE C 399 -8.66 -1.18 49.67
N ASN C 400 -9.66 -1.74 49.00
CA ASN C 400 -10.81 -2.39 49.63
C ASN C 400 -10.82 -3.90 49.37
N GLY C 401 -9.63 -4.50 49.32
CA GLY C 401 -9.47 -5.94 49.25
C GLY C 401 -9.60 -6.57 47.88
N ILE C 402 -10.18 -5.87 46.90
CA ILE C 402 -10.56 -6.47 45.64
C ILE C 402 -9.31 -6.76 44.80
N HIS C 403 -9.08 -8.03 44.51
CA HIS C 403 -7.90 -8.47 43.77
C HIS C 403 -8.31 -9.40 42.64
N SER C 404 -7.47 -9.45 41.61
CA SER C 404 -7.70 -10.31 40.47
C SER C 404 -7.14 -11.71 40.73
N ASN C 405 -7.40 -12.61 39.78
CA ASN C 405 -6.94 -13.99 39.89
C ASN C 405 -5.75 -14.33 39.00
N ILE C 406 -5.34 -13.43 38.10
CA ILE C 406 -4.11 -13.61 37.35
C ILE C 406 -3.23 -12.38 37.55
N SER C 407 -2.03 -12.46 36.99
CA SER C 407 -1.03 -11.40 37.07
C SER C 407 -0.95 -10.72 35.72
N VAL C 408 -1.42 -9.49 35.64
CA VAL C 408 -1.45 -8.72 34.41
C VAL C 408 -0.38 -7.63 34.45
N SER C 409 0.67 -7.87 35.22
CA SER C 409 1.73 -6.88 35.40
C SER C 409 2.83 -7.03 34.37
N TYR C 410 2.50 -7.48 33.17
CA TYR C 410 3.46 -7.54 32.07
C TYR C 410 2.94 -6.81 30.85
N LEU C 411 1.84 -6.09 30.97
CA LEU C 411 1.17 -5.46 29.84
C LEU C 411 1.73 -4.06 29.65
N GLU C 412 2.30 -3.83 28.47
CA GLU C 412 2.86 -2.54 28.05
C GLU C 412 1.83 -1.42 28.09
N GLY C 413 2.23 -0.26 28.55
CA GLY C 413 1.39 0.91 28.42
C GLY C 413 1.84 2.02 29.34
N CYS C 414 0.99 3.03 29.46
CA CYS C 414 1.26 4.23 30.24
C CYS C 414 0.69 4.02 31.63
N TYR C 415 1.50 4.20 32.67
CA TYR C 415 1.03 3.95 34.01
C TYR C 415 1.20 5.18 34.90
N PRO C 416 0.29 5.41 35.85
CA PRO C 416 0.42 6.56 36.75
C PRO C 416 1.49 6.38 37.81
N ARG C 417 1.91 7.51 38.37
CA ARG C 417 2.83 7.53 39.50
C ARG C 417 2.38 8.62 40.46
N CYS C 418 1.11 8.51 40.94
CA CYS C 418 0.35 9.43 41.79
C CYS C 418 1.16 10.07 42.93
N PRO C 419 0.93 11.36 43.23
CA PRO C 419 1.77 12.07 44.20
C PRO C 419 1.42 11.69 45.64
N LYS C 420 2.08 12.38 46.58
CA LYS C 420 1.98 12.04 48.00
C LYS C 420 1.02 12.94 48.75
N ASP C 421 0.06 13.56 48.06
CA ASP C 421 -1.07 14.19 48.72
C ASP C 421 -2.40 13.58 48.30
N ARG C 422 -2.38 12.60 47.39
CA ARG C 422 -3.52 11.80 46.92
C ARG C 422 -3.07 10.51 46.24
N PRO C 423 -2.42 9.56 46.97
CA PRO C 423 -1.73 8.46 46.28
C PRO C 423 -2.59 7.26 45.92
N ILE C 424 -3.81 7.45 45.44
CA ILE C 424 -4.74 6.36 45.16
C ILE C 424 -5.32 6.59 43.77
N TYR C 425 -5.07 5.68 42.86
CA TYR C 425 -5.47 5.84 41.46
C TYR C 425 -6.86 5.27 41.21
N GLU C 426 -7.82 6.15 40.94
CA GLU C 426 -9.17 5.73 40.59
C GLU C 426 -9.24 5.49 39.10
N GLU C 427 -9.57 4.26 38.71
CA GLU C 427 -9.30 3.80 37.35
C GLU C 427 -10.32 4.26 36.32
N ASP C 428 -11.60 4.40 36.69
CA ASP C 428 -12.61 4.65 35.67
C ASP C 428 -12.65 6.10 35.21
N LEU C 429 -11.82 6.98 35.75
CA LEU C 429 -11.72 8.35 35.26
C LEU C 429 -10.30 8.76 34.93
N LYS C 430 -9.32 7.88 35.17
CA LYS C 430 -7.88 8.14 34.99
C LYS C 430 -7.43 9.35 35.80
N LYS C 431 -7.76 9.35 37.08
CA LYS C 431 -7.42 10.44 37.99
C LYS C 431 -6.83 9.86 39.26
N CYS C 432 -5.82 10.55 39.82
CA CYS C 432 -5.31 10.23 41.14
C CYS C 432 -6.14 10.97 42.16
N VAL C 433 -6.69 10.25 43.13
CA VAL C 433 -7.60 10.84 44.11
C VAL C 433 -7.12 10.49 45.52
N THR C 434 -7.63 11.23 46.48
CA THR C 434 -7.48 10.89 47.88
C THR C 434 -8.28 9.62 48.16
N ALA C 435 -7.79 8.80 49.11
CA ALA C 435 -8.36 7.49 49.42
C ALA C 435 -9.82 7.51 49.86
N ASP C 436 -10.34 8.66 50.26
CA ASP C 436 -11.74 8.77 50.66
C ASP C 436 -12.66 9.02 49.47
N LYS C 437 -12.28 9.93 48.59
CA LYS C 437 -13.16 10.41 47.53
C LYS C 437 -12.82 9.75 46.19
N CYS C 438 -13.09 8.45 46.07
CA CYS C 438 -12.91 7.81 44.78
C CYS C 438 -14.23 7.41 44.14
N GLY C 439 -15.02 6.54 44.76
CA GLY C 439 -16.25 6.12 44.11
C GLY C 439 -16.90 4.95 44.83
N CYS C 440 -17.78 4.26 44.10
CA CYS C 440 -18.70 3.29 44.68
C CYS C 440 -18.51 1.87 44.14
N TYR C 441 -18.50 1.69 42.81
CA TYR C 441 -18.31 0.39 42.13
C TYR C 441 -19.39 -0.63 42.51
N VAL C 442 -20.62 -0.34 42.10
CA VAL C 442 -21.72 -1.29 42.20
C VAL C 442 -22.27 -1.57 40.80
N GLU C 443 -22.48 -2.86 40.51
CA GLU C 443 -23.06 -3.38 39.26
C GLU C 443 -22.23 -2.95 38.05
N ASP C 444 -20.91 -2.93 38.26
CA ASP C 444 -19.88 -2.58 37.27
C ASP C 444 -20.13 -1.19 36.66
N THR C 445 -20.24 -0.20 37.54
CA THR C 445 -20.46 1.18 37.12
C THR C 445 -19.85 2.08 38.19
N HIS C 446 -19.09 3.08 37.76
CA HIS C 446 -18.46 4.01 38.69
C HIS C 446 -19.44 5.11 39.08
N TYR C 447 -19.68 5.26 40.37
CA TYR C 447 -20.55 6.32 40.90
C TYR C 447 -19.74 7.22 41.81
N PRO C 448 -19.55 8.51 41.46
CA PRO C 448 -18.74 9.45 42.26
C PRO C 448 -19.38 9.83 43.60
N ARG D 31 -29.16 57.00 2.15
CA ARG D 31 -27.79 57.11 2.63
C ARG D 31 -27.63 56.45 3.99
N ALA D 32 -27.18 55.19 4.00
CA ALA D 32 -26.97 54.42 5.22
C ALA D 32 -25.61 53.74 5.10
N LEU D 33 -24.57 54.41 5.60
CA LEU D 33 -23.23 53.87 5.53
C LEU D 33 -23.04 52.81 6.60
N SER D 34 -21.96 52.03 6.48
CA SER D 34 -21.85 50.84 7.32
C SER D 34 -20.44 50.49 7.81
N CYS D 35 -19.44 51.36 7.61
CA CYS D 35 -18.03 51.12 7.95
C CYS D 35 -17.40 49.90 7.28
N GLN D 36 -18.06 49.30 6.31
CA GLN D 36 -17.48 48.17 5.57
C GLN D 36 -17.69 48.49 4.11
N THR D 37 -18.71 49.28 3.85
CA THR D 37 -19.03 49.80 2.52
C THR D 37 -18.59 51.24 2.37
N LEU D 38 -17.44 51.60 2.97
CA LEU D 38 -16.87 52.92 2.78
C LEU D 38 -16.38 53.10 1.35
N ALA D 39 -15.54 52.18 0.89
CA ALA D 39 -14.92 52.29 -0.41
C ALA D 39 -15.73 51.60 -1.51
N ALA D 40 -16.90 51.06 -1.20
CA ALA D 40 -17.74 50.48 -2.23
C ALA D 40 -18.32 51.55 -3.14
N GLY D 41 -19.12 52.46 -2.57
CA GLY D 41 -19.61 53.58 -3.34
C GLY D 41 -21.04 53.98 -3.08
N TYR D 42 -21.77 53.14 -2.35
CA TYR D 42 -23.17 53.37 -1.95
C TYR D 42 -24.07 53.58 -3.17
N TYR D 43 -24.21 52.52 -3.96
CA TYR D 43 -24.83 52.61 -5.26
C TYR D 43 -26.36 52.51 -5.19
N HIS D 44 -26.87 51.37 -4.76
CA HIS D 44 -28.30 51.09 -4.84
C HIS D 44 -29.09 51.82 -3.77
N VAL D 52 -32.57 52.72 11.97
CA VAL D 52 -31.23 52.71 11.40
C VAL D 52 -30.46 53.95 11.86
N CYS D 53 -29.25 54.12 11.33
CA CYS D 53 -28.43 55.25 11.72
C CYS D 53 -28.92 56.54 11.06
N PRO D 54 -28.82 57.67 11.77
CA PRO D 54 -29.20 58.96 11.17
C PRO D 54 -28.13 59.52 10.25
N ASP D 55 -28.33 60.74 9.76
CA ASP D 55 -27.29 61.43 9.04
C ASP D 55 -26.13 61.78 9.97
N GLY D 56 -24.92 61.73 9.43
CA GLY D 56 -23.76 61.80 10.30
C GLY D 56 -23.25 60.41 10.64
N LEU D 57 -23.72 59.88 11.78
CA LEU D 57 -23.43 58.54 12.29
C LEU D 57 -23.61 57.43 11.26
N MET D 58 -22.88 56.33 11.43
CA MET D 58 -23.02 55.16 10.58
C MET D 58 -22.78 53.91 11.43
N ASP D 59 -23.28 52.78 10.91
CA ASP D 59 -23.15 51.51 11.60
C ASP D 59 -21.69 51.07 11.60
N ASP D 60 -21.34 50.24 12.57
CA ASP D 60 -19.99 49.72 12.69
C ASP D 60 -19.88 48.21 12.52
N GLY D 61 -20.99 47.50 12.41
CA GLY D 61 -20.97 46.05 12.38
C GLY D 61 -20.84 45.39 13.74
N ARG D 62 -20.70 46.19 14.80
CA ARG D 62 -20.59 45.71 16.17
C ARG D 62 -21.86 45.95 16.97
N GLY D 63 -22.60 47.01 16.66
CA GLY D 63 -23.67 47.48 17.50
C GLY D 63 -24.22 48.80 17.03
N GLY D 64 -24.29 49.78 17.93
CA GLY D 64 -24.92 51.05 17.65
C GLY D 64 -24.13 51.91 16.66
N CYS D 65 -24.72 53.07 16.38
CA CYS D 65 -24.20 53.96 15.35
C CYS D 65 -22.98 54.72 15.85
N VAL D 66 -21.95 54.78 15.02
CA VAL D 66 -20.63 55.30 15.38
C VAL D 66 -20.27 56.39 14.37
N VAL D 67 -19.56 57.42 14.84
CA VAL D 67 -19.01 58.43 13.94
C VAL D 67 -17.93 57.81 13.03
N GLU D 68 -17.58 58.54 11.98
CA GLU D 68 -16.63 58.03 11.00
C GLU D 68 -15.21 57.98 11.56
N LYS D 69 -14.90 58.81 12.57
CA LYS D 69 -13.55 58.86 13.11
C LYS D 69 -13.26 57.64 13.98
N GLU D 70 -14.23 57.18 14.76
CA GLU D 70 -14.05 56.07 15.67
C GLU D 70 -14.50 54.74 15.07
N CYS D 71 -14.37 54.58 13.79
CA CYS D 71 -14.83 53.41 13.08
C CYS D 71 -13.82 52.27 13.22
N PRO D 72 -14.28 51.04 13.49
CA PRO D 72 -13.37 49.91 13.71
C PRO D 72 -12.84 49.33 12.41
N CYS D 73 -12.06 48.26 12.54
CA CYS D 73 -11.42 47.59 11.41
C CYS D 73 -11.67 46.09 11.50
N VAL D 74 -11.69 45.43 10.35
CA VAL D 74 -11.91 43.99 10.25
C VAL D 74 -10.68 43.36 9.60
N HIS D 75 -10.22 42.24 10.15
CA HIS D 75 -9.13 41.49 9.51
C HIS D 75 -9.25 40.02 9.87
N ASN D 76 -9.52 39.19 8.86
CA ASN D 76 -9.71 37.74 8.97
C ASN D 76 -10.81 37.39 9.96
N ASN D 77 -11.98 37.99 9.75
CA ASN D 77 -13.23 37.78 10.48
C ASN D 77 -13.16 38.15 11.95
N ASP D 78 -12.19 38.95 12.36
CA ASP D 78 -12.13 39.49 13.70
C ASP D 78 -12.26 41.00 13.62
N LEU D 79 -12.80 41.60 14.67
CA LEU D 79 -13.16 43.01 14.67
C LEU D 79 -12.29 43.73 15.69
N TYR D 80 -11.50 44.68 15.21
CA TYR D 80 -10.49 45.36 16.00
C TYR D 80 -10.87 46.83 16.13
N SER D 81 -10.94 47.32 17.36
CA SER D 81 -11.31 48.71 17.60
C SER D 81 -10.16 49.64 17.24
N SER D 82 -10.38 50.94 17.42
CA SER D 82 -9.42 51.94 16.97
C SER D 82 -8.16 51.93 17.84
N GLY D 83 -7.03 52.22 17.21
CA GLY D 83 -5.75 52.19 17.89
C GLY D 83 -5.27 50.82 18.27
N ALA D 84 -5.75 49.77 17.61
CA ALA D 84 -5.29 48.41 17.88
C ALA D 84 -4.03 48.12 17.08
N LYS D 85 -3.22 47.21 17.59
CA LYS D 85 -1.94 46.86 16.97
C LYS D 85 -1.96 45.39 16.60
N ILE D 86 -1.62 45.09 15.36
CA ILE D 86 -1.36 43.72 14.92
C ILE D 86 -0.04 43.70 14.17
N LYS D 87 0.58 42.54 14.11
CA LYS D 87 1.79 42.34 13.34
C LYS D 87 1.48 41.53 12.08
N VAL D 88 2.16 41.87 10.98
CA VAL D 88 2.10 41.09 9.75
C VAL D 88 3.53 40.78 9.31
N ASP D 89 4.07 39.69 9.85
CA ASP D 89 5.25 38.92 9.46
C ASP D 89 6.59 39.62 9.68
N CYS D 90 6.64 40.95 9.60
CA CYS D 90 7.78 41.70 10.10
C CYS D 90 7.33 43.10 10.53
N ASN D 91 6.12 43.47 10.13
CA ASN D 91 5.63 44.83 10.25
C ASN D 91 4.64 44.94 11.41
N THR D 92 4.15 46.16 11.63
CA THR D 92 3.16 46.46 12.65
C THR D 92 2.12 47.38 12.03
N CYS D 93 0.85 47.09 12.26
CA CYS D 93 -0.23 47.89 11.70
C CYS D 93 -0.99 48.60 12.82
N THR D 94 -1.91 49.47 12.42
CA THR D 94 -2.70 50.26 13.37
C THR D 94 -4.04 50.60 12.74
N CYS D 95 -5.13 50.26 13.41
CA CYS D 95 -6.47 50.66 12.96
C CYS D 95 -6.67 52.13 13.28
N LYS D 96 -6.62 52.98 12.25
CA LYS D 96 -6.63 54.42 12.45
C LYS D 96 -8.03 55.03 12.34
N ARG D 97 -8.66 54.92 11.17
CA ARG D 97 -9.96 55.52 10.94
C ARG D 97 -10.81 54.55 10.11
N GLY D 98 -10.84 53.29 10.54
CA GLY D 98 -11.48 52.27 9.75
C GLY D 98 -10.60 51.67 8.67
N ARG D 99 -9.36 52.14 8.55
CA ARG D 99 -8.38 51.62 7.62
C ARG D 99 -7.13 51.25 8.39
N TRP D 100 -6.26 50.46 7.76
CA TRP D 100 -5.03 50.03 8.41
C TRP D 100 -3.86 50.89 7.96
N VAL D 101 -3.04 51.29 8.92
CA VAL D 101 -1.82 52.06 8.69
C VAL D 101 -0.65 51.18 9.09
N CYS D 102 0.07 50.66 8.10
CA CYS D 102 1.10 49.66 8.34
C CYS D 102 2.46 50.22 7.97
N THR D 103 3.50 49.73 8.65
CA THR D 103 4.87 50.11 8.34
C THR D 103 5.35 49.38 7.09
N GLN D 104 6.31 49.98 6.39
CA GLN D 104 6.80 49.44 5.13
C GLN D 104 8.27 49.03 5.30
N ALA D 105 8.46 47.82 5.81
CA ALA D 105 9.74 47.13 5.75
C ALA D 105 9.56 45.88 4.90
N VAL D 106 10.67 45.39 4.35
CA VAL D 106 10.63 44.27 3.44
C VAL D 106 11.03 43.02 4.20
N CYS D 107 10.18 41.99 4.16
CA CYS D 107 10.39 40.79 4.94
C CYS D 107 11.25 39.80 4.17
N HIS D 108 11.69 38.75 4.86
CA HIS D 108 12.31 37.60 4.21
C HIS D 108 11.32 36.88 3.31
N GLY D 109 11.84 36.19 2.30
CA GLY D 109 11.02 35.46 1.35
C GLY D 109 11.28 33.96 1.47
N THR D 110 10.23 33.17 1.28
CA THR D 110 10.27 31.74 1.60
C THR D 110 9.86 30.91 0.40
N CYS D 111 10.70 29.96 0.02
CA CYS D 111 10.34 28.90 -0.92
C CYS D 111 10.03 27.62 -0.14
N SER D 112 9.07 26.85 -0.63
CA SER D 112 8.70 25.58 -0.01
C SER D 112 8.82 24.43 -1.01
N ILE D 113 9.25 23.28 -0.50
CA ILE D 113 9.27 22.00 -1.23
C ILE D 113 8.76 20.97 -0.24
N TYR D 114 7.69 20.26 -0.58
CA TYR D 114 7.05 19.41 0.42
C TYR D 114 6.28 18.28 -0.24
N GLY D 115 6.26 17.14 0.43
CA GLY D 115 5.48 15.99 -0.03
C GLY D 115 5.96 15.39 -1.34
N SER D 116 5.01 14.85 -2.11
CA SER D 116 5.28 14.21 -3.39
C SER D 116 5.31 15.23 -4.54
N GLY D 117 6.24 16.16 -4.44
CA GLY D 117 6.50 17.08 -5.52
C GLY D 117 5.60 18.29 -5.55
N HIS D 118 5.57 19.06 -4.47
CA HIS D 118 4.74 20.25 -4.37
C HIS D 118 5.65 21.43 -4.10
N TYR D 119 5.37 22.56 -4.72
CA TYR D 119 6.22 23.73 -4.65
C TYR D 119 5.41 24.97 -4.34
N ILE D 120 6.06 25.93 -3.69
CA ILE D 120 5.56 27.30 -3.54
C ILE D 120 6.76 28.19 -3.79
N THR D 121 6.66 29.10 -4.74
CA THR D 121 7.82 29.93 -5.05
C THR D 121 7.91 31.11 -4.08
N PHE D 122 9.01 31.86 -4.17
CA PHE D 122 9.21 33.05 -3.34
C PHE D 122 8.11 34.11 -3.53
N ASP D 123 7.46 34.12 -4.69
CA ASP D 123 6.38 35.04 -5.00
C ASP D 123 5.00 34.40 -4.84
N GLY D 124 4.95 33.17 -4.35
CA GLY D 124 3.70 32.56 -3.96
C GLY D 124 2.92 31.90 -5.08
N LYS D 125 3.58 31.05 -5.87
CA LYS D 125 2.94 30.35 -6.97
C LYS D 125 3.02 28.85 -6.70
N TYR D 126 1.88 28.19 -6.67
CA TYR D 126 1.84 26.78 -6.30
C TYR D 126 1.82 25.95 -7.58
N TYR D 127 2.65 24.91 -7.65
CA TYR D 127 2.63 24.02 -8.79
C TYR D 127 3.11 22.64 -8.37
N ASP D 128 3.02 21.70 -9.29
CA ASP D 128 3.42 20.31 -9.07
C ASP D 128 4.41 19.89 -10.13
N PHE D 129 5.47 19.23 -9.72
CA PHE D 129 6.45 18.72 -10.68
C PHE D 129 7.06 17.46 -10.08
N ASP D 130 6.96 16.35 -10.80
CA ASP D 130 7.46 15.06 -10.34
C ASP D 130 8.63 14.64 -11.22
N GLY D 131 9.80 15.19 -10.92
CA GLY D 131 11.00 14.93 -11.70
C GLY D 131 11.93 14.00 -10.95
N HIS D 132 12.72 13.23 -11.69
CA HIS D 132 13.64 12.24 -11.15
C HIS D 132 15.05 12.55 -11.65
N CYS D 133 15.72 13.48 -11.00
CA CYS D 133 17.09 13.92 -11.28
C CYS D 133 17.50 14.82 -10.12
N SER D 134 18.59 15.54 -10.26
CA SER D 134 18.91 16.65 -9.38
C SER D 134 18.48 17.96 -10.03
N TYR D 135 17.85 18.83 -9.24
CA TYR D 135 17.26 20.06 -9.74
C TYR D 135 17.82 21.26 -9.00
N VAL D 136 17.95 22.38 -9.71
CA VAL D 136 18.29 23.64 -9.08
C VAL D 136 17.07 24.15 -8.33
N ALA D 137 17.21 24.32 -7.02
CA ALA D 137 16.14 24.94 -6.24
C ALA D 137 16.29 26.45 -6.24
N VAL D 138 17.41 26.95 -5.73
CA VAL D 138 17.75 28.37 -5.75
C VAL D 138 19.20 28.45 -6.18
N GLN D 139 19.56 29.45 -6.98
CA GLN D 139 20.95 29.83 -7.17
C GLN D 139 20.98 31.27 -7.61
N ASP D 140 22.15 31.89 -7.54
CA ASP D 140 22.35 33.20 -8.15
C ASP D 140 23.41 33.19 -9.24
N TYR D 141 23.63 32.03 -9.86
CA TYR D 141 24.40 31.90 -11.09
C TYR D 141 23.43 31.98 -12.27
N CYS D 142 22.79 33.13 -12.40
CA CYS D 142 21.64 33.28 -13.30
C CYS D 142 22.05 34.22 -14.42
N GLY D 143 22.73 33.68 -15.42
CA GLY D 143 23.15 34.48 -16.56
C GLY D 143 24.28 35.45 -16.26
N LEU D 148 30.06 36.85 -10.49
CA LEU D 148 29.27 35.72 -10.99
C LEU D 148 28.91 34.76 -9.88
N GLY D 149 27.77 35.01 -9.23
CA GLY D 149 27.19 34.05 -8.30
C GLY D 149 27.89 33.90 -6.97
N SER D 150 27.14 33.45 -5.97
CA SER D 150 27.74 33.10 -4.69
C SER D 150 27.16 31.87 -4.01
N PHE D 151 25.99 31.35 -4.39
CA PHE D 151 25.51 30.14 -3.75
C PHE D 151 24.70 29.31 -4.73
N SER D 152 24.32 28.12 -4.27
CA SER D 152 23.49 27.20 -5.01
C SER D 152 22.88 26.19 -4.05
N ILE D 153 21.60 25.89 -4.21
CA ILE D 153 20.93 24.86 -3.40
C ILE D 153 20.28 23.88 -4.34
N ILE D 154 20.62 22.60 -4.20
CA ILE D 154 20.24 21.53 -5.12
C ILE D 154 19.33 20.58 -4.35
N THR D 155 18.30 20.07 -5.01
CA THR D 155 17.43 19.05 -4.43
C THR D 155 17.55 17.76 -5.22
N GLU D 156 17.49 16.62 -4.53
CA GLU D 156 17.64 15.31 -5.16
C GLU D 156 16.34 14.54 -4.99
N ASN D 157 15.58 14.44 -6.08
CA ASN D 157 14.23 13.90 -6.06
C ASN D 157 14.29 12.48 -6.60
N VAL D 158 13.79 11.52 -5.82
CA VAL D 158 13.83 10.12 -6.20
C VAL D 158 12.38 9.62 -6.19
N PRO D 159 12.08 8.52 -6.88
CA PRO D 159 10.72 7.96 -6.82
C PRO D 159 10.42 7.39 -5.44
N CYS D 160 9.35 7.88 -4.83
CA CYS D 160 8.84 7.30 -3.59
C CYS D 160 7.43 6.81 -3.85
N GLY D 161 7.32 5.52 -4.18
CA GLY D 161 6.11 4.84 -4.54
C GLY D 161 6.32 4.04 -5.81
N THR D 162 5.22 3.61 -6.41
CA THR D 162 5.25 2.92 -7.70
C THR D 162 4.48 3.65 -8.79
N THR D 163 3.82 4.76 -8.48
CA THR D 163 2.96 5.46 -9.42
C THR D 163 3.69 6.47 -10.30
N GLY D 164 4.95 6.77 -10.01
CA GLY D 164 5.70 7.70 -10.81
C GLY D 164 5.87 9.08 -10.22
N VAL D 165 5.33 9.31 -9.04
CA VAL D 165 5.55 10.55 -8.33
C VAL D 165 6.88 10.48 -7.61
N THR D 166 7.50 11.64 -7.40
CA THR D 166 8.81 11.73 -6.77
C THR D 166 8.75 12.69 -5.61
N CYS D 167 9.61 12.47 -4.62
CA CYS D 167 9.73 13.35 -3.47
C CYS D 167 11.20 13.61 -3.20
N SER D 168 11.45 14.65 -2.42
CA SER D 168 12.81 15.15 -2.19
C SER D 168 13.45 14.41 -1.03
N LYS D 169 14.64 13.86 -1.26
CA LYS D 169 15.31 13.09 -0.24
C LYS D 169 16.71 13.57 0.13
N ALA D 170 17.25 14.59 -0.53
CA ALA D 170 18.55 15.11 -0.16
C ALA D 170 18.64 16.57 -0.61
N ILE D 171 19.39 17.35 0.15
CA ILE D 171 19.64 18.77 -0.11
C ILE D 171 21.14 18.98 -0.10
N LYS D 172 21.66 19.63 -1.14
CA LYS D 172 23.07 20.03 -1.18
C LYS D 172 23.14 21.54 -1.15
N ILE D 173 23.90 22.09 -0.22
CA ILE D 173 24.05 23.53 -0.07
C ILE D 173 25.48 23.91 -0.44
N PHE D 174 25.63 24.74 -1.45
CA PHE D 174 26.91 25.23 -1.91
C PHE D 174 26.99 26.70 -1.52
N MET D 175 27.92 27.05 -0.64
CA MET D 175 28.12 28.44 -0.24
C MET D 175 29.58 28.79 -0.48
N GLY D 176 29.86 29.48 -1.57
CA GLY D 176 31.23 29.76 -1.91
C GLY D 176 31.95 28.52 -2.36
N ARG D 177 32.85 28.00 -1.53
CA ARG D 177 33.47 26.72 -1.77
C ARG D 177 33.13 25.68 -0.72
N THR D 178 32.47 26.04 0.36
CA THR D 178 31.92 25.09 1.31
C THR D 178 30.75 24.34 0.70
N GLU D 179 30.69 23.03 0.90
CA GLU D 179 29.55 22.21 0.51
C GLU D 179 28.99 21.47 1.72
N LEU D 180 27.81 21.85 2.16
CA LEU D 180 27.09 21.01 3.10
C LEU D 180 26.29 19.98 2.33
N LYS D 181 25.74 19.00 3.04
CA LYS D 181 24.80 18.09 2.43
C LYS D 181 23.89 17.55 3.51
N LEU D 182 22.58 17.62 3.29
CA LEU D 182 21.59 17.16 4.24
C LEU D 182 21.05 15.82 3.74
N GLU D 183 21.34 14.77 4.49
CA GLU D 183 21.20 13.40 4.00
C GLU D 183 21.20 12.49 5.21
N ASP D 184 20.25 11.55 5.26
CA ASP D 184 20.15 10.54 6.32
C ASP D 184 20.06 11.16 7.71
N LYS D 185 19.15 12.13 7.85
CA LYS D 185 18.75 12.76 9.10
C LYS D 185 19.89 13.52 9.77
N HIS D 186 20.96 13.82 9.03
CA HIS D 186 22.13 14.52 9.54
C HIS D 186 22.72 15.42 8.47
N ARG D 187 23.49 16.39 8.94
CA ARG D 187 24.28 17.28 8.10
C ARG D 187 25.71 16.77 8.01
N VAL D 188 26.29 16.87 6.81
CA VAL D 188 27.64 16.42 6.53
C VAL D 188 28.41 17.58 5.92
N VAL D 189 29.60 17.87 6.43
CA VAL D 189 30.46 18.89 5.86
C VAL D 189 31.35 18.23 4.81
N ILE D 190 31.34 18.79 3.61
CA ILE D 190 32.17 18.33 2.50
C ILE D 190 32.96 19.52 2.00
N GLN D 191 34.28 19.37 1.85
CA GLN D 191 35.16 20.36 1.21
C GLN D 191 35.07 21.72 1.92
N ARG D 192 35.59 21.74 3.13
CA ARG D 192 35.75 23.01 3.83
C ARG D 192 36.99 23.71 3.29
N ASP D 193 36.82 24.94 2.83
CA ASP D 193 37.91 25.64 2.15
C ASP D 193 38.97 26.11 3.16
N GLU D 194 40.06 26.70 2.64
CA GLU D 194 41.29 26.79 3.42
C GLU D 194 41.25 27.91 4.46
N GLY D 195 40.81 29.11 4.07
CA GLY D 195 40.81 30.22 5.01
C GLY D 195 39.64 31.16 4.85
N HIS D 196 38.76 30.87 3.88
CA HIS D 196 37.61 31.75 3.66
C HIS D 196 36.52 31.45 4.68
N HIS D 197 35.96 30.23 4.63
CA HIS D 197 35.00 29.63 5.56
C HIS D 197 33.86 30.56 5.96
N VAL D 198 32.96 30.83 5.00
CA VAL D 198 31.72 31.59 5.19
C VAL D 198 30.98 31.06 6.41
N ALA D 199 30.72 31.96 7.36
CA ALA D 199 30.26 31.57 8.69
C ALA D 199 28.82 31.08 8.62
N TYR D 200 28.62 29.79 8.88
CA TYR D 200 27.30 29.19 8.96
C TYR D 200 27.12 28.58 10.34
N THR D 201 25.88 28.19 10.64
CA THR D 201 25.52 27.66 11.94
C THR D 201 24.45 26.60 11.76
N THR D 202 24.61 25.45 12.41
CA THR D 202 23.64 24.37 12.34
C THR D 202 23.17 24.04 13.75
N ARG D 203 21.86 24.14 13.97
CA ARG D 203 21.27 23.75 15.25
C ARG D 203 19.91 23.12 15.00
N GLU D 204 19.35 22.51 16.04
CA GLU D 204 18.14 21.71 15.90
C GLU D 204 17.04 22.31 16.77
N VAL D 205 15.93 22.67 16.12
CA VAL D 205 14.86 23.45 16.73
C VAL D 205 13.59 22.64 16.56
N GLY D 206 13.18 21.96 17.62
CA GLY D 206 12.00 21.11 17.53
C GLY D 206 12.32 19.87 16.76
N GLN D 207 11.46 19.52 15.82
CA GLN D 207 11.69 18.37 14.97
C GLN D 207 12.49 18.67 13.72
N TYR D 208 12.96 19.90 13.54
CA TYR D 208 13.55 20.27 12.28
C TYR D 208 15.03 20.56 12.50
N LEU D 209 15.80 20.54 11.42
CA LEU D 209 17.18 20.96 11.45
C LEU D 209 17.29 22.28 10.72
N VAL D 210 18.02 23.23 11.30
CA VAL D 210 18.04 24.61 10.81
C VAL D 210 19.49 24.99 10.52
N VAL D 211 19.81 25.25 9.25
CA VAL D 211 21.08 25.82 8.86
C VAL D 211 20.86 27.30 8.59
N GLU D 212 21.77 28.14 9.07
CA GLU D 212 21.71 29.57 8.85
C GLU D 212 23.08 30.01 8.35
N SER D 213 23.13 31.06 7.54
CA SER D 213 24.39 31.61 7.07
C SER D 213 24.46 33.09 7.43
N SER D 214 25.70 33.58 7.51
CA SER D 214 25.93 35.00 7.80
C SER D 214 25.60 35.89 6.62
N THR D 215 25.52 35.33 5.42
CA THR D 215 25.23 36.06 4.21
C THR D 215 23.73 36.23 3.96
N GLY D 216 22.88 35.58 4.74
CA GLY D 216 21.45 35.76 4.65
C GLY D 216 20.67 34.57 4.15
N ILE D 217 21.27 33.38 4.11
CA ILE D 217 20.67 32.20 3.52
C ILE D 217 20.31 31.24 4.66
N ILE D 218 19.05 30.82 4.70
CA ILE D 218 18.52 30.01 5.80
C ILE D 218 17.77 28.83 5.23
N VAL D 219 18.15 27.62 5.62
CA VAL D 219 17.52 26.38 5.15
C VAL D 219 16.97 25.63 6.36
N ILE D 220 15.69 25.27 6.30
CA ILE D 220 14.97 24.60 7.39
C ILE D 220 14.42 23.29 6.83
N TRP D 221 14.68 22.20 7.54
CA TRP D 221 14.52 20.86 6.98
C TRP D 221 13.95 19.92 8.04
N ASP D 222 12.82 19.26 7.75
CA ASP D 222 12.20 18.39 8.75
C ASP D 222 12.74 16.99 8.76
N LYS D 223 13.90 16.76 8.14
CA LYS D 223 14.68 15.53 8.08
C LYS D 223 14.04 14.44 7.22
N ARG D 224 12.91 14.70 6.56
CA ARG D 224 12.36 13.73 5.61
C ARG D 224 12.22 14.28 4.20
N THR D 225 11.25 15.15 3.96
CA THR D 225 10.93 15.62 2.61
C THR D 225 10.60 17.10 2.51
N THR D 226 10.33 17.78 3.62
CA THR D 226 9.90 19.16 3.61
C THR D 226 11.11 20.05 3.84
N VAL D 227 11.27 21.07 2.98
CA VAL D 227 12.36 22.03 3.05
C VAL D 227 11.73 23.41 3.05
N PHE D 228 12.30 24.34 3.82
CA PHE D 228 11.97 25.76 3.71
C PHE D 228 13.27 26.51 3.49
N ILE D 229 13.37 27.24 2.38
CA ILE D 229 14.50 28.13 2.15
C ILE D 229 14.03 29.54 2.44
N LYS D 230 14.84 30.32 3.16
CA LYS D 230 14.58 31.73 3.37
C LYS D 230 15.78 32.56 2.93
N LEU D 231 15.51 33.66 2.24
CA LEU D 231 16.54 34.59 1.82
C LEU D 231 16.27 35.95 2.41
N ALA D 232 17.33 36.63 2.83
CA ALA D 232 17.28 38.02 3.25
C ALA D 232 16.81 38.89 2.07
N PRO D 233 16.20 40.04 2.34
CA PRO D 233 15.65 40.85 1.25
C PRO D 233 16.68 41.58 0.40
N SER D 234 17.96 41.26 0.52
CA SER D 234 19.00 41.72 -0.38
C SER D 234 19.06 40.89 -1.66
N TYR D 235 18.35 39.77 -1.72
CA TYR D 235 18.36 38.87 -2.86
C TYR D 235 17.17 39.08 -3.78
N LYS D 236 16.62 40.29 -3.81
CA LYS D 236 15.44 40.58 -4.61
C LYS D 236 15.82 40.64 -6.09
N GLY D 237 15.20 39.78 -6.89
CA GLY D 237 15.41 39.80 -8.32
C GLY D 237 16.77 39.32 -8.77
N THR D 238 17.50 38.60 -7.91
CA THR D 238 18.84 38.13 -8.23
C THR D 238 18.99 36.64 -8.07
N VAL D 239 17.91 35.86 -8.09
CA VAL D 239 17.98 34.41 -8.01
C VAL D 239 17.17 33.79 -9.13
N CYS D 240 17.31 32.49 -9.30
CA CYS D 240 16.52 31.71 -10.24
C CYS D 240 16.50 30.26 -9.77
N GLY D 241 15.80 29.41 -10.52
CA GLY D 241 15.63 28.01 -10.18
C GLY D 241 14.18 27.65 -10.15
N LEU D 242 13.87 26.52 -9.53
CA LEU D 242 12.49 26.09 -9.34
C LEU D 242 11.74 26.89 -8.28
N CYS D 243 12.37 27.82 -7.59
CA CYS D 243 11.72 28.66 -6.61
C CYS D 243 11.41 30.06 -7.12
N GLY D 244 11.66 30.33 -8.40
CA GLY D 244 11.38 31.64 -8.94
C GLY D 244 12.53 32.59 -8.78
N ASN D 245 12.23 33.88 -8.91
CA ASN D 245 13.25 34.92 -8.90
C ASN D 245 13.08 36.04 -7.89
N PHE D 246 12.03 36.01 -7.06
CA PHE D 246 11.88 36.81 -5.84
C PHE D 246 11.88 38.32 -6.16
N ASP D 247 10.97 38.71 -7.05
CA ASP D 247 10.80 40.11 -7.40
C ASP D 247 9.38 40.61 -7.22
N HIS D 248 8.58 39.95 -6.38
CA HIS D 248 7.24 40.38 -5.98
CA HIS D 248 7.24 40.38 -5.98
C HIS D 248 6.31 40.56 -7.19
N ARG D 249 6.37 39.60 -8.10
CA ARG D 249 5.62 39.65 -9.34
C ARG D 249 5.63 38.21 -9.86
N SER D 250 4.48 37.54 -9.84
CA SER D 250 4.50 36.08 -9.96
C SER D 250 4.17 35.57 -11.35
N ASN D 251 3.98 36.44 -12.34
CA ASN D 251 3.72 35.92 -13.69
C ASN D 251 4.98 35.81 -14.51
N ASN D 252 6.13 35.71 -13.86
CA ASN D 252 7.37 35.37 -14.55
C ASN D 252 8.18 34.34 -13.79
N ASP D 253 7.57 33.63 -12.83
CA ASP D 253 8.30 32.60 -12.10
C ASP D 253 8.60 31.37 -12.95
N PHE D 254 7.87 31.16 -14.05
CA PHE D 254 8.21 30.06 -14.94
C PHE D 254 9.17 30.50 -16.03
N THR D 255 10.29 31.09 -15.63
CA THR D 255 11.39 31.39 -16.53
C THR D 255 12.32 30.19 -16.56
N THR D 256 12.65 29.71 -17.76
CA THR D 256 13.49 28.54 -17.89
C THR D 256 14.95 28.93 -17.77
N ARG D 257 15.84 27.94 -17.92
CA ARG D 257 17.28 28.18 -17.80
C ARG D 257 17.80 29.07 -18.91
N ASP D 258 17.17 29.03 -20.08
CA ASP D 258 17.55 29.89 -21.20
C ASP D 258 16.75 31.19 -21.26
N HIS D 259 16.22 31.65 -20.12
CA HIS D 259 15.62 32.97 -19.94
C HIS D 259 14.37 33.17 -20.79
N MET D 260 13.48 32.18 -20.75
CA MET D 260 12.24 32.18 -21.51
C MET D 260 11.09 31.85 -20.58
N VAL D 261 10.08 32.71 -20.54
CA VAL D 261 8.90 32.49 -19.70
C VAL D 261 7.94 31.60 -20.47
N VAL D 262 7.75 30.38 -19.97
CA VAL D 262 6.82 29.43 -20.57
C VAL D 262 5.59 29.33 -19.68
N SER D 263 4.56 28.67 -20.19
CA SER D 263 3.30 28.51 -19.46
C SER D 263 3.11 27.11 -18.91
N SER D 264 4.03 26.20 -19.18
CA SER D 264 3.91 24.82 -18.77
C SER D 264 4.72 24.56 -17.51
N GLU D 265 4.17 23.74 -16.62
CA GLU D 265 4.91 23.30 -15.45
C GLU D 265 6.00 22.33 -15.80
N LEU D 266 5.91 21.67 -16.95
CA LEU D 266 6.78 20.58 -17.33
C LEU D 266 7.85 21.00 -18.33
N ASP D 267 7.71 22.15 -18.96
CA ASP D 267 8.82 22.72 -19.72
C ASP D 267 9.73 23.55 -18.85
N PHE D 268 9.17 24.17 -17.81
CA PHE D 268 9.95 24.90 -16.82
C PHE D 268 10.75 23.98 -15.93
N GLY D 269 10.10 22.98 -15.33
CA GLY D 269 10.79 22.11 -14.40
C GLY D 269 11.79 21.17 -15.04
N ASN D 270 11.58 20.79 -16.30
CA ASN D 270 12.55 19.96 -17.01
C ASN D 270 13.78 20.72 -17.47
N SER D 271 13.81 22.04 -17.34
CA SER D 271 14.96 22.81 -17.74
C SER D 271 15.91 23.09 -16.60
N TRP D 272 15.56 22.74 -15.37
CA TRP D 272 16.44 22.96 -14.24
C TRP D 272 17.06 21.67 -13.73
N LYS D 273 16.96 20.58 -14.48
CA LYS D 273 17.69 19.38 -14.15
C LYS D 273 19.19 19.59 -14.33
N GLU D 274 19.97 18.87 -13.52
CA GLU D 274 21.40 19.05 -13.49
C GLU D 274 22.14 18.19 -14.52
N ALA D 275 21.68 16.97 -14.74
CA ALA D 275 22.40 16.19 -15.73
C ALA D 275 21.63 16.15 -17.04
N PRO D 276 22.33 16.27 -18.17
CA PRO D 276 21.63 16.23 -19.47
C PRO D 276 21.03 14.89 -19.81
N THR D 277 21.54 13.79 -19.26
CA THR D 277 21.03 12.47 -19.56
C THR D 277 19.84 12.05 -18.70
N CYS D 278 19.43 12.88 -17.75
CA CYS D 278 18.20 12.64 -17.03
C CYS D 278 17.01 12.78 -17.98
N PRO D 279 15.96 11.99 -17.81
CA PRO D 279 14.84 12.03 -18.74
C PRO D 279 13.95 13.23 -18.50
N ASP D 280 13.02 13.42 -19.43
CA ASP D 280 12.01 14.47 -19.33
C ASP D 280 10.72 13.88 -18.79
N VAL D 281 10.07 14.65 -17.93
CA VAL D 281 8.76 14.30 -17.40
C VAL D 281 7.74 14.78 -18.41
N SER D 282 6.94 13.85 -18.93
CA SER D 282 6.02 14.16 -20.00
C SER D 282 4.58 14.28 -19.55
N THR D 283 4.26 13.82 -18.34
CA THR D 283 2.94 14.03 -17.76
C THR D 283 3.05 13.97 -16.25
N ASN D 284 2.06 14.55 -15.56
CA ASN D 284 2.05 14.36 -14.12
C ASN D 284 1.17 13.17 -13.76
N PRO D 285 1.62 12.30 -12.88
CA PRO D 285 0.80 11.14 -12.50
C PRO D 285 -0.39 11.52 -11.65
N GLU D 286 -1.35 10.61 -11.61
CA GLU D 286 -2.50 10.71 -10.70
C GLU D 286 -2.50 9.52 -9.77
N PRO D 287 -2.11 9.69 -8.50
CA PRO D 287 -1.95 8.53 -7.62
C PRO D 287 -3.24 7.92 -7.15
N CYS D 288 -4.28 8.72 -6.91
CA CYS D 288 -5.53 8.15 -6.43
C CYS D 288 -6.36 7.53 -7.54
N SER D 289 -5.92 7.66 -8.79
CA SER D 289 -6.47 6.94 -9.93
C SER D 289 -5.70 5.68 -10.26
N LEU D 290 -4.39 5.67 -10.02
CA LEU D 290 -3.59 4.48 -10.17
C LEU D 290 -3.65 3.57 -8.95
N ASN D 291 -4.18 4.05 -7.83
CA ASN D 291 -4.44 3.24 -6.63
C ASN D 291 -5.85 3.52 -6.17
N PRO D 292 -6.85 2.86 -6.76
CA PRO D 292 -8.25 3.12 -6.36
C PRO D 292 -8.58 2.62 -4.97
N HIS D 293 -7.86 1.63 -4.48
CA HIS D 293 -8.12 1.01 -3.19
C HIS D 293 -7.56 1.80 -2.02
N ARG D 294 -6.72 2.79 -2.27
CA ARG D 294 -6.14 3.63 -1.23
C ARG D 294 -6.84 4.97 -1.08
N ARG D 295 -7.86 5.24 -1.89
CA ARG D 295 -8.54 6.52 -1.87
C ARG D 295 -9.45 6.69 -0.67
N SER D 296 -10.08 5.61 -0.22
CA SER D 296 -11.06 5.72 0.87
C SER D 296 -10.38 5.97 2.20
N TRP D 297 -9.19 5.41 2.41
CA TRP D 297 -8.43 5.70 3.61
C TRP D 297 -7.89 7.12 3.58
N ALA D 298 -7.39 7.54 2.42
CA ALA D 298 -6.72 8.84 2.32
C ALA D 298 -7.68 9.99 2.53
N GLU D 299 -8.87 9.90 1.95
CA GLU D 299 -9.82 10.99 2.06
C GLU D 299 -10.52 11.05 3.40
N LYS D 300 -10.40 10.01 4.21
CA LYS D 300 -10.99 9.98 5.55
C LYS D 300 -10.00 10.43 6.61
N GLN D 301 -8.73 10.08 6.44
CA GLN D 301 -7.70 10.55 7.36
C GLN D 301 -7.40 12.02 7.14
N CYS D 302 -7.36 12.45 5.88
CA CYS D 302 -7.00 13.83 5.57
C CYS D 302 -8.13 14.80 5.76
N SER D 303 -9.30 14.35 6.15
CA SER D 303 -10.42 15.23 6.41
C SER D 303 -10.38 15.84 7.80
N ILE D 304 -9.28 15.67 8.54
CA ILE D 304 -9.09 16.42 9.78
C ILE D 304 -8.91 17.90 9.49
N LEU D 305 -8.34 18.24 8.33
CA LEU D 305 -7.97 19.62 8.04
C LEU D 305 -9.18 20.50 7.82
N LYS D 306 -10.24 19.95 7.22
CA LYS D 306 -11.48 20.65 6.99
C LYS D 306 -12.50 20.43 8.09
N SER D 307 -12.07 20.00 9.27
CA SER D 307 -12.97 19.64 10.35
C SER D 307 -12.92 20.68 11.46
N SER D 308 -13.65 20.40 12.53
CA SER D 308 -13.78 21.31 13.66
C SER D 308 -12.54 21.37 14.54
N VAL D 309 -11.56 20.53 14.31
CA VAL D 309 -10.32 20.60 15.07
C VAL D 309 -9.53 21.83 14.66
N PHE D 310 -9.48 22.13 13.36
CA PHE D 310 -8.72 23.23 12.81
C PHE D 310 -9.58 24.45 12.54
N SER D 311 -10.72 24.60 13.22
CA SER D 311 -11.70 25.61 12.87
C SER D 311 -11.32 27.02 13.32
N ILE D 312 -10.24 27.16 14.08
CA ILE D 312 -9.73 28.48 14.44
C ILE D 312 -8.86 29.02 13.31
N CYS D 313 -8.28 28.14 12.52
CA CYS D 313 -7.37 28.49 11.44
C CYS D 313 -8.09 28.62 10.10
N HIS D 314 -9.37 28.22 10.02
CA HIS D 314 -10.10 28.25 8.76
C HIS D 314 -10.30 29.64 8.19
N SER D 315 -10.25 30.67 9.03
CA SER D 315 -10.41 32.04 8.56
C SER D 315 -9.09 32.73 8.33
N LYS D 316 -7.98 32.07 8.65
CA LYS D 316 -6.65 32.65 8.56
C LYS D 316 -5.74 31.98 7.55
N VAL D 317 -5.90 30.67 7.32
CA VAL D 317 -5.15 29.96 6.28
C VAL D 317 -6.15 29.11 5.51
N ASP D 318 -6.07 29.15 4.18
CA ASP D 318 -6.98 28.39 3.31
C ASP D 318 -6.62 26.91 3.36
N PRO D 319 -7.51 26.03 3.83
CA PRO D 319 -7.13 24.61 3.99
C PRO D 319 -7.15 23.81 2.72
N LYS D 320 -7.73 24.33 1.65
CA LYS D 320 -8.00 23.58 0.42
C LYS D 320 -6.76 23.09 -0.34
N PRO D 321 -5.65 23.84 -0.48
CA PRO D 321 -4.47 23.21 -1.09
C PRO D 321 -3.68 22.31 -0.18
N PHE D 322 -4.02 22.24 1.11
CA PHE D 322 -3.40 21.31 2.04
C PHE D 322 -4.19 20.02 2.18
N TYR D 323 -5.49 20.08 1.93
CA TYR D 323 -6.29 18.87 1.82
C TYR D 323 -5.94 18.09 0.56
N GLU D 324 -5.72 18.78 -0.55
CA GLU D 324 -5.44 18.10 -1.81
C GLU D 324 -4.03 17.54 -1.85
N ALA D 325 -3.10 18.15 -1.11
CA ALA D 325 -1.76 17.60 -1.01
C ALA D 325 -1.73 16.35 -0.16
N CYS D 326 -2.52 16.32 0.92
CA CYS D 326 -2.55 15.17 1.83
C CYS D 326 -3.14 13.95 1.16
N VAL D 327 -4.13 14.12 0.28
CA VAL D 327 -4.75 12.98 -0.38
C VAL D 327 -3.85 12.46 -1.50
N HIS D 328 -3.22 13.38 -2.24
CA HIS D 328 -2.18 13.03 -3.21
C HIS D 328 -1.00 12.32 -2.57
N ASP D 329 -0.67 12.62 -1.32
CA ASP D 329 0.48 12.00 -0.67
C ASP D 329 0.17 10.63 -0.10
N SER D 330 -1.06 10.40 0.34
CA SER D 330 -1.41 9.15 1.00
C SER D 330 -1.87 8.07 0.03
N CYS D 331 -2.33 8.44 -1.17
CA CYS D 331 -2.60 7.44 -2.18
C CYS D 331 -1.34 6.88 -2.83
N SER D 332 -0.18 7.48 -2.59
CA SER D 332 1.03 7.13 -3.32
C SER D 332 2.15 6.57 -2.47
N CYS D 333 1.98 6.45 -1.16
CA CYS D 333 2.99 5.80 -0.33
C CYS D 333 2.66 4.31 -0.20
N ASP D 334 2.71 3.63 -1.33
CA ASP D 334 2.21 2.27 -1.46
C ASP D 334 3.28 1.20 -1.37
N THR D 335 4.50 1.55 -0.99
CA THR D 335 5.53 0.56 -0.77
C THR D 335 5.86 0.36 0.70
N GLY D 336 5.52 1.31 1.56
CA GLY D 336 5.69 1.13 2.98
C GLY D 336 5.81 2.43 3.75
N GLY D 337 5.22 2.46 4.94
CA GLY D 337 5.30 3.62 5.81
C GLY D 337 4.47 4.81 5.35
N ASP D 338 3.15 4.65 5.34
CA ASP D 338 2.28 5.69 4.82
C ASP D 338 1.73 6.59 5.91
N CYS D 339 1.85 6.20 7.17
CA CYS D 339 1.47 7.05 8.28
C CYS D 339 2.53 8.09 8.61
N GLU D 340 3.65 8.07 7.90
CA GLU D 340 4.64 9.12 7.93
C GLU D 340 4.40 10.15 6.82
N CYS D 341 3.88 9.69 5.69
CA CYS D 341 3.45 10.58 4.61
C CYS D 341 2.23 11.38 5.01
N PHE D 342 1.41 10.83 5.91
CA PHE D 342 0.20 11.49 6.38
C PHE D 342 0.50 12.56 7.42
N CYS D 343 1.28 12.22 8.46
CA CYS D 343 1.47 13.11 9.58
C CYS D 343 2.32 14.31 9.23
N SER D 344 3.08 14.24 8.14
CA SER D 344 3.82 15.40 7.66
C SER D 344 2.93 16.38 6.95
N ALA D 345 1.89 15.91 6.27
CA ALA D 345 1.01 16.79 5.52
C ALA D 345 0.05 17.53 6.44
N VAL D 346 -0.25 16.96 7.60
CA VAL D 346 -1.10 17.63 8.58
C VAL D 346 -0.30 18.60 9.43
N ALA D 347 1.00 18.39 9.54
CA ALA D 347 1.88 19.33 10.23
C ALA D 347 2.40 20.45 9.33
N SER D 348 2.23 20.34 8.01
CA SER D 348 2.48 21.48 7.14
C SER D 348 1.37 22.52 7.25
N TYR D 349 0.14 22.08 7.53
CA TYR D 349 -0.95 23.03 7.68
C TYR D 349 -0.96 23.65 9.06
N ALA D 350 -0.68 22.87 10.10
CA ALA D 350 -0.71 23.37 11.47
C ALA D 350 0.45 24.30 11.77
N GLN D 351 1.47 24.31 10.92
CA GLN D 351 2.60 25.21 11.06
C GLN D 351 2.27 26.61 10.58
N GLU D 352 1.54 26.70 9.47
CA GLU D 352 0.99 27.96 8.99
C GLU D 352 0.01 28.56 9.99
N CYS D 353 -0.73 27.72 10.69
CA CYS D 353 -1.72 28.20 11.65
C CYS D 353 -1.06 28.86 12.85
N THR D 354 0.04 28.29 13.33
CA THR D 354 0.83 28.90 14.40
C THR D 354 1.46 30.20 13.94
N LYS D 355 1.96 30.21 12.72
CA LYS D 355 2.63 31.37 12.14
C LYS D 355 1.69 32.55 11.95
N GLU D 356 0.38 32.29 11.83
CA GLU D 356 -0.62 33.33 11.65
C GLU D 356 -1.37 33.68 12.93
N GLY D 357 -1.12 32.97 14.01
CA GLY D 357 -1.68 33.31 15.30
C GLY D 357 -2.70 32.36 15.89
N ALA D 358 -2.76 31.11 15.44
CA ALA D 358 -3.73 30.13 15.93
C ALA D 358 -3.00 28.85 16.29
N CYS D 359 -2.79 28.62 17.59
CA CYS D 359 -2.16 27.41 18.07
C CYS D 359 -3.22 26.33 18.20
N VAL D 360 -3.08 25.26 17.42
CA VAL D 360 -4.01 24.14 17.45
C VAL D 360 -3.25 22.90 17.94
N PHE D 361 -3.90 22.14 18.80
CA PHE D 361 -3.35 20.92 19.39
C PHE D 361 -4.13 19.77 18.78
N TRP D 362 -3.53 19.11 17.80
CA TRP D 362 -4.23 18.15 16.97
C TRP D 362 -3.80 16.70 17.17
N ARG D 363 -2.66 16.45 17.79
CA ARG D 363 -2.15 15.10 17.95
C ARG D 363 -2.80 14.44 19.16
N THR D 364 -3.08 13.15 19.04
CA THR D 364 -3.63 12.31 20.10
C THR D 364 -2.77 11.06 20.17
N PRO D 365 -2.96 10.19 21.18
CA PRO D 365 -2.21 8.92 21.16
C PRO D 365 -2.60 7.96 20.06
N ASP D 366 -3.72 8.18 19.37
CA ASP D 366 -4.09 7.34 18.24
C ASP D 366 -3.79 7.98 16.90
N LEU D 367 -3.76 9.30 16.83
CA LEU D 367 -3.48 10.03 15.60
C LEU D 367 -2.16 10.78 15.75
N CYS D 368 -1.14 10.28 15.06
CA CYS D 368 0.21 10.83 14.94
C CYS D 368 0.88 11.09 16.28
N PRO D 369 1.16 10.08 17.10
CA PRO D 369 1.70 10.35 18.44
C PRO D 369 3.14 10.79 18.39
N ILE D 370 3.55 11.47 19.45
CA ILE D 370 4.90 12.02 19.54
C ILE D 370 5.47 11.59 20.88
N PHE D 371 6.78 11.39 20.95
CA PHE D 371 7.39 10.72 22.10
C PHE D 371 8.49 11.59 22.65
N CYS D 372 8.10 12.51 23.53
CA CYS D 372 9.00 13.53 24.06
C CYS D 372 9.56 13.20 25.42
N ASP D 373 8.99 12.25 26.14
CA ASP D 373 9.60 11.82 27.38
C ASP D 373 10.64 10.73 27.17
N TYR D 374 10.98 10.45 25.91
CA TYR D 374 12.15 9.64 25.59
C TYR D 374 13.42 10.34 26.03
N TYR D 375 13.45 11.67 25.95
CA TYR D 375 14.65 12.44 26.16
C TYR D 375 14.88 12.82 27.61
N ASN D 376 14.01 12.41 28.50
CA ASN D 376 14.16 12.84 29.87
C ASN D 376 15.27 12.06 30.55
N PRO D 377 16.03 12.69 31.44
CA PRO D 377 16.78 11.92 32.44
C PRO D 377 15.82 11.12 33.28
N PRO D 378 16.19 9.85 33.62
CA PRO D 378 15.24 8.71 33.63
C PRO D 378 13.80 8.96 34.03
N HIS D 379 13.54 9.67 35.13
CA HIS D 379 12.17 10.05 35.45
C HIS D 379 12.05 11.48 35.97
N GLU D 380 13.05 12.32 35.71
CA GLU D 380 12.92 13.76 35.91
C GLU D 380 12.42 14.36 34.62
N CYS D 381 11.31 15.07 34.68
CA CYS D 381 10.48 15.33 33.52
C CYS D 381 10.69 16.77 33.08
N GLU D 382 11.57 16.97 32.10
CA GLU D 382 11.86 18.31 31.60
C GLU D 382 11.47 18.52 30.14
N TRP D 383 11.55 17.51 29.29
CA TRP D 383 11.21 17.65 27.87
C TRP D 383 9.71 17.52 27.70
N HIS D 384 9.06 18.60 27.31
CA HIS D 384 7.62 18.63 27.10
C HIS D 384 7.33 18.85 25.63
N TYR D 385 6.21 18.33 25.16
CA TYR D 385 5.76 18.64 23.81
C TYR D 385 5.11 20.00 23.79
N GLU D 386 5.78 20.96 23.17
CA GLU D 386 5.20 22.27 22.95
C GLU D 386 4.61 22.29 21.56
N PRO D 387 3.27 22.35 21.42
CA PRO D 387 2.66 22.12 20.10
C PRO D 387 2.84 23.26 19.14
N CYS D 388 3.20 24.44 19.61
CA CYS D 388 3.38 25.58 18.75
C CYS D 388 4.62 26.42 19.11
N GLY D 389 5.61 25.80 19.77
CA GLY D 389 6.96 26.31 19.85
C GLY D 389 7.18 27.53 20.73
N ASN D 390 6.14 28.28 21.09
CA ASN D 390 6.28 29.66 21.58
C ASN D 390 6.81 29.64 23.00
N ARG D 391 8.13 29.47 23.11
CA ARG D 391 8.80 29.59 24.39
C ARG D 391 10.22 30.05 24.15
N SER D 392 10.67 31.05 24.92
CA SER D 392 11.97 31.67 24.75
C SER D 392 12.78 31.45 26.02
N PHE D 393 13.59 30.41 26.01
CA PHE D 393 14.47 30.06 27.12
C PHE D 393 15.92 30.37 26.77
N GLU D 394 16.78 30.26 27.76
CA GLU D 394 18.17 30.65 27.63
C GLU D 394 19.00 29.44 27.19
N THR D 395 19.64 29.55 26.04
CA THR D 395 20.61 28.55 25.62
C THR D 395 21.98 29.01 26.09
N CYS D 396 23.05 28.36 25.63
CA CYS D 396 24.38 28.87 25.96
C CYS D 396 24.99 29.62 24.78
N ARG D 397 24.26 29.71 23.66
CA ARG D 397 24.60 30.69 22.64
C ARG D 397 24.10 32.07 23.04
N THR D 398 22.79 32.19 23.29
CA THR D 398 22.17 33.49 23.53
C THR D 398 22.53 34.09 24.88
N ILE D 399 23.23 33.37 25.75
CA ILE D 399 23.76 33.98 26.96
C ILE D 399 25.02 34.76 26.64
N ASN D 400 25.63 34.52 25.47
CA ASN D 400 26.81 35.24 25.00
C ASN D 400 26.50 36.08 23.78
N GLY D 401 25.29 36.65 23.73
CA GLY D 401 24.90 37.61 22.72
C GLY D 401 24.46 37.05 21.39
N ILE D 402 24.76 35.79 21.08
CA ILE D 402 24.58 35.24 19.74
C ILE D 402 23.09 35.04 19.46
N HIS D 403 22.58 35.74 18.46
CA HIS D 403 21.17 35.70 18.11
C HIS D 403 21.02 35.47 16.61
N SER D 404 19.88 34.90 16.23
CA SER D 404 19.56 34.65 14.84
C SER D 404 18.91 35.87 14.21
N ASN D 405 18.69 35.78 12.89
CA ASN D 405 18.10 36.88 12.13
C ASN D 405 16.64 36.67 11.76
N ILE D 406 16.08 35.48 11.99
CA ILE D 406 14.66 35.25 11.83
C ILE D 406 14.10 34.68 13.13
N SER D 407 12.78 34.52 13.14
CA SER D 407 12.05 34.00 14.29
C SER D 407 11.61 32.58 13.97
N VAL D 408 12.21 31.61 14.64
CA VAL D 408 11.92 30.20 14.42
C VAL D 408 11.11 29.65 15.58
N SER D 409 10.37 30.52 16.26
CA SER D 409 9.60 30.13 17.43
C SER D 409 8.20 29.67 17.07
N TYR D 410 8.02 29.07 15.90
CA TYR D 410 6.74 28.48 15.51
C TYR D 410 6.92 27.03 15.10
N LEU D 411 8.09 26.46 15.32
CA LEU D 411 8.41 25.12 14.83
C LEU D 411 8.04 24.10 15.91
N GLU D 412 7.13 23.19 15.54
CA GLU D 412 6.67 22.10 16.39
C GLU D 412 7.81 21.20 16.85
N GLY D 413 7.77 20.78 18.10
CA GLY D 413 8.69 19.76 18.57
C GLY D 413 8.76 19.72 20.07
N CYS D 414 9.73 18.97 20.56
CA CYS D 414 9.93 18.75 21.98
C CYS D 414 10.92 19.80 22.49
N TYR D 415 10.54 20.53 23.54
CA TYR D 415 11.42 21.58 24.03
C TYR D 415 11.76 21.40 25.50
N PRO D 416 12.96 21.77 25.93
CA PRO D 416 13.33 21.64 27.35
C PRO D 416 12.68 22.68 28.24
N ARG D 417 12.65 22.38 29.52
CA ARG D 417 12.18 23.30 30.55
C ARG D 417 13.11 23.16 31.77
N CYS D 418 14.43 23.38 31.53
CA CYS D 418 15.57 23.23 32.44
C CYS D 418 15.32 23.72 33.87
N PRO D 419 15.85 23.00 34.90
CA PRO D 419 15.51 23.34 36.29
C PRO D 419 16.25 24.57 36.82
N LYS D 420 16.08 24.88 38.10
CA LYS D 420 16.61 26.11 38.69
C LYS D 420 17.90 25.87 39.47
N ASP D 421 18.63 24.81 39.14
CA ASP D 421 20.01 24.66 39.59
C ASP D 421 21.00 24.60 38.44
N ARG D 422 20.51 24.62 37.20
CA ARG D 422 21.28 24.66 35.95
C ARG D 422 20.44 25.14 34.77
N PRO D 423 19.95 26.40 34.76
CA PRO D 423 18.91 26.78 33.81
C PRO D 423 19.39 27.22 32.43
N ILE D 424 20.38 26.56 31.85
CA ILE D 424 20.98 26.96 30.59
C ILE D 424 21.08 25.73 29.69
N TYR D 425 20.39 25.75 28.56
CA TYR D 425 20.30 24.59 27.69
C TYR D 425 21.41 24.59 26.65
N GLU D 426 22.34 23.65 26.78
CA GLU D 426 23.41 23.49 25.80
C GLU D 426 22.92 22.58 24.69
N GLU D 427 22.90 23.09 23.46
CA GLU D 427 22.11 22.49 22.40
C GLU D 427 22.78 21.29 21.73
N ASP D 428 24.11 21.26 21.62
CA ASP D 428 24.72 20.21 20.82
C ASP D 428 24.84 18.88 21.55
N LEU D 429 24.38 18.78 22.79
CA LEU D 429 24.32 17.50 23.49
C LEU D 429 22.95 17.21 24.08
N LYS D 430 21.99 18.13 23.95
CA LYS D 430 20.64 18.04 24.52
C LYS D 430 20.69 17.85 26.03
N LYS D 431 21.45 18.71 26.70
CA LYS D 431 21.60 18.66 28.15
C LYS D 431 21.41 20.05 28.73
N CYS D 432 20.77 20.13 29.90
CA CYS D 432 20.71 21.36 30.66
C CYS D 432 21.95 21.45 31.52
N VAL D 433 22.68 22.56 31.42
CA VAL D 433 23.94 22.71 32.12
C VAL D 433 23.94 24.03 32.90
N THR D 434 24.86 24.11 33.85
CA THR D 434 25.15 25.37 34.53
C THR D 434 25.79 26.32 33.51
N ALA D 435 25.54 27.62 33.68
CA ALA D 435 25.96 28.66 32.74
C ALA D 435 27.47 28.74 32.52
N ASP D 436 28.28 28.15 33.40
CA ASP D 436 29.73 28.14 33.24
C ASP D 436 30.21 26.98 32.36
N LYS D 437 29.69 25.79 32.61
CA LYS D 437 30.21 24.56 31.99
C LYS D 437 29.34 24.13 30.82
N CYS D 438 29.35 24.90 29.73
CA CYS D 438 28.63 24.46 28.55
C CYS D 438 29.57 24.07 27.41
N GLY D 439 30.39 24.99 26.91
CA GLY D 439 31.23 24.63 25.77
C GLY D 439 31.91 25.86 25.17
N CYS D 440 32.38 25.67 23.93
CA CYS D 440 33.27 26.62 23.27
C CYS D 440 32.70 27.23 22.00
N TYR D 441 32.20 26.42 21.06
CA TYR D 441 31.58 26.85 19.79
C TYR D 441 32.57 27.66 18.92
N VAL D 442 33.60 26.98 18.45
CA VAL D 442 34.52 27.54 17.46
C VAL D 442 34.50 26.66 16.21
N GLU D 443 34.40 27.32 15.04
CA GLU D 443 34.42 26.69 13.71
C GLU D 443 33.30 25.66 13.56
N ASP D 444 32.15 25.99 14.16
CA ASP D 444 30.91 25.21 14.16
C ASP D 444 31.14 23.78 14.68
N THR D 445 31.70 23.71 15.88
CA THR D 445 31.97 22.43 16.53
C THR D 445 31.91 22.66 18.03
N HIS D 446 31.21 21.79 18.75
CA HIS D 446 31.09 21.90 20.19
C HIS D 446 32.30 21.27 20.87
N TYR D 447 32.99 22.05 21.69
CA TYR D 447 34.14 21.57 22.46
C TYR D 447 33.84 21.71 23.95
N PRO D 448 33.75 20.61 24.71
CA PRO D 448 33.41 20.66 26.14
C PRO D 448 34.53 21.24 27.02
N CYS E 105 -13.40 -38.64 -21.05
CA CYS E 105 -12.61 -37.70 -20.27
C CYS E 105 -12.90 -36.27 -20.69
N CYS E 106 -13.91 -35.66 -20.05
CA CYS E 106 -14.37 -34.31 -20.34
C CYS E 106 -14.55 -33.53 -19.05
N LEU E 107 -13.51 -33.53 -18.21
CA LEU E 107 -13.56 -32.89 -16.90
C LEU E 107 -13.61 -31.36 -17.02
N TRP E 108 -14.33 -30.75 -16.08
CA TRP E 108 -14.37 -29.29 -15.97
C TRP E 108 -13.04 -28.75 -15.49
N SER E 109 -12.79 -27.48 -15.81
CA SER E 109 -11.59 -26.81 -15.34
C SER E 109 -11.82 -26.26 -13.94
N ASP E 110 -10.90 -25.42 -13.48
CA ASP E 110 -11.05 -24.76 -12.20
C ASP E 110 -11.75 -23.42 -12.42
N TRP E 111 -11.83 -22.61 -11.37
CA TRP E 111 -12.35 -21.26 -11.51
C TRP E 111 -11.19 -20.31 -11.77
N ILE E 112 -11.36 -19.42 -12.74
CA ILE E 112 -10.32 -18.51 -13.19
C ILE E 112 -10.77 -17.09 -12.87
N ASN E 113 -10.15 -16.50 -11.87
CA ASN E 113 -10.37 -15.09 -11.51
C ASN E 113 -9.03 -14.39 -11.71
N GLU E 114 -8.76 -13.96 -12.93
CA GLU E 114 -7.47 -13.36 -13.27
C GLU E 114 -7.60 -11.88 -13.62
N ASP E 115 -8.69 -11.25 -13.23
CA ASP E 115 -8.92 -9.85 -13.54
C ASP E 115 -9.87 -9.29 -12.49
N HIS E 116 -9.87 -7.97 -12.34
CA HIS E 116 -10.65 -7.31 -11.32
C HIS E 116 -11.20 -6.01 -11.87
N PRO E 117 -12.31 -5.51 -11.31
CA PRO E 117 -12.81 -4.19 -11.73
C PRO E 117 -11.98 -3.05 -11.19
N SER E 118 -11.47 -3.16 -9.96
CA SER E 118 -10.68 -2.11 -9.33
C SER E 118 -9.19 -2.27 -9.59
N SER E 119 -8.81 -2.97 -10.66
CA SER E 119 -7.42 -3.12 -11.08
C SER E 119 -7.43 -3.43 -12.57
N GLY E 120 -6.24 -3.59 -13.13
CA GLY E 120 -6.10 -3.82 -14.55
C GLY E 120 -6.21 -2.54 -15.34
N SER E 121 -6.30 -2.70 -16.67
CA SER E 121 -6.42 -1.55 -17.55
C SER E 121 -7.39 -1.78 -18.70
N ASP E 122 -8.20 -2.83 -18.67
CA ASP E 122 -9.16 -3.09 -19.73
C ASP E 122 -10.53 -2.47 -19.49
N ASP E 123 -10.64 -1.63 -18.46
CA ASP E 123 -11.83 -0.82 -18.15
C ASP E 123 -13.05 -1.70 -17.88
N GLY E 124 -12.86 -2.74 -17.07
CA GLY E 124 -13.93 -3.68 -16.81
C GLY E 124 -13.44 -4.99 -16.24
N ASP E 125 -13.91 -6.10 -16.80
CA ASP E 125 -13.52 -7.42 -16.30
C ASP E 125 -13.60 -8.39 -17.48
N ARG E 126 -12.48 -9.01 -17.81
CA ARG E 126 -12.41 -9.94 -18.93
C ARG E 126 -11.62 -11.17 -18.53
N GLU E 127 -12.22 -12.35 -18.71
CA GLU E 127 -11.62 -13.62 -18.32
C GLU E 127 -11.56 -14.53 -19.53
N THR E 128 -10.35 -14.91 -19.92
CA THR E 128 -10.13 -15.77 -21.07
C THR E 128 -9.46 -17.06 -20.64
N PHE E 129 -9.56 -18.06 -21.51
CA PHE E 129 -9.18 -19.43 -21.20
C PHE E 129 -7.84 -19.84 -21.79
N ASP E 130 -6.98 -18.87 -22.13
CA ASP E 130 -5.68 -19.19 -22.69
C ASP E 130 -4.74 -19.71 -21.61
N GLY E 131 -3.85 -20.61 -22.00
CA GLY E 131 -2.99 -21.30 -21.06
C GLY E 131 -3.59 -22.53 -20.45
N VAL E 132 -4.85 -22.83 -20.72
CA VAL E 132 -5.53 -24.01 -20.20
C VAL E 132 -6.04 -24.90 -21.34
N CYS E 133 -6.74 -24.31 -22.31
CA CYS E 133 -7.42 -25.09 -23.33
C CYS E 133 -7.51 -24.27 -24.61
N GLY E 134 -7.69 -24.96 -25.72
CA GLY E 134 -7.74 -24.31 -27.01
C GLY E 134 -9.15 -24.01 -27.52
N ALA E 135 -10.00 -25.03 -27.54
CA ALA E 135 -11.37 -24.90 -28.04
C ALA E 135 -12.32 -25.61 -27.08
N PRO E 136 -12.98 -24.89 -26.19
CA PRO E 136 -13.80 -25.52 -25.16
C PRO E 136 -15.11 -26.05 -25.72
N GLU E 137 -15.84 -26.74 -24.83
CA GLU E 137 -17.17 -27.24 -25.12
C GLU E 137 -18.26 -26.42 -24.43
N ASP E 138 -18.01 -25.99 -23.19
CA ASP E 138 -19.00 -25.26 -22.41
C ASP E 138 -18.26 -24.25 -21.55
N ILE E 139 -18.98 -23.23 -21.11
CA ILE E 139 -18.43 -22.19 -20.25
C ILE E 139 -19.48 -21.83 -19.20
N GLU E 140 -19.01 -21.59 -17.98
CA GLU E 140 -19.86 -21.25 -16.84
C GLU E 140 -19.48 -19.87 -16.35
N CYS E 141 -20.48 -19.02 -16.07
CA CYS E 141 -20.27 -17.59 -15.94
C CYS E 141 -20.89 -17.14 -14.61
N ARG E 142 -20.08 -17.03 -13.56
CA ARG E 142 -20.58 -16.73 -12.22
C ARG E 142 -19.80 -15.59 -11.60
N SER E 143 -20.24 -15.19 -10.41
CA SER E 143 -19.64 -14.08 -9.67
C SER E 143 -18.86 -14.61 -8.48
N VAL E 144 -17.94 -13.78 -7.99
CA VAL E 144 -17.03 -14.20 -6.94
C VAL E 144 -17.73 -14.19 -5.59
N LYS E 145 -18.30 -13.04 -5.21
CA LYS E 145 -18.79 -12.83 -3.85
C LYS E 145 -20.24 -13.21 -3.65
N ASP E 146 -20.91 -13.80 -4.66
CA ASP E 146 -22.21 -14.42 -4.46
C ASP E 146 -22.46 -15.39 -5.62
N PRO E 147 -21.89 -16.60 -5.59
CA PRO E 147 -21.79 -17.41 -6.81
C PRO E 147 -23.01 -18.24 -7.17
N HIS E 148 -24.19 -18.04 -6.58
CA HIS E 148 -25.36 -18.79 -7.05
C HIS E 148 -26.26 -17.96 -7.94
N LEU E 149 -25.98 -16.67 -8.11
CA LEU E 149 -26.80 -15.81 -8.94
C LEU E 149 -26.52 -16.06 -10.41
N SER E 150 -27.56 -16.09 -11.22
CA SER E 150 -27.39 -16.18 -12.65
C SER E 150 -26.90 -14.83 -13.20
N LEU E 151 -26.59 -14.82 -14.50
CA LEU E 151 -26.20 -13.56 -15.13
C LEU E 151 -27.38 -12.63 -15.36
N GLU E 152 -28.60 -13.13 -15.31
CA GLU E 152 -29.79 -12.30 -15.42
C GLU E 152 -30.25 -11.75 -14.09
N GLN E 153 -29.66 -12.21 -12.99
CA GLN E 153 -29.98 -11.70 -11.67
C GLN E 153 -28.95 -10.71 -11.17
N HIS E 154 -27.87 -10.50 -11.92
CA HIS E 154 -26.96 -9.39 -11.65
C HIS E 154 -27.40 -8.09 -12.29
N GLY E 155 -28.09 -8.14 -13.42
CA GLY E 155 -28.57 -6.95 -14.09
C GLY E 155 -27.55 -6.25 -14.96
N GLN E 156 -26.26 -6.54 -14.78
CA GLN E 156 -25.26 -6.00 -15.67
C GLN E 156 -25.32 -6.70 -17.02
N LYS E 157 -24.90 -6.00 -18.07
CA LYS E 157 -24.93 -6.53 -19.42
C LYS E 157 -23.53 -7.00 -19.80
N VAL E 158 -23.41 -8.30 -20.04
CA VAL E 158 -22.14 -8.94 -20.37
C VAL E 158 -22.35 -9.83 -21.58
N GLN E 159 -21.24 -10.34 -22.12
CA GLN E 159 -21.27 -11.45 -23.05
C GLN E 159 -20.31 -12.52 -22.52
N CYS E 160 -20.77 -13.77 -22.55
CA CYS E 160 -19.97 -14.84 -21.96
C CYS E 160 -20.27 -16.11 -22.76
N ASP E 161 -19.43 -16.37 -23.76
CA ASP E 161 -19.62 -17.47 -24.69
C ASP E 161 -18.33 -18.28 -24.81
N VAL E 162 -18.40 -19.39 -25.54
CA VAL E 162 -17.27 -20.31 -25.67
C VAL E 162 -16.23 -19.83 -26.67
N SER E 163 -16.53 -18.80 -27.46
CA SER E 163 -15.62 -18.37 -28.52
C SER E 163 -14.46 -17.56 -27.94
N VAL E 164 -14.76 -16.44 -27.30
CA VAL E 164 -13.75 -15.50 -26.86
C VAL E 164 -13.59 -15.46 -25.33
N GLY E 165 -14.65 -15.78 -24.58
CA GLY E 165 -14.53 -15.78 -23.13
C GLY E 165 -15.59 -14.93 -22.44
N PHE E 166 -15.15 -13.99 -21.60
CA PHE E 166 -16.03 -13.12 -20.84
C PHE E 166 -15.62 -11.68 -21.07
N ILE E 167 -16.61 -10.80 -21.27
CA ILE E 167 -16.37 -9.37 -21.48
C ILE E 167 -17.36 -8.58 -20.64
N CYS E 168 -16.85 -7.71 -19.76
CA CYS E 168 -17.63 -6.70 -19.09
C CYS E 168 -16.94 -5.36 -19.31
N LYS E 169 -17.70 -4.35 -19.69
CA LYS E 169 -17.17 -3.02 -19.96
C LYS E 169 -17.83 -2.03 -19.02
N ASN E 170 -17.02 -1.22 -18.33
CA ASN E 170 -17.58 -0.25 -17.35
C ASN E 170 -18.43 0.82 -18.01
N GLU E 171 -18.19 1.11 -19.29
CA GLU E 171 -19.01 2.10 -19.96
C GLU E 171 -20.41 1.59 -20.25
N ASP E 172 -20.59 0.27 -20.32
CA ASP E 172 -21.91 -0.30 -20.54
C ASP E 172 -22.77 -0.30 -19.30
N GLN E 173 -22.18 -0.14 -18.12
CA GLN E 173 -22.90 -0.14 -16.86
C GLN E 173 -23.26 1.26 -16.38
N PHE E 174 -23.30 2.23 -17.28
CA PHE E 174 -23.77 3.56 -16.91
C PHE E 174 -25.29 3.57 -16.87
N GLY E 175 -25.83 4.22 -15.85
CA GLY E 175 -27.27 4.37 -15.72
C GLY E 175 -28.00 3.16 -15.18
N ASN E 176 -27.28 2.12 -14.79
CA ASN E 176 -27.90 0.88 -14.32
C ASN E 176 -28.12 0.92 -12.82
N GLY E 177 -27.04 1.06 -12.06
CA GLY E 177 -27.15 1.32 -10.65
C GLY E 177 -26.65 2.71 -10.33
N PRO E 178 -26.41 3.01 -9.05
CA PRO E 178 -25.79 4.28 -8.68
C PRO E 178 -24.27 4.25 -8.67
N PHE E 179 -23.64 3.09 -8.89
CA PHE E 179 -22.19 2.98 -8.77
C PHE E 179 -21.49 2.91 -10.11
N GLY E 180 -22.04 2.15 -11.06
CA GLY E 180 -21.49 2.07 -12.40
C GLY E 180 -20.14 1.39 -12.51
N LEU E 181 -20.06 0.15 -12.03
CA LEU E 181 -18.83 -0.63 -12.10
C LEU E 181 -19.21 -2.08 -12.38
N CYS E 182 -18.29 -2.82 -12.99
CA CYS E 182 -18.50 -4.25 -13.14
C CYS E 182 -18.37 -4.93 -11.79
N TYR E 183 -19.06 -6.06 -11.65
CA TYR E 183 -18.88 -6.92 -10.50
C TYR E 183 -17.67 -7.81 -10.76
N ASP E 184 -17.29 -8.61 -9.79
CA ASP E 184 -16.12 -9.45 -9.90
C ASP E 184 -16.57 -10.84 -10.32
N TYR E 185 -16.14 -11.29 -11.49
CA TYR E 185 -16.61 -12.51 -12.11
C TYR E 185 -15.49 -13.54 -12.18
N LYS E 186 -15.88 -14.79 -12.46
CA LYS E 186 -14.98 -15.91 -12.58
C LYS E 186 -15.63 -16.95 -13.47
N ILE E 187 -14.81 -17.78 -14.14
CA ILE E 187 -15.31 -18.72 -15.15
C ILE E 187 -14.66 -20.10 -15.01
N ARG E 188 -15.41 -21.10 -15.49
CA ARG E 188 -14.93 -22.44 -15.82
C ARG E 188 -15.04 -22.66 -17.32
N VAL E 189 -14.24 -23.60 -17.82
CA VAL E 189 -14.35 -24.10 -19.18
C VAL E 189 -14.38 -25.62 -19.15
N ASN E 190 -15.04 -26.20 -20.14
CA ASN E 190 -15.15 -27.64 -20.27
C ASN E 190 -14.41 -28.07 -21.54
N CYS E 191 -13.43 -28.95 -21.37
CA CYS E 191 -12.63 -29.43 -22.49
C CYS E 191 -12.46 -30.94 -22.37
N CYS E 192 -12.48 -31.62 -23.51
CA CYS E 192 -12.38 -33.07 -23.55
C CYS E 192 -10.98 -33.49 -23.96
N TRP E 193 -10.46 -34.51 -23.27
CA TRP E 193 -9.13 -35.06 -23.49
C TRP E 193 -9.23 -36.51 -23.97
N PRO E 194 -8.33 -36.94 -24.86
CA PRO E 194 -8.33 -38.34 -25.30
C PRO E 194 -7.75 -39.28 -24.24
N CYS F 105 -0.77 9.58 -44.98
CA CYS F 105 -1.11 9.61 -43.55
C CYS F 105 -0.75 8.28 -42.90
N CYS F 106 0.49 8.17 -42.42
CA CYS F 106 1.04 6.96 -41.81
C CYS F 106 1.77 7.32 -40.52
N LEU F 107 1.10 8.06 -39.65
CA LEU F 107 1.71 8.55 -38.41
C LEU F 107 1.95 7.42 -37.42
N TRP F 108 3.02 7.55 -36.65
CA TRP F 108 3.33 6.62 -35.57
C TRP F 108 2.35 6.79 -34.41
N SER F 109 2.19 5.73 -33.63
CA SER F 109 1.34 5.79 -32.45
C SER F 109 2.13 6.36 -31.28
N ASP F 110 1.57 6.26 -30.09
CA ASP F 110 2.24 6.69 -28.88
C ASP F 110 3.02 5.50 -28.30
N TRP F 111 3.58 5.68 -27.11
CA TRP F 111 4.22 4.58 -26.41
C TRP F 111 3.20 3.91 -25.51
N ILE F 112 3.16 2.58 -25.53
CA ILE F 112 2.18 1.79 -24.80
C ILE F 112 2.92 0.98 -23.76
N ASN F 113 2.79 1.38 -22.49
CA ASN F 113 3.32 0.62 -21.36
C ASN F 113 2.12 0.21 -20.52
N GLU F 114 1.51 -0.91 -20.87
CA GLU F 114 0.30 -1.37 -20.22
C GLU F 114 0.51 -2.65 -19.42
N ASP F 115 1.76 -2.98 -19.11
CA ASP F 115 2.08 -4.20 -18.39
C ASP F 115 3.41 -3.98 -17.67
N HIS F 116 3.66 -4.77 -16.64
CA HIS F 116 4.83 -4.63 -15.81
C HIS F 116 5.36 -6.00 -15.42
N PRO F 117 6.65 -6.11 -15.12
CA PRO F 117 7.16 -7.39 -14.60
C PRO F 117 6.76 -7.67 -13.17
N SER F 118 6.70 -6.64 -12.32
CA SER F 118 6.34 -6.80 -10.92
C SER F 118 4.85 -6.64 -10.68
N SER F 119 4.02 -6.86 -11.70
CA SER F 119 2.57 -6.85 -11.58
C SER F 119 2.01 -7.68 -12.72
N GLY F 120 0.69 -7.79 -12.76
CA GLY F 120 0.04 -8.62 -13.75
C GLY F 120 0.04 -10.08 -13.36
N SER F 121 -0.35 -10.92 -14.32
CA SER F 121 -0.37 -12.35 -14.08
C SER F 121 0.10 -13.18 -15.29
N ASP F 122 0.70 -12.55 -16.30
CA ASP F 122 1.19 -13.27 -17.47
C ASP F 122 2.63 -13.73 -17.35
N ASP F 123 3.22 -13.60 -16.15
CA ASP F 123 4.56 -14.12 -15.80
C ASP F 123 5.64 -13.50 -16.68
N GLY F 124 5.58 -12.18 -16.86
CA GLY F 124 6.52 -11.51 -17.74
C GLY F 124 6.07 -10.13 -18.16
N ASP F 125 6.14 -9.84 -19.46
CA ASP F 125 5.75 -8.53 -19.96
C ASP F 125 5.27 -8.70 -21.38
N ARG F 126 4.02 -8.34 -21.65
CA ARG F 126 3.42 -8.49 -22.97
C ARG F 126 2.64 -7.24 -23.32
N GLU F 127 2.96 -6.65 -24.46
CA GLU F 127 2.36 -5.40 -24.92
C GLU F 127 1.74 -5.63 -26.29
N THR F 128 0.43 -5.46 -26.38
CA THR F 128 -0.30 -5.66 -27.62
C THR F 128 -0.97 -4.35 -28.04
N PHE F 129 -1.34 -4.30 -29.32
CA PHE F 129 -1.80 -3.09 -29.97
C PHE F 129 -3.31 -3.03 -30.16
N ASP F 130 -4.06 -3.81 -29.38
CA ASP F 130 -5.52 -3.79 -29.50
C ASP F 130 -6.09 -2.52 -28.87
N GLY F 131 -7.19 -2.04 -29.45
CA GLY F 131 -7.76 -0.78 -29.06
C GLY F 131 -7.19 0.42 -29.76
N VAL F 132 -6.16 0.24 -30.58
CA VAL F 132 -5.53 1.31 -31.35
C VAL F 132 -5.59 1.04 -32.84
N CYS F 133 -5.20 -0.16 -33.25
CA CYS F 133 -5.03 -0.45 -34.67
C CYS F 133 -5.26 -1.94 -34.90
N GLY F 134 -5.59 -2.28 -36.14
CA GLY F 134 -5.88 -3.66 -36.50
C GLY F 134 -4.72 -4.43 -37.09
N ALA F 135 -4.09 -3.87 -38.12
CA ALA F 135 -2.98 -4.53 -38.81
C ALA F 135 -1.88 -3.49 -39.05
N PRO F 136 -0.85 -3.46 -38.22
CA PRO F 136 0.17 -2.41 -38.32
C PRO F 136 1.12 -2.65 -39.49
N GLU F 137 2.00 -1.66 -39.69
CA GLU F 137 3.06 -1.72 -40.67
C GLU F 137 4.42 -1.97 -40.04
N ASP F 138 4.69 -1.34 -38.90
CA ASP F 138 5.99 -1.43 -38.25
C ASP F 138 5.75 -1.40 -36.75
N ILE F 139 6.73 -1.91 -36.00
CA ILE F 139 6.68 -1.92 -34.54
C ILE F 139 8.06 -1.59 -34.01
N GLU F 140 8.10 -0.79 -32.94
CA GLU F 140 9.33 -0.37 -32.29
C GLU F 140 9.35 -0.91 -30.88
N CYS F 141 10.51 -1.44 -30.46
CA CYS F 141 10.58 -2.30 -29.28
C CYS F 141 11.68 -1.77 -28.37
N ARG F 142 11.30 -0.98 -27.36
CA ARG F 142 12.28 -0.30 -26.50
C ARG F 142 11.95 -0.53 -25.03
N SER F 143 12.83 -0.02 -24.17
CA SER F 143 12.70 -0.16 -22.72
C SER F 143 12.30 1.16 -22.10
N VAL F 144 11.75 1.08 -20.90
CA VAL F 144 11.21 2.25 -20.24
C VAL F 144 12.32 3.09 -19.63
N LYS F 145 13.15 2.48 -18.79
CA LYS F 145 14.11 3.23 -17.97
C LYS F 145 15.46 3.41 -18.62
N ASP F 146 15.65 3.00 -19.88
CA ASP F 146 16.82 3.37 -20.66
C ASP F 146 16.51 3.18 -22.14
N PRO F 147 15.81 4.12 -22.78
CA PRO F 147 15.17 3.82 -24.07
C PRO F 147 16.05 3.95 -25.31
N HIS F 148 17.38 4.05 -25.22
CA HIS F 148 18.18 4.06 -26.44
C HIS F 148 18.83 2.72 -26.71
N LEU F 149 18.71 1.76 -25.80
CA LEU F 149 19.32 0.45 -25.98
C LEU F 149 18.51 -0.38 -26.96
N SER F 150 19.19 -1.09 -27.84
CA SER F 150 18.52 -2.03 -28.72
C SER F 150 18.08 -3.26 -27.94
N LEU F 151 17.35 -4.15 -28.62
CA LEU F 151 16.96 -5.40 -27.97
C LEU F 151 18.11 -6.38 -27.86
N GLU F 152 19.19 -6.20 -28.61
CA GLU F 152 20.38 -7.03 -28.50
C GLU F 152 21.35 -6.53 -27.45
N GLN F 153 21.11 -5.33 -26.90
CA GLN F 153 21.94 -4.81 -25.84
C GLN F 153 21.31 -4.97 -24.47
N HIS F 154 20.09 -5.48 -24.41
CA HIS F 154 19.51 -5.92 -23.15
C HIS F 154 19.89 -7.33 -22.76
N GLY F 155 20.13 -8.21 -23.73
CA GLY F 155 20.52 -9.57 -23.46
C GLY F 155 19.38 -10.51 -23.15
N GLN F 156 18.21 -9.99 -22.79
CA GLN F 156 17.05 -10.84 -22.61
C GLN F 156 16.54 -11.32 -23.96
N LYS F 157 15.89 -12.49 -23.96
CA LYS F 157 15.37 -13.08 -25.17
C LYS F 157 13.87 -12.83 -25.27
N VAL F 158 13.48 -12.08 -26.30
CA VAL F 158 12.09 -11.68 -26.50
C VAL F 158 11.74 -11.95 -27.95
N GLN F 159 10.45 -11.83 -28.26
CA GLN F 159 9.98 -11.72 -29.63
C GLN F 159 9.11 -10.47 -29.74
N CYS F 160 9.33 -9.70 -30.79
CA CYS F 160 8.63 -8.42 -30.91
C CYS F 160 8.43 -8.16 -32.41
N ASP F 161 7.26 -8.56 -32.90
CA ASP F 161 6.93 -8.50 -34.32
C ASP F 161 5.58 -7.85 -34.53
N VAL F 162 5.23 -7.61 -35.80
CA VAL F 162 4.00 -6.91 -36.14
C VAL F 162 2.76 -7.79 -36.05
N SER F 163 2.93 -9.10 -35.91
CA SER F 163 1.79 -10.01 -35.93
C SER F 163 1.03 -9.98 -34.61
N VAL F 164 1.70 -10.30 -33.51
CA VAL F 164 1.04 -10.47 -32.22
C VAL F 164 1.44 -9.41 -31.21
N GLY F 165 2.64 -8.83 -31.32
CA GLY F 165 3.05 -7.77 -30.41
C GLY F 165 4.39 -8.03 -29.75
N PHE F 166 4.42 -8.01 -28.42
CA PHE F 166 5.64 -8.21 -27.65
C PHE F 166 5.41 -9.31 -26.62
N ILE F 167 6.39 -10.20 -26.46
CA ILE F 167 6.31 -11.29 -25.50
C ILE F 167 7.64 -11.40 -24.76
N CYS F 168 7.59 -11.28 -23.43
CA CYS F 168 8.72 -11.62 -22.57
C CYS F 168 8.18 -12.58 -21.51
N LYS F 169 8.90 -13.67 -21.29
CA LYS F 169 8.52 -14.71 -20.34
C LYS F 169 9.61 -14.84 -19.29
N ASN F 170 9.24 -14.75 -18.01
CA ASN F 170 10.22 -14.81 -16.93
C ASN F 170 10.95 -16.15 -16.85
N GLU F 171 10.34 -17.22 -17.34
CA GLU F 171 11.02 -18.52 -17.33
C GLU F 171 12.14 -18.57 -18.35
N ASP F 172 12.08 -17.75 -19.40
CA ASP F 172 13.13 -17.71 -20.40
C ASP F 172 14.36 -16.96 -19.93
N GLN F 173 14.25 -16.14 -18.89
CA GLN F 173 15.35 -15.36 -18.37
C GLN F 173 16.07 -16.02 -17.20
N PHE F 174 15.94 -17.34 -17.07
CA PHE F 174 16.70 -18.07 -16.07
C PHE F 174 18.12 -18.28 -16.56
N GLY F 175 19.08 -18.08 -15.67
CA GLY F 175 20.47 -18.31 -15.97
C GLY F 175 21.15 -17.21 -16.76
N ASN F 176 20.46 -16.10 -17.01
CA ASN F 176 21.01 -15.02 -17.82
C ASN F 176 21.74 -14.01 -16.94
N GLY F 177 21.03 -13.40 -16.00
CA GLY F 177 21.66 -12.60 -14.99
C GLY F 177 21.52 -13.25 -13.64
N PRO F 178 21.78 -12.51 -12.56
CA PRO F 178 21.53 -13.02 -11.21
C PRO F 178 20.12 -12.76 -10.70
N PHE F 179 19.28 -12.03 -11.43
CA PHE F 179 17.97 -11.65 -10.94
C PHE F 179 16.84 -12.45 -11.57
N GLY F 180 16.91 -12.69 -12.89
CA GLY F 180 15.92 -13.50 -13.58
C GLY F 180 14.54 -12.90 -13.65
N LEU F 181 14.44 -11.70 -14.21
CA LEU F 181 13.16 -11.02 -14.39
C LEU F 181 13.19 -10.28 -15.72
N CYS F 182 12.01 -10.06 -16.30
CA CYS F 182 11.94 -9.22 -17.48
C CYS F 182 12.18 -7.77 -17.10
N TYR F 183 12.70 -7.01 -18.05
CA TYR F 183 12.79 -5.57 -17.89
C TYR F 183 11.46 -4.96 -18.26
N ASP F 184 11.32 -3.66 -18.10
CA ASP F 184 10.06 -2.98 -18.36
C ASP F 184 10.13 -2.39 -19.77
N TYR F 185 9.25 -2.85 -20.65
CA TYR F 185 9.28 -2.52 -22.06
C TYR F 185 8.07 -1.69 -22.44
N LYS F 186 8.15 -1.09 -23.64
CA LYS F 186 7.09 -0.26 -24.20
C LYS F 186 7.23 -0.29 -25.72
N ILE F 187 6.11 -0.06 -26.42
CA ILE F 187 6.08 -0.20 -27.88
C ILE F 187 5.33 0.94 -28.55
N ARG F 188 5.70 1.17 -29.81
CA ARG F 188 4.93 1.93 -30.80
C ARG F 188 4.48 1.01 -31.92
N VAL F 189 3.42 1.42 -32.61
CA VAL F 189 2.97 0.77 -33.83
C VAL F 189 2.78 1.83 -34.90
N ASN F 190 2.95 1.42 -36.15
CA ASN F 190 2.79 2.31 -37.30
C ASN F 190 1.60 1.82 -38.12
N CYS F 191 0.60 2.69 -38.30
CA CYS F 191 -0.59 2.35 -39.05
C CYS F 191 -0.94 3.49 -39.98
N CYS F 192 -1.39 3.15 -41.18
CA CYS F 192 -1.72 4.13 -42.20
C CYS F 192 -3.22 4.34 -42.27
N TRP F 193 -3.63 5.61 -42.38
CA TRP F 193 -5.02 6.01 -42.45
C TRP F 193 -5.31 6.66 -43.80
N PRO F 194 -6.53 6.45 -44.35
CA PRO F 194 -6.89 7.11 -45.61
C PRO F 194 -7.23 8.58 -45.43
#